data_8F6Q
#
_entry.id   8F6Q
#
_cell.length_a   1.00
_cell.length_b   1.00
_cell.length_c   1.00
_cell.angle_alpha   90.00
_cell.angle_beta   90.00
_cell.angle_gamma   90.00
#
_symmetry.space_group_name_H-M   'P 1'
#
_entity_poly.entity_id   1
_entity_poly.type   'polypeptide(L)'
_entity_poly.pdbx_seq_one_letter_code
;MGPEEILERAKESLERAREASERGDEEEFRKAAEKALELAKRLVEQAKKEGDPELVLEAARVALWVAELAAKNGDKEVFK
KAAESALEVAKRLVEVASKEGDPDLVAWAALVALWVAFLAFLNGDKEVFKKAAESALEVAKALMEVAMKVGAPWLVELAI
AVARAVWLLAELFGDEEVRRRAEAFEIILRIAAIAVKAWLGGGGSLEHHHHHH
;
_entity_poly.pdbx_strand_id   A,B,C,D,E,F,G,H
#
# COMPACT_ATOMS: atom_id res chain seq x y z
N PRO A 3 5.11 24.95 -52.01
CA PRO A 3 5.48 24.56 -50.64
C PRO A 3 6.80 23.79 -50.59
N GLU A 4 7.09 23.00 -51.62
CA GLU A 4 8.29 22.19 -51.63
C GLU A 4 9.55 23.05 -51.69
N GLU A 5 9.63 23.93 -52.69
CA GLU A 5 10.77 24.85 -52.77
C GLU A 5 10.82 25.74 -51.53
N ILE A 6 9.65 26.17 -51.03
CA ILE A 6 9.59 26.95 -49.81
C ILE A 6 10.17 26.16 -48.65
N LEU A 7 9.78 24.89 -48.53
CA LEU A 7 10.29 24.05 -47.45
C LEU A 7 11.80 23.90 -47.54
N GLU A 8 12.32 23.67 -48.74
CA GLU A 8 13.76 23.48 -48.90
C GLU A 8 14.52 24.77 -48.57
N ARG A 9 14.00 25.91 -49.00
CA ARG A 9 14.65 27.18 -48.68
C ARG A 9 14.64 27.43 -47.19
N ALA A 10 13.52 27.13 -46.53
CA ALA A 10 13.46 27.30 -45.08
C ALA A 10 14.45 26.38 -44.38
N LYS A 11 14.57 25.14 -44.85
CA LYS A 11 15.53 24.21 -44.26
C LYS A 11 16.95 24.71 -44.43
N GLU A 12 17.29 25.21 -45.62
CA GLU A 12 18.65 25.71 -45.85
C GLU A 12 18.92 26.93 -44.98
N SER A 13 17.92 27.80 -44.80
CA SER A 13 18.10 28.93 -43.91
C SER A 13 18.31 28.49 -42.47
N LEU A 14 17.61 27.42 -42.06
CA LEU A 14 17.84 26.87 -40.73
C LEU A 14 19.26 26.34 -40.60
N GLU A 15 19.78 25.71 -41.65
CA GLU A 15 21.17 25.27 -41.62
C GLU A 15 22.12 26.45 -41.49
N ARG A 16 21.86 27.51 -42.24
CA ARG A 16 22.65 28.74 -42.09
C ARG A 16 22.63 29.23 -40.66
N ALA A 17 21.45 29.23 -40.04
CA ALA A 17 21.33 29.73 -38.67
C ALA A 17 22.10 28.85 -37.69
N ARG A 18 22.03 27.53 -37.87
CA ARG A 18 22.77 26.62 -36.99
C ARG A 18 24.27 26.84 -37.12
N GLU A 19 24.76 26.96 -38.35
CA GLU A 19 26.18 27.21 -38.57
C GLU A 19 26.59 28.55 -37.97
N ALA A 20 25.74 29.57 -38.11
CA ALA A 20 26.05 30.88 -37.55
C ALA A 20 26.04 30.84 -36.03
N SER A 21 25.21 30.00 -35.43
CA SER A 21 25.19 29.86 -33.98
C SER A 21 26.43 29.14 -33.49
N GLU A 22 26.88 28.11 -34.20
CA GLU A 22 28.11 27.43 -33.81
C GLU A 22 29.32 28.34 -33.99
N ARG A 23 29.38 29.07 -35.11
CA ARG A 23 30.50 29.98 -35.33
C ARG A 23 30.39 31.22 -34.44
N GLY A 24 29.16 31.61 -34.09
CA GLY A 24 28.97 32.75 -33.21
C GLY A 24 28.60 34.04 -33.93
N ASP A 25 27.70 33.95 -34.90
CA ASP A 25 27.25 35.13 -35.63
C ASP A 25 25.98 35.70 -35.01
N GLU A 26 25.72 36.96 -35.30
CA GLU A 26 24.47 37.62 -34.93
C GLU A 26 23.68 38.11 -36.13
N GLU A 27 24.34 38.85 -37.03
CA GLU A 27 23.63 39.40 -38.19
C GLU A 27 23.06 38.28 -39.05
N GLU A 28 23.92 37.37 -39.51
CA GLU A 28 23.44 36.21 -40.26
C GLU A 28 22.51 35.37 -39.40
N PHE A 29 22.78 35.27 -38.10
CA PHE A 29 21.92 34.52 -37.21
C PHE A 29 20.48 35.02 -37.29
N ARG A 30 20.27 36.28 -36.90
CA ARG A 30 18.92 36.85 -36.89
C ARG A 30 18.33 36.90 -38.30
N LYS A 31 19.17 37.16 -39.31
CA LYS A 31 18.66 37.26 -40.66
C LYS A 31 18.10 35.94 -41.15
N ALA A 32 18.90 34.87 -41.05
CA ALA A 32 18.40 33.56 -41.45
C ALA A 32 17.24 33.12 -40.58
N ALA A 33 17.26 33.49 -39.30
CA ALA A 33 16.15 33.11 -38.42
C ALA A 33 14.84 33.74 -38.88
N GLU A 34 14.83 35.07 -39.05
CA GLU A 34 13.60 35.74 -39.44
C GLU A 34 13.19 35.35 -40.85
N LYS A 35 14.16 35.05 -41.72
CA LYS A 35 13.82 34.53 -43.03
C LYS A 35 13.13 33.18 -42.91
N ALA A 36 13.61 32.33 -42.00
CA ALA A 36 12.98 31.02 -41.79
C ALA A 36 11.55 31.20 -41.27
N LEU A 37 11.36 32.14 -40.36
CA LEU A 37 10.01 32.35 -39.82
C LEU A 37 9.07 32.92 -40.88
N GLU A 38 9.56 33.86 -41.68
CA GLU A 38 8.77 34.39 -42.77
C GLU A 38 8.40 33.30 -43.77
N LEU A 39 9.36 32.43 -44.09
CA LEU A 39 9.09 31.34 -45.02
C LEU A 39 8.11 30.33 -44.43
N ALA A 40 8.21 30.08 -43.11
CA ALA A 40 7.29 29.17 -42.47
C ALA A 40 5.87 29.74 -42.46
N LYS A 41 5.73 31.04 -42.23
CA LYS A 41 4.41 31.66 -42.28
C LYS A 41 3.85 31.62 -43.70
N ARG A 42 4.70 31.88 -44.69
CA ARG A 42 4.30 31.73 -46.08
C ARG A 42 3.84 30.31 -46.37
N LEU A 43 4.52 29.32 -45.78
CA LEU A 43 4.15 27.93 -46.00
C LEU A 43 2.82 27.61 -45.32
N VAL A 44 2.58 28.20 -44.16
CA VAL A 44 1.29 28.06 -43.50
C VAL A 44 0.18 28.64 -44.38
N GLU A 45 0.44 29.81 -44.97
CA GLU A 45 -0.50 30.38 -45.93
C GLU A 45 -0.78 29.41 -47.07
N GLN A 46 0.28 28.87 -47.66
CA GLN A 46 0.14 27.93 -48.76
C GLN A 46 -0.67 26.70 -48.35
N ALA A 47 -0.50 26.25 -47.11
CA ALA A 47 -1.20 25.07 -46.64
C ALA A 47 -2.71 25.27 -46.67
N LYS A 48 -3.18 26.42 -46.17
CA LYS A 48 -4.61 26.67 -46.16
C LYS A 48 -5.13 26.98 -47.55
N LYS A 49 -4.35 27.71 -48.36
CA LYS A 49 -4.80 28.02 -49.71
C LYS A 49 -4.87 26.76 -50.57
N GLU A 50 -4.13 25.72 -50.20
CA GLU A 50 -4.15 24.47 -50.94
C GLU A 50 -4.54 23.28 -50.08
N GLY A 51 -5.18 23.53 -48.94
CA GLY A 51 -5.79 22.47 -48.15
C GLY A 51 -4.87 21.32 -47.78
N ASP A 52 -3.69 21.63 -47.22
CA ASP A 52 -2.75 20.61 -46.82
C ASP A 52 -2.44 20.75 -45.33
N PRO A 53 -2.89 19.82 -44.49
CA PRO A 53 -2.59 19.95 -43.06
C PRO A 53 -1.14 19.66 -42.71
N GLU A 54 -0.52 18.68 -43.36
CA GLU A 54 0.83 18.28 -43.00
C GLU A 54 1.81 19.42 -43.14
N LEU A 55 1.57 20.31 -44.11
CA LEU A 55 2.41 21.48 -44.27
C LEU A 55 2.42 22.33 -43.00
N VAL A 56 1.27 22.46 -42.35
CA VAL A 56 1.21 23.22 -41.10
C VAL A 56 2.10 22.59 -40.06
N LEU A 57 2.04 21.26 -39.94
CA LEU A 57 2.88 20.57 -38.96
C LEU A 57 4.35 20.77 -39.26
N GLU A 58 4.73 20.72 -40.53
CA GLU A 58 6.14 20.90 -40.87
C GLU A 58 6.60 22.32 -40.59
N ALA A 59 5.75 23.31 -40.89
CA ALA A 59 6.08 24.68 -40.54
C ALA A 59 6.25 24.82 -39.03
N ALA A 60 5.42 24.13 -38.26
CA ALA A 60 5.55 24.16 -36.80
C ALA A 60 6.88 23.58 -36.38
N ARG A 61 7.27 22.47 -37.00
CA ARG A 61 8.53 21.82 -36.67
C ARG A 61 9.71 22.74 -36.99
N VAL A 62 9.62 23.43 -38.13
CA VAL A 62 10.67 24.35 -38.53
C VAL A 62 10.78 25.48 -37.52
N ALA A 63 9.63 25.98 -37.08
CA ALA A 63 9.58 27.06 -36.10
C ALA A 63 10.18 26.58 -34.78
N LEU A 64 9.85 25.35 -34.41
CA LEU A 64 10.36 24.76 -33.17
C LEU A 64 11.87 24.65 -33.20
N TRP A 65 12.41 24.25 -34.36
CA TRP A 65 13.85 24.12 -34.52
C TRP A 65 14.53 25.46 -34.33
N VAL A 66 13.93 26.51 -34.88
CA VAL A 66 14.48 27.86 -34.76
C VAL A 66 14.47 28.29 -33.31
N ALA A 67 13.39 27.97 -32.60
CA ALA A 67 13.25 28.30 -31.20
C ALA A 67 14.31 27.59 -30.37
N GLU A 68 14.55 26.33 -30.67
CA GLU A 68 15.50 25.60 -29.86
C GLU A 68 16.86 26.25 -30.01
N LEU A 69 17.15 26.65 -31.22
CA LEU A 69 18.43 27.27 -31.52
C LEU A 69 18.61 28.55 -30.79
N ALA A 70 17.55 29.33 -30.67
CA ALA A 70 17.68 30.54 -29.94
C ALA A 70 18.07 30.25 -28.50
N ALA A 71 17.43 29.28 -27.88
CA ALA A 71 17.77 28.96 -26.51
C ALA A 71 19.20 28.52 -26.40
N LYS A 72 19.69 27.70 -27.33
CA LYS A 72 21.11 27.34 -27.19
C LYS A 72 21.91 28.62 -27.36
N ASN A 73 21.54 29.38 -28.37
CA ASN A 73 22.19 30.66 -28.57
C ASN A 73 21.91 31.67 -27.46
N GLY A 74 20.65 31.72 -27.02
CA GLY A 74 20.25 32.66 -25.99
C GLY A 74 19.75 34.01 -26.47
N ASP A 75 19.72 34.22 -27.78
CA ASP A 75 19.24 35.48 -28.34
C ASP A 75 17.74 35.58 -28.12
N LYS A 76 17.34 36.33 -27.10
CA LYS A 76 15.93 36.36 -26.71
C LYS A 76 15.10 37.14 -27.72
N GLU A 77 15.68 38.19 -28.32
CA GLU A 77 14.91 39.07 -29.20
C GLU A 77 14.32 38.30 -30.38
N VAL A 78 15.01 37.26 -30.83
CA VAL A 78 14.47 36.43 -31.90
C VAL A 78 13.67 35.27 -31.32
N PHE A 79 14.04 34.83 -30.11
CA PHE A 79 13.35 33.70 -29.48
C PHE A 79 11.89 34.01 -29.23
N LYS A 80 11.60 35.24 -28.79
CA LYS A 80 10.22 35.61 -28.53
C LYS A 80 9.40 35.59 -29.81
N LYS A 81 9.95 36.13 -30.90
CA LYS A 81 9.25 36.10 -32.17
C LYS A 81 9.02 34.66 -32.62
N ALA A 82 10.02 33.80 -32.44
CA ALA A 82 9.88 32.42 -32.84
C ALA A 82 8.79 31.72 -32.04
N ALA A 83 8.75 31.95 -30.73
CA ALA A 83 7.72 31.32 -29.91
C ALA A 83 6.33 31.85 -30.26
N GLU A 84 6.22 33.15 -30.52
CA GLU A 84 4.95 33.70 -30.94
C GLU A 84 4.47 33.03 -32.23
N SER A 85 5.39 32.89 -33.20
CA SER A 85 5.05 32.20 -34.43
C SER A 85 4.63 30.76 -34.17
N ALA A 86 5.35 30.06 -33.30
CA ALA A 86 5.04 28.66 -33.04
C ALA A 86 3.67 28.51 -32.40
N LEU A 87 3.35 29.36 -31.44
CA LEU A 87 2.03 29.29 -30.82
C LEU A 87 0.93 29.64 -31.82
N GLU A 88 1.18 30.62 -32.70
CA GLU A 88 0.17 30.95 -33.70
C GLU A 88 -0.05 29.79 -34.65
N VAL A 89 1.03 29.11 -35.05
CA VAL A 89 0.90 27.94 -35.90
C VAL A 89 0.15 26.84 -35.18
N ALA A 90 0.38 26.70 -33.88
CA ALA A 90 -0.37 25.73 -33.10
C ALA A 90 -1.86 26.06 -33.10
N LYS A 91 -2.20 27.33 -32.94
CA LYS A 91 -3.60 27.74 -32.99
C LYS A 91 -4.22 27.42 -34.34
N ARG A 92 -3.49 27.73 -35.41
CA ARG A 92 -3.98 27.41 -36.75
C ARG A 92 -4.17 25.91 -36.92
N LEU A 93 -3.27 25.11 -36.35
CA LEU A 93 -3.40 23.67 -36.42
C LEU A 93 -4.65 23.20 -35.71
N VAL A 94 -4.90 23.73 -34.52
CA VAL A 94 -6.14 23.42 -33.80
C VAL A 94 -7.35 23.78 -34.65
N GLU A 95 -7.32 24.96 -35.28
CA GLU A 95 -8.46 25.41 -36.07
C GLU A 95 -8.74 24.44 -37.22
N VAL A 96 -7.71 24.14 -38.02
CA VAL A 96 -7.91 23.27 -39.17
C VAL A 96 -8.28 21.85 -38.73
N ALA A 97 -7.76 21.39 -37.59
CA ALA A 97 -8.09 20.05 -37.13
C ALA A 97 -9.54 19.96 -36.70
N SER A 98 -10.01 20.92 -35.89
CA SER A 98 -11.41 20.95 -35.52
C SER A 98 -12.29 21.14 -36.76
N LYS A 99 -11.79 21.82 -37.77
CA LYS A 99 -12.54 21.97 -39.02
C LYS A 99 -12.71 20.63 -39.71
N GLU A 100 -11.61 19.87 -39.86
CA GLU A 100 -11.67 18.63 -40.60
C GLU A 100 -12.10 17.45 -39.73
N GLY A 101 -11.68 17.42 -38.47
CA GLY A 101 -11.94 16.27 -37.63
C GLY A 101 -10.83 15.24 -37.72
N ASP A 102 -9.60 15.67 -37.46
CA ASP A 102 -8.43 14.79 -37.52
C ASP A 102 -7.70 14.87 -36.19
N PRO A 103 -7.68 13.79 -35.41
CA PRO A 103 -7.10 13.85 -34.07
C PRO A 103 -5.61 14.15 -34.03
N ASP A 104 -4.83 13.45 -34.86
CA ASP A 104 -3.37 13.54 -34.80
C ASP A 104 -2.90 14.99 -34.83
N LEU A 105 -3.57 15.83 -35.61
CA LEU A 105 -3.19 17.23 -35.69
C LEU A 105 -3.34 17.91 -34.33
N VAL A 106 -4.39 17.58 -33.58
CA VAL A 106 -4.58 18.20 -32.28
C VAL A 106 -3.48 17.79 -31.33
N ALA A 107 -3.13 16.50 -31.32
CA ALA A 107 -2.05 16.03 -30.46
C ALA A 107 -0.74 16.72 -30.82
N TRP A 108 -0.47 16.90 -32.10
CA TRP A 108 0.74 17.60 -32.50
C TRP A 108 0.70 19.05 -32.04
N ALA A 109 -0.48 19.67 -32.06
CA ALA A 109 -0.60 21.03 -31.56
C ALA A 109 -0.25 21.08 -30.07
N ALA A 110 -0.79 20.14 -29.30
CA ALA A 110 -0.50 20.09 -27.87
C ALA A 110 0.99 19.92 -27.62
N LEU A 111 1.63 19.03 -28.39
CA LEU A 111 3.06 18.83 -28.21
C LEU A 111 3.85 20.06 -28.58
N VAL A 112 3.44 20.78 -29.63
CA VAL A 112 4.12 22.01 -30.00
C VAL A 112 4.01 23.04 -28.89
N ALA A 113 2.81 23.20 -28.35
CA ALA A 113 2.63 24.15 -27.25
C ALA A 113 3.51 23.79 -26.06
N LEU A 114 3.47 22.52 -25.67
CA LEU A 114 4.30 22.10 -24.54
C LEU A 114 5.77 22.27 -24.83
N TRP A 115 6.20 22.11 -26.08
CA TRP A 115 7.62 22.25 -26.37
C TRP A 115 8.04 23.71 -26.32
N VAL A 116 7.19 24.61 -26.79
CA VAL A 116 7.46 26.03 -26.60
C VAL A 116 7.58 26.34 -25.12
N ALA A 117 6.68 25.76 -24.32
CA ALA A 117 6.75 25.95 -22.87
C ALA A 117 8.07 25.46 -22.31
N PHE A 118 8.51 24.29 -22.75
CA PHE A 118 9.75 23.72 -22.23
C PHE A 118 10.95 24.57 -22.62
N LEU A 119 10.95 25.08 -23.85
CA LEU A 119 12.03 25.96 -24.28
C LEU A 119 12.05 27.22 -23.43
N ALA A 120 10.88 27.78 -23.13
CA ALA A 120 10.81 28.93 -22.24
C ALA A 120 11.39 28.58 -20.87
N PHE A 121 10.98 27.43 -20.33
CA PHE A 121 11.48 27.00 -19.02
C PHE A 121 12.99 26.86 -19.04
N LEU A 122 13.54 26.40 -20.15
CA LEU A 122 14.99 26.31 -20.29
C LEU A 122 15.62 27.70 -20.26
N ASN A 123 15.18 28.58 -21.15
CA ASN A 123 15.76 29.92 -21.22
C ASN A 123 15.38 30.76 -20.02
N GLY A 124 14.23 30.51 -19.40
CA GLY A 124 13.79 31.32 -18.28
C GLY A 124 13.18 32.64 -18.71
N ASP A 125 12.07 32.57 -19.45
CA ASP A 125 11.34 33.75 -19.89
C ASP A 125 9.89 33.57 -19.45
N LYS A 126 9.56 34.11 -18.28
CA LYS A 126 8.27 33.85 -17.67
C LYS A 126 7.11 34.33 -18.55
N GLU A 127 7.32 35.40 -19.31
CA GLU A 127 6.25 35.93 -20.16
C GLU A 127 5.81 34.91 -21.19
N VAL A 128 6.74 34.49 -22.05
CA VAL A 128 6.39 33.51 -23.07
C VAL A 128 5.97 32.20 -22.42
N PHE A 129 6.47 31.92 -21.22
CA PHE A 129 6.01 30.73 -20.51
C PHE A 129 4.52 30.80 -20.24
N LYS A 130 4.05 31.95 -19.77
CA LYS A 130 2.61 32.11 -19.54
C LYS A 130 1.83 32.00 -20.84
N LYS A 131 2.33 32.63 -21.92
CA LYS A 131 1.65 32.50 -23.20
C LYS A 131 1.56 31.04 -23.62
N ALA A 132 2.64 30.29 -23.45
CA ALA A 132 2.65 28.89 -23.84
C ALA A 132 1.68 28.08 -23.01
N ALA A 133 1.66 28.29 -21.69
CA ALA A 133 0.75 27.53 -20.86
C ALA A 133 -0.69 27.82 -21.20
N GLU A 134 -1.02 29.09 -21.48
CA GLU A 134 -2.38 29.43 -21.88
C GLU A 134 -2.74 28.72 -23.18
N SER A 135 -1.84 28.77 -24.16
CA SER A 135 -2.11 28.09 -25.42
C SER A 135 -2.29 26.59 -25.21
N ALA A 136 -1.51 26.01 -24.30
CA ALA A 136 -1.61 24.58 -24.05
C ALA A 136 -2.95 24.21 -23.44
N LEU A 137 -3.41 25.00 -22.47
CA LEU A 137 -4.71 24.72 -21.87
C LEU A 137 -5.82 24.89 -22.90
N GLU A 138 -5.70 25.90 -23.77
CA GLU A 138 -6.68 26.05 -24.85
C GLU A 138 -6.67 24.82 -25.76
N VAL A 139 -5.48 24.30 -26.04
CA VAL A 139 -5.39 23.11 -26.87
C VAL A 139 -6.02 21.92 -26.16
N ALA A 140 -5.88 21.85 -24.84
CA ALA A 140 -6.54 20.79 -24.09
C ALA A 140 -8.06 20.89 -24.21
N LYS A 141 -8.58 22.11 -24.11
CA LYS A 141 -10.00 22.33 -24.36
C LYS A 141 -10.42 21.76 -25.70
N ALA A 142 -9.77 22.22 -26.77
CA ALA A 142 -10.15 21.78 -28.10
C ALA A 142 -9.92 20.29 -28.28
N LEU A 143 -8.98 19.73 -27.53
CA LEU A 143 -8.70 18.30 -27.63
C LEU A 143 -9.86 17.49 -27.05
N MET A 144 -10.33 17.88 -25.87
CA MET A 144 -11.51 17.22 -25.32
C MET A 144 -12.70 17.40 -26.26
N GLU A 145 -12.84 18.57 -26.84
CA GLU A 145 -13.96 18.78 -27.73
C GLU A 145 -13.89 17.86 -28.91
N VAL A 146 -12.72 17.73 -29.52
CA VAL A 146 -12.65 16.86 -30.67
C VAL A 146 -12.91 15.42 -30.23
N ALA A 147 -12.26 15.00 -29.16
CA ALA A 147 -12.52 13.66 -28.65
C ALA A 147 -14.00 13.37 -28.56
N MET A 148 -14.77 14.31 -28.01
CA MET A 148 -16.21 14.14 -27.99
C MET A 148 -16.78 14.04 -29.40
N LYS A 149 -16.15 14.72 -30.35
CA LYS A 149 -16.73 14.79 -31.70
C LYS A 149 -16.45 13.53 -32.51
N VAL A 150 -15.22 13.02 -32.48
CA VAL A 150 -14.79 12.03 -33.45
C VAL A 150 -14.34 10.75 -32.74
N GLY A 151 -14.91 10.47 -31.57
CA GLY A 151 -14.51 9.27 -30.85
C GLY A 151 -13.09 9.37 -30.36
N ALA A 152 -12.30 8.33 -30.62
CA ALA A 152 -10.89 8.30 -30.23
C ALA A 152 -10.71 8.60 -28.75
N PRO A 153 -11.05 7.65 -27.87
CA PRO A 153 -10.97 7.93 -26.43
C PRO A 153 -9.60 8.37 -25.95
N TRP A 154 -8.51 7.92 -26.58
CA TRP A 154 -7.18 8.26 -26.09
C TRP A 154 -6.95 9.77 -26.06
N LEU A 155 -7.69 10.53 -26.86
CA LEU A 155 -7.58 11.99 -26.77
C LEU A 155 -7.92 12.48 -25.38
N VAL A 156 -8.85 11.81 -24.70
CA VAL A 156 -9.22 12.22 -23.35
C VAL A 156 -8.03 12.10 -22.42
N GLU A 157 -7.39 10.93 -22.42
CA GLU A 157 -6.22 10.70 -21.58
C GLU A 157 -5.11 11.68 -21.94
N LEU A 158 -4.93 11.96 -23.23
CA LEU A 158 -3.90 12.91 -23.62
C LEU A 158 -4.21 14.30 -23.08
N ALA A 159 -5.48 14.70 -23.10
CA ALA A 159 -5.83 16.03 -22.60
C ALA A 159 -5.57 16.15 -21.11
N ILE A 160 -6.02 15.16 -20.34
CA ILE A 160 -5.76 15.18 -18.91
C ILE A 160 -4.27 15.21 -18.63
N ALA A 161 -3.49 14.43 -19.40
CA ALA A 161 -2.06 14.40 -19.18
C ALA A 161 -1.41 15.73 -19.54
N VAL A 162 -1.92 16.40 -20.57
CA VAL A 162 -1.38 17.71 -20.91
C VAL A 162 -1.67 18.71 -19.80
N ALA A 163 -2.85 18.64 -19.20
CA ALA A 163 -3.15 19.50 -18.06
C ALA A 163 -2.18 19.23 -16.92
N ARG A 164 -1.98 17.95 -16.60
CA ARG A 164 -1.04 17.62 -15.52
C ARG A 164 0.36 18.10 -15.84
N ALA A 165 0.75 18.04 -17.11
CA ALA A 165 2.09 18.47 -17.49
C ALA A 165 2.23 19.98 -17.35
N VAL A 166 1.22 20.73 -17.76
CA VAL A 166 1.27 22.17 -17.58
C VAL A 166 1.38 22.50 -16.10
N TRP A 167 0.62 21.79 -15.27
CA TRP A 167 0.70 22.04 -13.84
C TRP A 167 2.11 21.79 -13.31
N LEU A 168 2.69 20.64 -13.67
CA LEU A 168 4.01 20.32 -13.14
C LEU A 168 5.07 21.29 -13.65
N LEU A 169 4.97 21.72 -14.90
CA LEU A 169 5.93 22.68 -15.42
C LEU A 169 5.81 24.00 -14.67
N ALA A 170 4.60 24.47 -14.45
CA ALA A 170 4.43 25.67 -13.63
C ALA A 170 4.98 25.45 -12.22
N GLU A 171 4.89 24.22 -11.73
CA GLU A 171 5.43 23.92 -10.41
C GLU A 171 6.93 24.13 -10.36
N LEU A 172 7.65 23.56 -11.33
CA LEU A 172 9.11 23.72 -11.35
C LEU A 172 9.51 25.17 -11.56
N PHE A 173 8.86 25.86 -12.50
CA PHE A 173 9.25 27.23 -12.79
C PHE A 173 8.84 28.16 -11.65
N GLY A 174 7.58 28.11 -11.25
CA GLY A 174 7.14 28.86 -10.08
C GLY A 174 5.99 29.82 -10.31
N ASP A 175 5.48 29.89 -11.54
CA ASP A 175 4.40 30.82 -11.87
C ASP A 175 3.10 30.31 -11.26
N GLU A 176 2.90 30.66 -9.98
CA GLU A 176 1.77 30.11 -9.24
C GLU A 176 0.44 30.43 -9.89
N GLU A 177 0.33 31.58 -10.56
CA GLU A 177 -0.90 31.88 -11.28
C GLU A 177 -1.19 30.81 -12.33
N VAL A 178 -0.21 30.55 -13.20
CA VAL A 178 -0.36 29.50 -14.20
C VAL A 178 -0.64 28.17 -13.52
N ARG A 179 0.03 27.90 -12.40
CA ARG A 179 -0.20 26.65 -11.70
C ARG A 179 -1.64 26.55 -11.22
N ARG A 180 -2.21 27.63 -10.70
CA ARG A 180 -3.59 27.59 -10.25
C ARG A 180 -4.54 27.38 -11.42
N ARG A 181 -4.32 28.10 -12.51
CA ARG A 181 -5.11 27.86 -13.72
C ARG A 181 -5.07 26.39 -14.10
N ALA A 182 -3.87 25.81 -14.11
CA ALA A 182 -3.72 24.44 -14.56
C ALA A 182 -4.41 23.46 -13.62
N GLU A 183 -4.31 23.68 -12.31
CA GLU A 183 -4.95 22.77 -11.38
C GLU A 183 -6.45 22.81 -11.53
N ALA A 184 -7.02 24.01 -11.56
CA ALA A 184 -8.47 24.12 -11.76
C ALA A 184 -8.88 23.48 -13.08
N PHE A 185 -8.06 23.66 -14.11
CA PHE A 185 -8.40 23.09 -15.40
C PHE A 185 -8.34 21.58 -15.37
N GLU A 186 -7.40 21.01 -14.63
CA GLU A 186 -7.34 19.56 -14.50
C GLU A 186 -8.57 19.02 -13.81
N ILE A 187 -9.05 19.72 -12.78
CA ILE A 187 -10.26 19.27 -12.09
C ILE A 187 -11.44 19.26 -13.05
N ILE A 188 -11.70 20.41 -13.68
CA ILE A 188 -12.87 20.47 -14.55
C ILE A 188 -12.71 19.54 -15.74
N LEU A 189 -11.47 19.25 -16.15
CA LEU A 189 -11.27 18.33 -17.24
C LEU A 189 -11.47 16.89 -16.81
N ARG A 190 -11.17 16.55 -15.56
CA ARG A 190 -11.53 15.21 -15.10
C ARG A 190 -13.04 15.02 -15.16
N ILE A 191 -13.79 16.05 -14.79
CA ILE A 191 -15.25 15.93 -14.89
C ILE A 191 -15.68 15.74 -16.34
N ALA A 192 -15.25 16.65 -17.22
CA ALA A 192 -15.60 16.53 -18.62
C ALA A 192 -15.14 15.19 -19.19
N ALA A 193 -14.06 14.65 -18.67
CA ALA A 193 -13.54 13.38 -19.16
C ALA A 193 -14.46 12.24 -18.79
N ILE A 194 -14.95 12.23 -17.56
CA ILE A 194 -15.91 11.19 -17.19
C ILE A 194 -17.15 11.30 -18.06
N ALA A 195 -17.56 12.53 -18.36
CA ALA A 195 -18.75 12.73 -19.19
C ALA A 195 -18.53 12.17 -20.59
N VAL A 196 -17.41 12.52 -21.21
CA VAL A 196 -17.16 12.11 -22.60
C VAL A 196 -16.93 10.61 -22.69
N LYS A 197 -16.21 10.04 -21.71
CA LYS A 197 -16.01 8.60 -21.71
C LYS A 197 -17.35 7.88 -21.63
N ALA A 198 -18.26 8.34 -20.76
CA ALA A 198 -19.56 7.70 -20.69
C ALA A 198 -20.33 7.87 -21.99
N TRP A 199 -20.26 9.06 -22.59
CA TRP A 199 -20.95 9.31 -23.85
C TRP A 199 -20.50 8.33 -24.92
N LEU A 200 -19.20 8.25 -25.17
CA LEU A 200 -18.71 7.45 -26.29
C LEU A 200 -18.72 5.96 -25.95
N GLY A 201 -17.96 5.56 -24.94
CA GLY A 201 -17.79 4.15 -24.64
C GLY A 201 -19.05 3.45 -24.18
N PRO B 3 -34.59 30.49 -35.14
CA PRO B 3 -33.41 30.16 -34.34
C PRO B 3 -32.12 30.15 -35.17
N GLU B 4 -32.23 29.76 -36.44
CA GLU B 4 -31.05 29.67 -37.29
C GLU B 4 -30.45 31.04 -37.56
N GLU B 5 -31.26 31.97 -38.09
CA GLU B 5 -30.79 33.34 -38.29
C GLU B 5 -30.36 33.96 -36.97
N ILE B 6 -31.10 33.68 -35.90
CA ILE B 6 -30.71 34.16 -34.57
C ILE B 6 -29.34 33.63 -34.19
N LEU B 7 -29.12 32.33 -34.42
CA LEU B 7 -27.84 31.73 -34.07
C LEU B 7 -26.71 32.36 -34.87
N GLU B 8 -26.93 32.58 -36.18
CA GLU B 8 -25.88 33.16 -37.00
C GLU B 8 -25.58 34.59 -36.59
N ARG B 9 -26.61 35.38 -36.28
CA ARG B 9 -26.38 36.75 -35.83
C ARG B 9 -25.63 36.77 -34.51
N ALA B 10 -25.98 35.86 -33.59
CA ALA B 10 -25.26 35.79 -32.32
C ALA B 10 -23.80 35.40 -32.54
N LYS B 11 -23.56 34.46 -33.45
CA LYS B 11 -22.18 34.07 -33.74
C LYS B 11 -21.39 35.24 -34.33
N GLU B 12 -21.98 35.99 -35.26
CA GLU B 12 -21.28 37.13 -35.85
C GLU B 12 -21.02 38.20 -34.80
N SER B 13 -21.95 38.41 -33.87
CA SER B 13 -21.71 39.37 -32.79
C SER B 13 -20.58 38.90 -31.90
N LEU B 14 -20.49 37.59 -31.66
CA LEU B 14 -19.38 37.06 -30.90
C LEU B 14 -18.05 37.30 -31.62
N GLU B 15 -18.05 37.16 -32.95
CA GLU B 15 -16.84 37.46 -33.70
C GLU B 15 -16.47 38.94 -33.56
N ARG B 16 -17.47 39.82 -33.66
CA ARG B 16 -17.24 41.24 -33.42
C ARG B 16 -16.59 41.47 -32.07
N ALA B 17 -17.12 40.80 -31.04
CA ALA B 17 -16.60 40.98 -29.68
C ALA B 17 -15.17 40.49 -29.57
N ARG B 18 -14.85 39.35 -30.18
CA ARG B 18 -13.49 38.84 -30.14
C ARG B 18 -12.52 39.79 -30.82
N GLU B 19 -12.91 40.30 -32.00
CA GLU B 19 -12.06 41.25 -32.70
C GLU B 19 -11.88 42.52 -31.89
N ALA B 20 -12.95 42.99 -31.25
CA ALA B 20 -12.86 44.19 -30.42
C ALA B 20 -11.98 43.96 -29.19
N SER B 21 -11.97 42.74 -28.67
CA SER B 21 -11.10 42.43 -27.54
C SER B 21 -9.64 42.38 -27.97
N GLU B 22 -9.36 41.80 -29.14
CA GLU B 22 -7.99 41.78 -29.62
C GLU B 22 -7.51 43.19 -29.96
N ARG B 23 -8.35 43.99 -30.61
CA ARG B 23 -7.97 45.36 -30.94
C ARG B 23 -7.97 46.26 -29.70
N GLY B 24 -8.82 45.94 -28.72
CA GLY B 24 -8.86 46.70 -27.49
C GLY B 24 -9.99 47.71 -27.42
N ASP B 25 -11.19 47.31 -27.83
CA ASP B 25 -12.36 48.18 -27.78
C ASP B 25 -13.15 47.95 -26.50
N GLU B 26 -13.95 48.94 -26.14
CA GLU B 26 -14.89 48.83 -25.04
C GLU B 26 -16.33 49.01 -25.47
N GLU B 27 -16.62 50.09 -26.21
CA GLU B 27 -17.99 50.36 -26.63
C GLU B 27 -18.52 49.23 -27.51
N GLU B 28 -17.82 48.93 -28.61
CA GLU B 28 -18.20 47.80 -29.44
C GLU B 28 -18.12 46.49 -28.65
N PHE B 29 -17.13 46.38 -27.76
CA PHE B 29 -17.00 45.18 -26.93
C PHE B 29 -18.29 44.92 -26.16
N ARG B 30 -18.67 45.85 -25.27
CA ARG B 30 -19.87 45.64 -24.47
C ARG B 30 -21.12 45.58 -25.32
N LYS B 31 -21.16 46.35 -26.41
CA LYS B 31 -22.36 46.36 -27.24
C LYS B 31 -22.59 45.01 -27.90
N ALA B 32 -21.57 44.47 -28.58
CA ALA B 32 -21.70 43.17 -29.18
C ALA B 32 -21.91 42.10 -28.13
N ALA B 33 -21.30 42.25 -26.94
CA ALA B 33 -21.49 41.26 -25.90
C ALA B 33 -22.95 41.21 -25.45
N GLU B 34 -23.52 42.35 -25.08
CA GLU B 34 -24.89 42.36 -24.59
C GLU B 34 -25.86 42.01 -25.70
N LYS B 35 -25.53 42.35 -26.96
CA LYS B 35 -26.35 41.90 -28.06
C LYS B 35 -26.33 40.38 -28.17
N ALA B 36 -25.15 39.77 -27.97
CA ALA B 36 -25.05 38.32 -28.01
C ALA B 36 -25.87 37.69 -26.90
N LEU B 37 -25.83 38.28 -25.71
CA LEU B 37 -26.59 37.72 -24.60
C LEU B 37 -28.08 37.86 -24.83
N GLU B 38 -28.52 39.02 -25.33
CA GLU B 38 -29.91 39.22 -25.66
C GLU B 38 -30.37 38.22 -26.72
N LEU B 39 -29.54 38.00 -27.74
CA LEU B 39 -29.89 37.05 -28.80
C LEU B 39 -29.92 35.63 -28.26
N ALA B 40 -29.01 35.30 -27.34
CA ALA B 40 -29.02 33.96 -26.75
C ALA B 40 -30.25 33.74 -25.90
N LYS B 41 -30.68 34.77 -25.15
CA LYS B 41 -31.91 34.64 -24.38
C LYS B 41 -33.12 34.50 -25.30
N ARG B 42 -33.14 35.28 -26.38
CA ARG B 42 -34.19 35.13 -27.39
C ARG B 42 -34.20 33.71 -27.96
N LEU B 43 -33.02 33.14 -28.16
CA LEU B 43 -32.94 31.79 -28.71
C LEU B 43 -33.41 30.77 -27.69
N VAL B 44 -33.14 31.00 -26.40
CA VAL B 44 -33.67 30.15 -25.35
C VAL B 44 -35.20 30.21 -25.36
N GLU B 45 -35.75 31.41 -25.52
CA GLU B 45 -37.19 31.55 -25.64
C GLU B 45 -37.71 30.72 -26.82
N GLN B 46 -37.08 30.86 -27.98
CA GLN B 46 -37.49 30.13 -29.16
C GLN B 46 -37.43 28.62 -28.94
N ALA B 47 -36.43 28.17 -28.18
CA ALA B 47 -36.27 26.75 -27.94
C ALA B 47 -37.48 26.16 -27.21
N LYS B 48 -37.94 26.85 -26.16
CA LYS B 48 -39.09 26.35 -25.42
C LYS B 48 -40.38 26.53 -26.21
N LYS B 49 -40.51 27.65 -26.93
CA LYS B 49 -41.73 27.86 -27.71
C LYS B 49 -41.83 26.86 -28.85
N GLU B 50 -40.70 26.29 -29.28
CA GLU B 50 -40.70 25.31 -30.35
C GLU B 50 -40.09 23.98 -29.93
N GLY B 51 -40.00 23.72 -28.63
CA GLY B 51 -39.64 22.42 -28.12
C GLY B 51 -38.34 21.85 -28.66
N ASP B 52 -37.26 22.63 -28.62
CA ASP B 52 -35.96 22.17 -29.09
C ASP B 52 -34.94 22.26 -27.96
N PRO B 53 -34.46 21.12 -27.44
CA PRO B 53 -33.48 21.20 -26.36
C PRO B 53 -32.10 21.64 -26.83
N GLU B 54 -31.66 21.18 -28.01
CA GLU B 54 -30.31 21.47 -28.48
C GLU B 54 -30.07 22.97 -28.59
N LEU B 55 -31.11 23.73 -28.92
CA LEU B 55 -30.98 25.18 -28.97
C LEU B 55 -30.54 25.74 -27.63
N VAL B 56 -31.08 25.19 -26.54
CA VAL B 56 -30.68 25.66 -25.22
C VAL B 56 -29.20 25.43 -25.00
N LEU B 57 -28.70 24.25 -25.38
CA LEU B 57 -27.29 23.95 -25.23
C LEU B 57 -26.43 24.90 -26.05
N GLU B 58 -26.86 25.21 -27.27
CA GLU B 58 -26.06 26.11 -28.10
C GLU B 58 -26.07 27.52 -27.54
N ALA B 59 -27.20 27.98 -27.03
CA ALA B 59 -27.24 29.27 -26.36
C ALA B 59 -26.30 29.29 -25.16
N ALA B 60 -26.25 28.18 -24.43
CA ALA B 60 -25.33 28.08 -23.30
C ALA B 60 -23.89 28.21 -23.76
N ARG B 61 -23.57 27.52 -24.85
CA ARG B 61 -22.21 27.55 -25.40
C ARG B 61 -21.85 28.96 -25.83
N VAL B 62 -22.80 29.66 -26.45
CA VAL B 62 -22.57 31.03 -26.89
C VAL B 62 -22.31 31.92 -25.69
N ALA B 63 -23.09 31.72 -24.64
CA ALA B 63 -22.94 32.49 -23.40
C ALA B 63 -21.58 32.21 -22.78
N LEU B 64 -21.17 30.95 -22.80
CA LEU B 64 -19.89 30.53 -22.25
C LEU B 64 -18.74 31.20 -22.99
N TRP B 65 -18.86 31.28 -24.32
CA TRP B 65 -17.84 31.90 -25.13
C TRP B 65 -17.70 33.37 -24.78
N VAL B 66 -18.82 34.04 -24.56
CA VAL B 66 -18.82 35.45 -24.19
C VAL B 66 -18.14 35.63 -22.83
N ALA B 67 -18.43 34.72 -21.91
CA ALA B 67 -17.85 34.77 -20.58
C ALA B 67 -16.34 34.58 -20.66
N GLU B 68 -15.89 33.66 -21.48
CA GLU B 68 -14.47 33.41 -21.53
C GLU B 68 -13.78 34.66 -21.99
N LEU B 69 -14.39 35.30 -22.96
CA LEU B 69 -13.83 36.51 -23.54
C LEU B 69 -13.73 37.61 -22.53
N ALA B 70 -14.70 37.73 -21.66
CA ALA B 70 -14.62 38.75 -20.66
C ALA B 70 -13.42 38.50 -19.79
N ALA B 71 -13.19 37.26 -19.37
CA ALA B 71 -12.04 37.00 -18.54
C ALA B 71 -10.76 37.32 -19.24
N LYS B 72 -10.64 36.98 -20.53
CA LYS B 72 -9.39 37.36 -21.18
C LYS B 72 -9.34 38.87 -21.18
N ASN B 73 -10.45 39.48 -21.55
CA ASN B 73 -10.53 40.92 -21.52
C ASN B 73 -10.46 41.50 -20.11
N GLY B 74 -11.15 40.86 -19.17
CA GLY B 74 -11.20 41.32 -17.79
C GLY B 74 -12.32 42.29 -17.45
N ASP B 75 -13.16 42.63 -18.41
CA ASP B 75 -14.27 43.54 -18.19
C ASP B 75 -15.30 42.85 -17.30
N LYS B 76 -15.28 43.16 -16.01
CA LYS B 76 -16.11 42.43 -15.06
C LYS B 76 -17.59 42.81 -15.21
N GLU B 77 -17.86 44.07 -15.56
CA GLU B 77 -19.24 44.55 -15.59
C GLU B 77 -20.08 43.75 -16.59
N VAL B 78 -19.47 43.27 -17.66
CA VAL B 78 -20.19 42.42 -18.60
C VAL B 78 -20.04 40.95 -18.21
N PHE B 79 -18.92 40.61 -17.56
CA PHE B 79 -18.69 39.22 -17.19
C PHE B 79 -19.74 38.73 -16.21
N LYS B 80 -20.12 39.57 -15.26
CA LYS B 80 -21.14 39.16 -14.29
C LYS B 80 -22.47 38.89 -14.98
N LYS B 81 -22.87 39.78 -15.89
CA LYS B 81 -24.10 39.56 -16.63
C LYS B 81 -24.03 38.28 -17.44
N ALA B 82 -22.88 38.02 -18.06
CA ALA B 82 -22.73 36.81 -18.85
C ALA B 82 -22.85 35.56 -17.98
N ALA B 83 -22.21 35.56 -16.82
CA ALA B 83 -22.29 34.41 -15.94
C ALA B 83 -23.70 34.22 -15.40
N GLU B 84 -24.38 35.31 -15.07
CA GLU B 84 -25.76 35.20 -14.64
C GLU B 84 -26.61 34.55 -15.72
N SER B 85 -26.45 35.01 -16.97
CA SER B 85 -27.14 34.40 -18.09
C SER B 85 -26.81 32.93 -18.23
N ALA B 86 -25.53 32.58 -18.11
CA ALA B 86 -25.13 31.20 -18.30
C ALA B 86 -25.74 30.30 -17.23
N LEU B 87 -25.72 30.74 -15.99
CA LEU B 87 -26.32 29.95 -14.92
C LEU B 87 -27.83 29.82 -15.12
N GLU B 88 -28.49 30.90 -15.56
CA GLU B 88 -29.93 30.82 -15.80
C GLU B 88 -30.23 29.82 -16.92
N VAL B 89 -29.42 29.83 -17.97
CA VAL B 89 -29.59 28.88 -19.06
C VAL B 89 -29.36 27.46 -18.55
N ALA B 90 -28.39 27.29 -17.66
CA ALA B 90 -28.17 25.98 -17.06
C ALA B 90 -29.39 25.52 -16.28
N LYS B 91 -29.99 26.43 -15.52
CA LYS B 91 -31.20 26.07 -14.78
C LYS B 91 -32.32 25.68 -15.73
N ARG B 92 -32.50 26.43 -16.81
CA ARG B 92 -33.52 26.09 -17.80
C ARG B 92 -33.24 24.73 -18.42
N LEU B 93 -31.96 24.43 -18.65
CA LEU B 93 -31.59 23.13 -19.20
C LEU B 93 -31.95 22.01 -18.25
N VAL B 94 -31.65 22.19 -16.96
CA VAL B 94 -32.05 21.21 -15.95
C VAL B 94 -33.56 21.03 -15.98
N GLU B 95 -34.30 22.13 -16.05
CA GLU B 95 -35.76 22.05 -16.02
C GLU B 95 -36.28 21.23 -17.20
N VAL B 96 -35.87 21.59 -18.41
CA VAL B 96 -36.37 20.89 -19.58
C VAL B 96 -35.91 19.44 -19.60
N ALA B 97 -34.71 19.16 -19.08
CA ALA B 97 -34.22 17.78 -19.08
C ALA B 97 -35.03 16.92 -18.12
N SER B 98 -35.23 17.40 -16.89
CA SER B 98 -36.09 16.68 -15.96
C SER B 98 -37.51 16.55 -16.49
N LYS B 99 -37.95 17.53 -17.29
CA LYS B 99 -39.27 17.45 -17.90
C LYS B 99 -39.34 16.30 -18.91
N GLU B 100 -38.34 16.22 -19.79
CA GLU B 100 -38.37 15.21 -20.85
C GLU B 100 -37.79 13.88 -20.40
N GLY B 101 -36.74 13.90 -19.58
CA GLY B 101 -36.04 12.68 -19.23
C GLY B 101 -34.91 12.37 -20.18
N ASP B 102 -34.00 13.32 -20.35
CA ASP B 102 -32.86 13.16 -21.25
C ASP B 102 -31.58 13.41 -20.46
N PRO B 103 -30.74 12.40 -20.25
CA PRO B 103 -29.57 12.57 -19.38
C PRO B 103 -28.54 13.57 -19.91
N ASP B 104 -28.19 13.46 -21.19
CA ASP B 104 -27.11 14.27 -21.75
C ASP B 104 -27.29 15.75 -21.44
N LEU B 105 -28.53 16.23 -21.45
CA LEU B 105 -28.77 17.63 -21.14
C LEU B 105 -28.34 17.96 -19.73
N VAL B 106 -28.59 17.06 -18.78
CA VAL B 106 -28.20 17.33 -17.40
C VAL B 106 -26.69 17.40 -17.27
N ALA B 107 -25.98 16.47 -17.92
CA ALA B 107 -24.52 16.51 -17.87
C ALA B 107 -24.00 17.80 -18.48
N TRP B 108 -24.59 18.24 -19.58
CA TRP B 108 -24.16 19.51 -20.17
C TRP B 108 -24.43 20.67 -19.22
N ALA B 109 -25.54 20.61 -18.49
CA ALA B 109 -25.81 21.64 -17.51
C ALA B 109 -24.73 21.67 -16.43
N ALA B 110 -24.36 20.50 -15.93
CA ALA B 110 -23.31 20.43 -14.91
C ALA B 110 -22.00 21.00 -15.44
N LEU B 111 -21.65 20.65 -16.68
CA LEU B 111 -20.42 21.16 -17.25
C LEU B 111 -20.48 22.67 -17.43
N VAL B 112 -21.63 23.20 -17.81
CA VAL B 112 -21.76 24.66 -17.96
C VAL B 112 -21.57 25.34 -16.62
N ALA B 113 -22.21 24.81 -15.58
CA ALA B 113 -22.05 25.39 -14.26
C ALA B 113 -20.60 25.36 -13.81
N LEU B 114 -19.95 24.20 -13.96
CA LEU B 114 -18.55 24.12 -13.57
C LEU B 114 -17.68 25.05 -14.40
N TRP B 115 -18.02 25.27 -15.67
CA TRP B 115 -17.17 26.14 -16.47
C TRP B 115 -17.34 27.59 -16.06
N VAL B 116 -18.56 28.00 -15.73
CA VAL B 116 -18.74 29.33 -15.15
C VAL B 116 -17.92 29.46 -13.88
N ALA B 117 -17.93 28.41 -13.05
CA ALA B 117 -17.12 28.43 -11.84
C ALA B 117 -15.64 28.60 -12.16
N PHE B 118 -15.15 27.87 -13.16
CA PHE B 118 -13.74 27.94 -13.49
C PHE B 118 -13.38 29.31 -14.03
N LEU B 119 -14.25 29.91 -14.82
CA LEU B 119 -14.00 31.26 -15.31
C LEU B 119 -13.93 32.25 -14.15
N ALA B 120 -14.84 32.09 -13.19
CA ALA B 120 -14.77 32.93 -11.99
C ALA B 120 -13.44 32.75 -11.27
N PHE B 121 -13.03 31.49 -11.08
CA PHE B 121 -11.77 31.20 -10.42
C PHE B 121 -10.61 31.84 -11.15
N LEU B 122 -10.67 31.87 -12.47
CA LEU B 122 -9.64 32.54 -13.25
C LEU B 122 -9.64 34.04 -12.99
N ASN B 123 -10.79 34.68 -13.18
CA ASN B 123 -10.86 36.12 -12.98
C ASN B 123 -10.75 36.51 -11.51
N GLY B 124 -11.17 35.64 -10.60
CA GLY B 124 -11.14 35.96 -9.19
C GLY B 124 -12.29 36.84 -8.77
N ASP B 125 -13.52 36.32 -8.90
CA ASP B 125 -14.73 37.01 -8.48
C ASP B 125 -15.49 36.08 -7.55
N LYS B 126 -15.26 36.23 -6.24
CA LYS B 126 -15.79 35.28 -5.28
C LYS B 126 -17.31 35.23 -5.30
N GLU B 127 -17.96 36.35 -5.60
CA GLU B 127 -19.43 36.37 -5.62
C GLU B 127 -19.98 35.41 -6.65
N VAL B 128 -19.63 35.62 -7.91
CA VAL B 128 -20.14 34.74 -8.96
C VAL B 128 -19.62 33.33 -8.76
N PHE B 129 -18.47 33.18 -8.09
CA PHE B 129 -17.99 31.85 -7.78
C PHE B 129 -18.96 31.12 -6.87
N LYS B 130 -19.46 31.81 -5.84
CA LYS B 130 -20.45 31.21 -4.95
C LYS B 130 -21.73 30.89 -5.71
N LYS B 131 -22.18 31.81 -6.56
CA LYS B 131 -23.38 31.53 -7.35
C LYS B 131 -23.19 30.28 -8.21
N ALA B 132 -22.02 30.16 -8.83
CA ALA B 132 -21.74 29.02 -9.69
C ALA B 132 -21.71 27.72 -8.89
N ALA B 133 -21.05 27.73 -7.74
CA ALA B 133 -20.97 26.52 -6.94
C ALA B 133 -22.36 26.09 -6.48
N GLU B 134 -23.19 27.05 -6.07
CA GLU B 134 -24.55 26.71 -5.67
C GLU B 134 -25.32 26.09 -6.83
N SER B 135 -25.23 26.71 -8.01
CA SER B 135 -25.91 26.14 -9.17
C SER B 135 -25.39 24.76 -9.49
N ALA B 136 -24.09 24.53 -9.31
CA ALA B 136 -23.52 23.22 -9.61
C ALA B 136 -24.04 22.16 -8.66
N LEU B 137 -24.11 22.48 -7.37
CA LEU B 137 -24.64 21.51 -6.42
C LEU B 137 -26.11 21.24 -6.69
N GLU B 138 -26.87 22.26 -7.07
CA GLU B 138 -28.25 22.05 -7.46
C GLU B 138 -28.34 21.11 -8.66
N VAL B 139 -27.44 21.30 -9.61
CA VAL B 139 -27.43 20.43 -10.79
C VAL B 139 -27.08 19.01 -10.38
N ALA B 140 -26.21 18.84 -9.39
CA ALA B 140 -25.90 17.50 -8.90
C ALA B 140 -27.12 16.85 -8.29
N LYS B 141 -27.89 17.63 -7.51
CA LYS B 141 -29.16 17.14 -6.99
C LYS B 141 -30.03 16.60 -8.12
N ALA B 142 -30.33 17.47 -9.09
CA ALA B 142 -31.21 17.07 -10.18
C ALA B 142 -30.62 15.93 -10.99
N LEU B 143 -29.29 15.82 -11.02
CA LEU B 143 -28.64 14.75 -11.76
C LEU B 143 -28.89 13.42 -11.09
N MET B 144 -28.71 13.35 -9.78
CA MET B 144 -29.04 12.13 -9.05
C MET B 144 -30.52 11.80 -9.22
N GLU B 145 -31.37 12.81 -9.19
CA GLU B 145 -32.78 12.54 -9.33
C GLU B 145 -33.08 11.94 -10.68
N VAL B 146 -32.51 12.50 -11.73
CA VAL B 146 -32.80 11.93 -13.03
C VAL B 146 -32.26 10.51 -13.10
N ALA B 147 -31.02 10.34 -12.68
CA ALA B 147 -30.44 9.00 -12.67
C ALA B 147 -31.40 8.00 -12.05
N MET B 148 -31.98 8.35 -10.90
CA MET B 148 -32.98 7.47 -10.31
C MET B 148 -34.17 7.29 -11.24
N LYS B 149 -34.49 8.30 -12.04
CA LYS B 149 -35.70 8.26 -12.84
C LYS B 149 -35.52 7.42 -14.11
N VAL B 150 -34.41 7.60 -14.83
CA VAL B 150 -34.31 7.08 -16.18
C VAL B 150 -33.12 6.12 -16.29
N GLY B 151 -32.78 5.46 -15.20
CA GLY B 151 -31.66 4.53 -15.24
C GLY B 151 -30.35 5.27 -15.44
N ALA B 152 -29.54 4.81 -16.39
CA ALA B 152 -28.27 5.43 -16.71
C ALA B 152 -27.40 5.58 -15.48
N PRO B 153 -26.81 4.50 -14.97
CA PRO B 153 -26.02 4.59 -13.74
C PRO B 153 -24.89 5.60 -13.78
N TRP B 154 -24.28 5.82 -14.95
CA TRP B 154 -23.13 6.72 -15.01
C TRP B 154 -23.47 8.12 -14.52
N LEU B 155 -24.75 8.51 -14.55
CA LEU B 155 -25.12 9.80 -13.98
C LEU B 155 -24.75 9.87 -12.50
N VAL B 156 -24.83 8.75 -11.79
CA VAL B 156 -24.47 8.74 -10.38
C VAL B 156 -23.00 9.11 -10.19
N GLU B 157 -22.13 8.43 -10.92
CA GLU B 157 -20.70 8.72 -10.84
C GLU B 157 -20.42 10.16 -11.25
N LEU B 158 -21.11 10.64 -12.28
CA LEU B 158 -20.91 12.03 -12.69
C LEU B 158 -21.32 12.99 -11.59
N ALA B 159 -22.40 12.71 -10.89
CA ALA B 159 -22.85 13.60 -9.83
C ALA B 159 -21.85 13.64 -8.69
N ILE B 160 -21.39 12.47 -8.24
CA ILE B 160 -20.40 12.44 -7.18
C ILE B 160 -19.14 13.17 -7.61
N ALA B 161 -18.73 12.99 -8.86
CA ALA B 161 -17.52 13.66 -9.34
C ALA B 161 -17.71 15.17 -9.41
N VAL B 162 -18.92 15.63 -9.76
CA VAL B 162 -19.17 17.05 -9.78
C VAL B 162 -19.09 17.62 -8.37
N ALA B 163 -19.61 16.88 -7.39
CA ALA B 163 -19.49 17.33 -6.00
C ALA B 163 -18.02 17.43 -5.60
N ARG B 164 -17.24 16.41 -5.92
CA ARG B 164 -15.81 16.45 -5.59
C ARG B 164 -15.12 17.61 -6.29
N ALA B 165 -15.53 17.91 -7.52
CA ALA B 165 -14.90 19.00 -8.25
C ALA B 165 -15.24 20.34 -7.62
N VAL B 166 -16.49 20.54 -7.23
CA VAL B 166 -16.86 21.77 -6.55
C VAL B 166 -16.04 21.92 -5.28
N TRP B 167 -15.89 20.83 -4.53
CA TRP B 167 -15.10 20.89 -3.31
C TRP B 167 -13.67 21.31 -3.62
N LEU B 168 -13.04 20.67 -4.59
CA LEU B 168 -11.64 20.99 -4.87
C LEU B 168 -11.47 22.42 -5.38
N LEU B 169 -12.41 22.88 -6.20
CA LEU B 169 -12.34 24.26 -6.67
C LEU B 169 -12.46 25.24 -5.52
N ALA B 170 -13.40 25.00 -4.61
CA ALA B 170 -13.47 25.84 -3.43
C ALA B 170 -12.19 25.75 -2.61
N GLU B 171 -11.54 24.59 -2.63
CA GLU B 171 -10.28 24.42 -1.91
C GLU B 171 -9.21 25.35 -2.46
N LEU B 172 -9.03 25.36 -3.79
CA LEU B 172 -8.01 26.22 -4.38
C LEU B 172 -8.34 27.69 -4.17
N PHE B 173 -9.60 28.08 -4.39
CA PHE B 173 -9.95 29.48 -4.27
C PHE B 173 -9.94 29.92 -2.81
N GLY B 174 -10.63 29.20 -1.95
CA GLY B 174 -10.56 29.48 -0.53
C GLY B 174 -11.87 29.75 0.17
N ASP B 175 -12.97 29.70 -0.58
CA ASP B 175 -14.29 30.01 -0.01
C ASP B 175 -14.73 28.84 0.86
N GLU B 176 -14.28 28.87 2.12
CA GLU B 176 -14.49 27.75 3.01
C GLU B 176 -15.97 27.44 3.20
N GLU B 177 -16.84 28.44 3.14
CA GLU B 177 -18.27 28.19 3.22
C GLU B 177 -18.70 27.26 2.09
N VAL B 178 -18.39 27.64 0.85
CA VAL B 178 -18.70 26.79 -0.29
C VAL B 178 -18.06 25.43 -0.14
N ARG B 179 -16.83 25.40 0.38
CA ARG B 179 -16.16 24.11 0.58
C ARG B 179 -16.92 23.24 1.56
N ARG B 180 -17.42 23.82 2.64
CA ARG B 180 -18.17 23.03 3.61
C ARG B 180 -19.48 22.53 3.00
N ARG B 181 -20.19 23.40 2.28
CA ARG B 181 -21.39 22.95 1.57
C ARG B 181 -21.06 21.76 0.68
N ALA B 182 -19.97 21.87 -0.07
CA ALA B 182 -19.63 20.82 -1.03
C ALA B 182 -19.27 19.52 -0.33
N GLU B 183 -18.52 19.59 0.76
CA GLU B 183 -18.14 18.37 1.45
C GLU B 183 -19.37 17.67 2.03
N ALA B 184 -20.24 18.42 2.71
CA ALA B 184 -21.46 17.82 3.23
C ALA B 184 -22.29 17.24 2.10
N PHE B 185 -22.34 17.93 0.97
CA PHE B 185 -23.13 17.44 -0.15
C PHE B 185 -22.53 16.17 -0.73
N GLU B 186 -21.21 16.06 -0.75
CA GLU B 186 -20.59 14.82 -1.24
C GLU B 186 -20.92 13.66 -0.33
N ILE B 187 -20.93 13.90 0.98
CA ILE B 187 -21.28 12.81 1.90
C ILE B 187 -22.70 12.33 1.64
N ILE B 188 -23.66 13.26 1.69
CA ILE B 188 -25.04 12.85 1.52
C ILE B 188 -25.28 12.28 0.13
N LEU B 189 -24.49 12.71 -0.85
CA LEU B 189 -24.64 12.16 -2.19
C LEU B 189 -24.05 10.78 -2.29
N ARG B 190 -22.99 10.46 -1.54
CA ARG B 190 -22.53 9.08 -1.52
C ARG B 190 -23.62 8.17 -0.97
N ILE B 191 -24.33 8.63 0.06
CA ILE B 191 -25.42 7.81 0.58
C ILE B 191 -26.50 7.63 -0.48
N ALA B 192 -27.01 8.73 -1.04
CA ALA B 192 -28.02 8.64 -2.08
C ALA B 192 -27.55 7.78 -3.24
N ALA B 193 -26.25 7.80 -3.51
CA ALA B 193 -25.69 7.03 -4.62
C ALA B 193 -25.78 5.54 -4.35
N ILE B 194 -25.44 5.14 -3.13
CA ILE B 194 -25.56 3.72 -2.81
C ILE B 194 -27.03 3.31 -2.92
N ALA B 195 -27.94 4.19 -2.51
CA ALA B 195 -29.36 3.87 -2.59
C ALA B 195 -29.80 3.68 -4.03
N VAL B 196 -29.44 4.63 -4.91
CA VAL B 196 -29.91 4.57 -6.28
C VAL B 196 -29.26 3.42 -7.03
N LYS B 197 -27.98 3.17 -6.78
CA LYS B 197 -27.33 2.03 -7.40
C LYS B 197 -28.02 0.73 -7.04
N ALA B 198 -28.35 0.56 -5.75
CA ALA B 198 -29.05 -0.65 -5.36
C ALA B 198 -30.43 -0.72 -6.01
N TRP B 199 -31.14 0.41 -6.06
CA TRP B 199 -32.46 0.45 -6.69
C TRP B 199 -32.40 -0.04 -8.13
N LEU B 200 -31.54 0.58 -8.95
CA LEU B 200 -31.53 0.28 -10.36
C LEU B 200 -30.83 -1.04 -10.66
N GLY B 201 -29.55 -1.13 -10.33
CA GLY B 201 -28.75 -2.28 -10.69
C GLY B 201 -29.18 -3.58 -10.02
N PRO C 3 -56.44 12.80 -2.21
CA PRO C 3 -55.00 13.03 -2.19
C PRO C 3 -54.50 13.78 -3.43
N GLU C 4 -55.14 13.55 -4.57
CA GLU C 4 -54.70 14.18 -5.81
C GLU C 4 -54.92 15.70 -5.77
N GLU C 5 -56.15 16.13 -5.50
CA GLU C 5 -56.40 17.56 -5.35
C GLU C 5 -55.57 18.14 -4.21
N ILE C 6 -55.41 17.39 -3.12
CA ILE C 6 -54.57 17.83 -2.02
C ILE C 6 -53.14 18.03 -2.50
N LEU C 7 -52.62 17.07 -3.27
CA LEU C 7 -51.26 17.17 -3.77
C LEU C 7 -51.10 18.39 -4.67
N GLU C 8 -52.07 18.63 -5.56
CA GLU C 8 -51.95 19.76 -6.47
C GLU C 8 -52.02 21.08 -5.71
N ARG C 9 -52.90 21.17 -4.72
CA ARG C 9 -52.98 22.39 -3.92
C ARG C 9 -51.68 22.64 -3.16
N ALA C 10 -51.10 21.56 -2.60
CA ALA C 10 -49.84 21.70 -1.89
C ALA C 10 -48.73 22.15 -2.84
N LYS C 11 -48.72 21.59 -4.05
CA LYS C 11 -47.71 22.00 -5.03
C LYS C 11 -47.87 23.47 -5.41
N GLU C 12 -49.10 23.92 -5.63
CA GLU C 12 -49.32 25.32 -5.99
C GLU C 12 -48.92 26.24 -4.83
N SER C 13 -49.18 25.82 -3.59
CA SER C 13 -48.76 26.62 -2.45
C SER C 13 -47.23 26.68 -2.37
N LEU C 14 -46.56 25.59 -2.71
CA LEU C 14 -45.11 25.60 -2.77
C LEU C 14 -44.61 26.57 -3.84
N GLU C 15 -45.29 26.63 -4.98
CA GLU C 15 -44.93 27.60 -6.01
C GLU C 15 -45.11 29.02 -5.49
N ARG C 16 -46.23 29.27 -4.80
CA ARG C 16 -46.44 30.58 -4.17
C ARG C 16 -45.28 30.92 -3.24
N ALA C 17 -44.86 29.96 -2.43
CA ALA C 17 -43.79 30.21 -1.47
C ALA C 17 -42.47 30.49 -2.18
N ARG C 18 -42.17 29.76 -3.25
CA ARG C 18 -40.94 30.01 -4.00
C ARG C 18 -40.95 31.41 -4.61
N GLU C 19 -42.07 31.79 -5.22
CA GLU C 19 -42.18 33.13 -5.80
C GLU C 19 -42.05 34.21 -4.72
N ALA C 20 -42.65 33.97 -3.56
CA ALA C 20 -42.57 34.93 -2.46
C ALA C 20 -41.16 35.03 -1.93
N SER C 21 -40.40 33.92 -1.96
CA SER C 21 -39.02 33.96 -1.53
C SER C 21 -38.15 34.71 -2.52
N GLU C 22 -38.38 34.52 -3.82
CA GLU C 22 -37.61 35.27 -4.80
C GLU C 22 -37.96 36.75 -4.76
N ARG C 23 -39.24 37.08 -4.62
CA ARG C 23 -39.64 38.49 -4.54
C ARG C 23 -39.27 39.09 -3.18
N GLY C 24 -39.24 38.26 -2.14
CA GLY C 24 -38.86 38.73 -0.82
C GLY C 24 -40.03 39.00 0.11
N ASP C 25 -41.01 38.11 0.12
CA ASP C 25 -42.17 38.24 1.00
C ASP C 25 -41.96 37.48 2.30
N GLU C 26 -42.71 37.87 3.32
CA GLU C 26 -42.76 37.16 4.59
C GLU C 26 -44.15 36.64 4.92
N GLU C 27 -45.16 37.50 4.85
CA GLU C 27 -46.52 37.08 5.19
C GLU C 27 -47.00 35.96 4.27
N GLU C 28 -46.98 36.20 2.95
CA GLU C 28 -47.31 35.16 2.00
C GLU C 28 -46.34 33.99 2.12
N PHE C 29 -45.06 34.28 2.38
CA PHE C 29 -44.08 33.22 2.55
C PHE C 29 -44.51 32.24 3.63
N ARG C 30 -44.64 32.71 4.87
CA ARG C 30 -45.00 31.83 5.98
C ARG C 30 -46.39 31.25 5.79
N LYS C 31 -47.31 32.03 5.21
CA LYS C 31 -48.68 31.53 5.04
C LYS C 31 -48.71 30.35 4.09
N ALA C 32 -48.14 30.50 2.89
CA ALA C 32 -48.09 29.40 1.95
C ALA C 32 -47.28 28.24 2.51
N ALA C 33 -46.23 28.53 3.27
CA ALA C 33 -45.42 27.46 3.84
C ALA C 33 -46.23 26.62 4.80
N GLU C 34 -46.88 27.25 5.78
CA GLU C 34 -47.63 26.50 6.78
C GLU C 34 -48.85 25.85 6.15
N LYS C 35 -49.42 26.47 5.11
CA LYS C 35 -50.49 25.80 4.38
C LYS C 35 -49.98 24.54 3.71
N ALA C 36 -48.77 24.60 3.14
CA ALA C 36 -48.19 23.42 2.50
C ALA C 36 -47.95 22.32 3.53
N LEU C 37 -47.47 22.69 4.71
CA LEU C 37 -47.21 21.68 5.74
C LEU C 37 -48.51 21.07 6.24
N GLU C 38 -49.53 21.91 6.46
CA GLU C 38 -50.84 21.40 6.85
C GLU C 38 -51.41 20.46 5.81
N LEU C 39 -51.27 20.82 4.54
CA LEU C 39 -51.78 19.97 3.46
C LEU C 39 -50.99 18.68 3.37
N ALA C 40 -49.68 18.74 3.61
CA ALA C 40 -48.86 17.53 3.59
C ALA C 40 -49.24 16.60 4.74
N LYS C 41 -49.50 17.16 5.91
CA LYS C 41 -49.95 16.32 7.03
C LYS C 41 -51.31 15.71 6.75
N ARG C 42 -52.22 16.50 6.16
CA ARG C 42 -53.51 15.96 5.73
C ARG C 42 -53.31 14.83 4.73
N LEU C 43 -52.33 14.97 3.84
CA LEU C 43 -52.09 13.93 2.84
C LEU C 43 -51.51 12.68 3.49
N VAL C 44 -50.67 12.86 4.51
CA VAL C 44 -50.18 11.73 5.29
C VAL C 44 -51.33 11.00 5.95
N GLU C 45 -52.27 11.76 6.52
CA GLU C 45 -53.48 11.16 7.09
C GLU C 45 -54.21 10.34 6.03
N GLN C 46 -54.43 10.94 4.87
CA GLN C 46 -55.14 10.26 3.78
C GLN C 46 -54.42 8.98 3.36
N ALA C 47 -53.09 9.00 3.40
CA ALA C 47 -52.31 7.84 2.99
C ALA C 47 -52.61 6.64 3.87
N LYS C 48 -52.62 6.85 5.19
CA LYS C 48 -52.88 5.74 6.11
C LYS C 48 -54.34 5.35 6.08
N LYS C 49 -55.25 6.32 5.97
CA LYS C 49 -56.67 5.98 5.94
C LYS C 49 -57.02 5.23 4.66
N GLU C 50 -56.21 5.37 3.61
CA GLU C 50 -56.45 4.67 2.35
C GLU C 50 -55.27 3.80 1.94
N GLY C 51 -54.40 3.45 2.87
CA GLY C 51 -53.36 2.46 2.63
C GLY C 51 -52.49 2.72 1.42
N ASP C 52 -51.94 3.92 1.29
CA ASP C 52 -51.07 4.26 0.16
C ASP C 52 -49.72 4.70 0.69
N PRO C 53 -48.65 3.91 0.49
CA PRO C 53 -47.34 4.36 0.98
C PRO C 53 -46.74 5.48 0.16
N GLU C 54 -46.90 5.47 -1.16
CA GLU C 54 -46.26 6.45 -2.01
C GLU C 54 -46.68 7.87 -1.64
N LEU C 55 -47.92 8.03 -1.18
CA LEU C 55 -48.38 9.34 -0.74
C LEU C 55 -47.51 9.86 0.40
N VAL C 56 -47.10 8.98 1.31
CA VAL C 56 -46.23 9.41 2.40
C VAL C 56 -44.93 9.95 1.85
N LEU C 57 -44.34 9.24 0.89
CA LEU C 57 -43.08 9.70 0.29
C LEU C 57 -43.25 11.04 -0.38
N GLU C 58 -44.37 11.24 -1.09
CA GLU C 58 -44.56 12.52 -1.77
C GLU C 58 -44.76 13.65 -0.77
N ALA C 59 -45.50 13.39 0.32
CA ALA C 59 -45.61 14.39 1.37
C ALA C 59 -44.25 14.73 1.95
N ALA C 60 -43.40 13.72 2.11
CA ALA C 60 -42.05 13.96 2.60
C ALA C 60 -41.28 14.85 1.65
N ARG C 61 -41.40 14.58 0.36
CA ARG C 61 -40.71 15.37 -0.66
C ARG C 61 -41.18 16.81 -0.63
N VAL C 62 -42.49 16.99 -0.47
CA VAL C 62 -43.07 18.33 -0.41
C VAL C 62 -42.53 19.08 0.80
N ALA C 63 -42.44 18.36 1.93
CA ALA C 63 -41.93 18.94 3.16
C ALA C 63 -40.46 19.32 2.99
N LEU C 64 -39.71 18.46 2.31
CA LEU C 64 -38.30 18.68 2.07
C LEU C 64 -38.10 19.93 1.21
N TRP C 65 -38.95 20.10 0.22
CA TRP C 65 -38.87 21.26 -0.66
C TRP C 65 -39.10 22.54 0.13
N VAL C 66 -40.06 22.51 1.04
CA VAL C 66 -40.36 23.66 1.88
C VAL C 66 -39.16 23.99 2.76
N ALA C 67 -38.54 22.95 3.30
CA ALA C 67 -37.37 23.11 4.16
C ALA C 67 -36.22 23.73 3.38
N GLU C 68 -36.01 23.28 2.17
CA GLU C 68 -34.89 23.80 1.43
C GLU C 68 -35.09 25.27 1.21
N LEU C 69 -36.32 25.64 0.94
CA LEU C 69 -36.65 27.02 0.68
C LEU C 69 -36.42 27.89 1.86
N ALA C 70 -36.71 27.38 3.05
CA ALA C 70 -36.47 28.15 4.22
C ALA C 70 -34.99 28.45 4.33
N ALA C 71 -34.14 27.46 4.11
CA ALA C 71 -32.71 27.71 4.20
C ALA C 71 -32.27 28.72 3.18
N LYS C 72 -32.78 28.66 1.96
CA LYS C 72 -32.35 29.70 1.02
C LYS C 72 -32.86 31.02 1.58
N ASN C 73 -34.11 31.01 1.99
CA ASN C 73 -34.67 32.20 2.59
C ASN C 73 -34.05 32.55 3.94
N GLY C 74 -33.81 31.54 4.76
CA GLY C 74 -33.25 31.72 6.09
C GLY C 74 -34.24 31.94 7.22
N ASP C 75 -35.52 31.91 6.91
CA ASP C 75 -36.56 32.09 7.92
C ASP C 75 -36.58 30.87 8.82
N LYS C 76 -35.96 30.98 10.00
CA LYS C 76 -35.78 29.82 10.86
C LYS C 76 -37.10 29.41 11.51
N GLU C 77 -37.96 30.38 11.81
CA GLU C 77 -39.19 30.10 12.56
C GLU C 77 -40.07 29.11 11.81
N VAL C 78 -40.03 29.16 10.48
CA VAL C 78 -40.79 28.18 9.69
C VAL C 78 -39.94 26.96 9.40
N PHE C 79 -38.61 27.14 9.32
CA PHE C 79 -37.72 26.03 9.00
C PHE C 79 -37.78 24.95 10.06
N LYS C 80 -37.85 25.36 11.32
CA LYS C 80 -37.92 24.38 12.40
C LYS C 80 -39.19 23.56 12.31
N LYS C 81 -40.32 24.22 12.06
CA LYS C 81 -41.58 23.50 11.90
C LYS C 81 -41.51 22.54 10.73
N ALA C 82 -40.91 23.00 9.62
CA ALA C 82 -40.79 22.15 8.45
C ALA C 82 -39.95 20.92 8.73
N ALA C 83 -38.82 21.09 9.42
CA ALA C 83 -37.97 19.97 9.73
C ALA C 83 -38.65 19.00 10.70
N GLU C 84 -39.38 19.55 11.68
CA GLU C 84 -40.12 18.69 12.59
C GLU C 84 -41.12 17.84 11.82
N SER C 85 -41.86 18.48 10.90
CA SER C 85 -42.79 17.75 10.06
C SER C 85 -42.09 16.68 9.24
N ALA C 86 -40.94 17.02 8.65
CA ALA C 86 -40.24 16.08 7.80
C ALA C 86 -39.77 14.86 8.59
N LEU C 87 -39.23 15.09 9.78
CA LEU C 87 -38.80 13.97 10.60
C LEU C 87 -39.98 13.13 11.04
N GLU C 88 -41.11 13.76 11.37
CA GLU C 88 -42.29 12.98 11.76
C GLU C 88 -42.78 12.14 10.59
N VAL C 89 -42.76 12.69 9.39
CA VAL C 89 -43.15 11.93 8.20
C VAL C 89 -42.18 10.77 7.98
N ALA C 90 -40.90 11.01 8.23
CA ALA C 90 -39.93 9.93 8.13
C ALA C 90 -40.23 8.82 9.12
N LYS C 91 -40.58 9.18 10.35
CA LYS C 91 -40.95 8.17 11.35
C LYS C 91 -42.17 7.39 10.89
N ARG C 92 -43.18 8.08 10.37
CA ARG C 92 -44.36 7.39 9.87
C ARG C 92 -44.01 6.45 8.72
N LEU C 93 -43.07 6.88 7.87
CA LEU C 93 -42.64 6.04 6.77
C LEU C 93 -41.97 4.78 7.28
N VAL C 94 -41.09 4.92 8.27
CA VAL C 94 -40.47 3.75 8.89
C VAL C 94 -41.54 2.82 9.45
N GLU C 95 -42.54 3.39 10.13
CA GLU C 95 -43.58 2.57 10.75
C GLU C 95 -44.33 1.77 9.70
N VAL C 96 -44.82 2.44 8.67
CA VAL C 96 -45.61 1.74 7.65
C VAL C 96 -44.74 0.74 6.89
N ALA C 97 -43.46 1.05 6.69
CA ALA C 97 -42.59 0.13 5.97
C ALA C 97 -42.35 -1.14 6.76
N SER C 98 -41.99 -0.99 8.04
CA SER C 98 -41.84 -2.16 8.90
C SER C 98 -43.15 -2.93 9.02
N LYS C 99 -44.28 -2.22 8.93
CA LYS C 99 -45.57 -2.89 8.96
C LYS C 99 -45.77 -3.76 7.73
N GLU C 100 -45.49 -3.21 6.55
CA GLU C 100 -45.74 -3.94 5.31
C GLU C 100 -44.56 -4.84 4.93
N GLY C 101 -43.33 -4.38 5.16
CA GLY C 101 -42.18 -5.12 4.69
C GLY C 101 -41.75 -4.69 3.30
N ASP C 102 -41.51 -3.40 3.13
CA ASP C 102 -41.11 -2.83 1.84
C ASP C 102 -39.81 -2.07 2.04
N PRO C 103 -38.70 -2.53 1.46
CA PRO C 103 -37.40 -1.90 1.74
C PRO C 103 -37.29 -0.46 1.25
N ASP C 104 -37.71 -0.20 0.01
CA ASP C 104 -37.50 1.10 -0.61
C ASP C 104 -37.99 2.23 0.28
N LEU C 105 -39.10 2.01 0.99
CA LEU C 105 -39.62 3.04 1.87
C LEU C 105 -38.62 3.36 2.98
N VAL C 106 -37.96 2.35 3.52
CA VAL C 106 -37.00 2.60 4.59
C VAL C 106 -35.82 3.41 4.07
N ALA C 107 -35.32 3.07 2.89
CA ALA C 107 -34.22 3.83 2.31
C ALA C 107 -34.63 5.27 2.08
N TRP C 108 -35.85 5.50 1.60
CA TRP C 108 -36.31 6.86 1.40
C TRP C 108 -36.41 7.59 2.74
N ALA C 109 -36.80 6.88 3.79
CA ALA C 109 -36.84 7.50 5.12
C ALA C 109 -35.44 7.93 5.54
N ALA C 110 -34.46 7.06 5.34
CA ALA C 110 -33.09 7.41 5.70
C ALA C 110 -32.61 8.62 4.93
N LEU C 111 -32.91 8.66 3.63
CA LEU C 111 -32.50 9.80 2.83
C LEU C 111 -33.18 11.09 3.28
N VAL C 112 -34.46 10.99 3.66
CA VAL C 112 -35.16 12.18 4.14
C VAL C 112 -34.52 12.69 5.42
N ALA C 113 -34.23 11.78 6.35
CA ALA C 113 -33.58 12.18 7.59
C ALA C 113 -32.24 12.85 7.31
N LEU C 114 -31.41 12.22 6.47
CA LEU C 114 -30.13 12.80 6.16
C LEU C 114 -30.27 14.14 5.47
N TRP C 115 -31.31 14.32 4.66
CA TRP C 115 -31.46 15.60 3.96
C TRP C 115 -31.87 16.69 4.93
N VAL C 116 -32.74 16.38 5.88
CA VAL C 116 -33.04 17.33 6.93
C VAL C 116 -31.76 17.71 7.67
N ALA C 117 -30.93 16.71 7.95
CA ALA C 117 -29.66 16.97 8.61
C ALA C 117 -28.79 17.92 7.78
N PHE C 118 -28.71 17.66 6.47
CA PHE C 118 -27.87 18.49 5.62
C PHE C 118 -28.40 19.92 5.55
N LEU C 119 -29.72 20.07 5.49
CA LEU C 119 -30.29 21.42 5.50
C LEU C 119 -29.95 22.14 6.79
N ALA C 120 -30.02 21.43 7.92
CA ALA C 120 -29.62 22.02 9.19
C ALA C 120 -28.16 22.45 9.14
N PHE C 121 -27.29 21.57 8.64
CA PHE C 121 -25.87 21.87 8.54
C PHE C 121 -25.65 23.11 7.68
N LEU C 122 -26.44 23.27 6.63
CA LEU C 122 -26.35 24.46 5.80
C LEU C 122 -26.75 25.70 6.59
N ASN C 123 -27.95 25.69 7.17
CA ASN C 123 -28.40 26.86 7.91
C ASN C 123 -27.65 27.05 9.21
N GLY C 124 -27.14 25.98 9.81
CA GLY C 124 -26.44 26.09 11.07
C GLY C 124 -27.38 26.19 12.26
N ASP C 125 -28.18 25.15 12.47
CA ASP C 125 -29.11 25.07 13.59
C ASP C 125 -28.82 23.76 14.33
N LYS C 126 -27.97 23.85 15.35
CA LYS C 126 -27.48 22.65 16.02
C LYS C 126 -28.61 21.83 16.63
N GLU C 127 -29.67 22.49 17.09
CA GLU C 127 -30.78 21.77 17.72
C GLU C 127 -31.42 20.78 16.74
N VAL C 128 -31.95 21.31 15.64
CA VAL C 128 -32.59 20.44 14.66
C VAL C 128 -31.58 19.48 14.07
N PHE C 129 -30.30 19.86 14.07
CA PHE C 129 -29.26 18.92 13.61
C PHE C 129 -29.22 17.70 14.50
N LYS C 130 -29.28 17.89 15.82
CA LYS C 130 -29.31 16.76 16.73
C LYS C 130 -30.56 15.94 16.54
N LYS C 131 -31.71 16.60 16.38
CA LYS C 131 -32.94 15.85 16.15
C LYS C 131 -32.81 14.99 14.89
N ALA C 132 -32.26 15.57 13.83
CA ALA C 132 -32.12 14.85 12.58
C ALA C 132 -31.18 13.67 12.72
N ALA C 133 -30.03 13.86 13.39
CA ALA C 133 -29.10 12.76 13.56
C ALA C 133 -29.72 11.63 14.36
N GLU C 134 -30.46 11.97 15.41
CA GLU C 134 -31.13 10.94 16.19
C GLU C 134 -32.12 10.17 15.34
N SER C 135 -32.94 10.89 14.57
CA SER C 135 -33.90 10.22 13.70
C SER C 135 -33.18 9.33 12.69
N ALA C 136 -32.03 9.78 12.19
CA ALA C 136 -31.30 8.99 11.20
C ALA C 136 -30.76 7.71 11.80
N LEU C 137 -30.21 7.78 13.01
CA LEU C 137 -29.73 6.57 13.65
C LEU C 137 -30.88 5.62 13.96
N GLU C 138 -32.03 6.16 14.36
CA GLU C 138 -33.20 5.31 14.55
C GLU C 138 -33.59 4.62 13.25
N VAL C 139 -33.52 5.36 12.15
CA VAL C 139 -33.86 4.78 10.85
C VAL C 139 -32.84 3.70 10.50
N ALA C 140 -31.58 3.88 10.86
CA ALA C 140 -30.60 2.84 10.63
C ALA C 140 -30.93 1.58 11.41
N LYS C 141 -31.34 1.75 12.67
CA LYS C 141 -31.83 0.62 13.45
C LYS C 141 -32.92 -0.13 12.70
N ALA C 142 -33.99 0.57 12.36
CA ALA C 142 -35.11 -0.08 11.69
C ALA C 142 -34.71 -0.65 10.34
N LEU C 143 -33.71 -0.06 9.71
CA LEU C 143 -33.25 -0.55 8.42
C LEU C 143 -32.57 -1.90 8.57
N MET C 144 -31.68 -2.02 9.54
CA MET C 144 -31.09 -3.33 9.82
C MET C 144 -32.15 -4.33 10.19
N GLU C 145 -33.14 -3.91 10.96
CA GLU C 145 -34.17 -4.85 11.35
C GLU C 145 -34.92 -5.33 10.14
N VAL C 146 -35.30 -4.44 9.25
CA VAL C 146 -36.03 -4.91 8.09
C VAL C 146 -35.15 -5.82 7.26
N ALA C 147 -33.93 -5.38 7.01
CA ALA C 147 -33.00 -6.24 6.26
C ALA C 147 -33.01 -7.65 6.81
N MET C 148 -32.93 -7.80 8.13
CA MET C 148 -33.03 -9.13 8.71
C MET C 148 -34.36 -9.78 8.38
N LYS C 149 -35.42 -8.98 8.25
CA LYS C 149 -36.75 -9.54 8.09
C LYS C 149 -37.03 -9.99 6.66
N VAL C 150 -36.66 -9.18 5.67
CA VAL C 150 -37.15 -9.40 4.31
C VAL C 150 -35.97 -9.59 3.35
N GLY C 151 -34.87 -10.13 3.85
CA GLY C 151 -33.73 -10.33 2.98
C GLY C 151 -33.12 -9.01 2.54
N ALA C 152 -32.89 -8.88 1.23
CA ALA C 152 -32.34 -7.65 0.65
C ALA C 152 -31.06 -7.23 1.35
N PRO C 153 -29.95 -7.92 1.10
CA PRO C 153 -28.70 -7.60 1.82
C PRO C 153 -28.25 -6.16 1.67
N TRP C 154 -28.53 -5.50 0.54
CA TRP C 154 -28.03 -4.15 0.35
C TRP C 154 -28.52 -3.19 1.42
N LEU C 155 -29.62 -3.51 2.09
CA LEU C 155 -30.05 -2.68 3.21
C LEU C 155 -28.99 -2.62 4.29
N VAL C 156 -28.23 -3.70 4.48
CA VAL C 156 -27.18 -3.71 5.48
C VAL C 156 -26.11 -2.67 5.15
N GLU C 157 -25.62 -2.71 3.91
CA GLU C 157 -24.62 -1.75 3.47
C GLU C 157 -25.16 -0.33 3.57
N LEU C 158 -26.43 -0.14 3.20
CA LEU C 158 -27.00 1.19 3.31
C LEU C 158 -27.04 1.68 4.75
N ALA C 159 -27.36 0.78 5.68
CA ALA C 159 -27.42 1.18 7.08
C ALA C 159 -26.05 1.58 7.60
N ILE C 160 -25.04 0.76 7.33
CA ILE C 160 -23.69 1.10 7.76
C ILE C 160 -23.26 2.42 7.15
N ALA C 161 -23.59 2.63 5.87
CA ALA C 161 -23.20 3.88 5.22
C ALA C 161 -23.93 5.07 5.82
N VAL C 162 -25.18 4.90 6.22
CA VAL C 162 -25.90 5.99 6.86
C VAL C 162 -25.27 6.33 8.20
N ALA C 163 -24.85 5.31 8.94
CA ALA C 163 -24.14 5.58 10.19
C ALA C 163 -22.85 6.37 9.93
N ARG C 164 -22.07 5.93 8.94
CA ARG C 164 -20.84 6.65 8.62
C ARG C 164 -21.14 8.08 8.19
N ALA C 165 -22.24 8.28 7.47
CA ALA C 165 -22.57 9.62 7.02
C ALA C 165 -22.96 10.52 8.18
N VAL C 166 -23.75 9.99 9.12
CA VAL C 166 -24.08 10.77 10.30
C VAL C 166 -22.83 11.14 11.04
N TRP C 167 -21.90 10.20 11.19
CA TRP C 167 -20.65 10.51 11.87
C TRP C 167 -19.90 11.62 11.16
N LEU C 168 -19.75 11.53 9.85
CA LEU C 168 -18.97 12.54 9.15
C LEU C 168 -19.66 13.90 9.20
N LEU C 169 -20.98 13.93 9.12
CA LEU C 169 -21.69 15.20 9.21
C LEU C 169 -21.49 15.83 10.57
N ALA C 170 -21.59 15.03 11.64
CA ALA C 170 -21.29 15.56 12.96
C ALA C 170 -19.85 16.02 13.05
N GLU C 171 -18.95 15.37 12.31
CA GLU C 171 -17.55 15.78 12.29
C GLU C 171 -17.41 17.19 11.73
N LEU C 172 -18.01 17.46 10.58
CA LEU C 172 -17.90 18.78 9.98
C LEU C 172 -18.55 19.84 10.85
N PHE C 173 -19.76 19.56 11.35
CA PHE C 173 -20.46 20.55 12.14
C PHE C 173 -19.80 20.76 13.50
N GLY C 174 -19.57 19.68 14.23
CA GLY C 174 -18.82 19.78 15.47
C GLY C 174 -19.51 19.24 16.70
N ASP C 175 -20.74 18.73 16.55
CA ASP C 175 -21.51 18.25 17.69
C ASP C 175 -20.93 16.92 18.16
N GLU C 176 -19.90 17.02 19.00
CA GLU C 176 -19.15 15.83 19.40
C GLU C 176 -20.04 14.80 20.07
N GLU C 177 -21.08 15.22 20.77
CA GLU C 177 -22.01 14.26 21.35
C GLU C 177 -22.64 13.40 20.27
N VAL C 178 -23.23 14.04 19.25
CA VAL C 178 -23.79 13.30 18.12
C VAL C 178 -22.72 12.45 17.46
N ARG C 179 -21.51 12.98 17.34
CA ARG C 179 -20.44 12.21 16.73
C ARG C 179 -20.14 10.94 17.53
N ARG C 180 -20.11 11.05 18.86
CA ARG C 180 -19.86 9.87 19.67
C ARG C 180 -20.99 8.86 19.54
N ARG C 181 -22.23 9.32 19.59
CA ARG C 181 -23.36 8.42 19.36
C ARG C 181 -23.18 7.70 18.04
N ALA C 182 -22.82 8.44 16.98
CA ALA C 182 -22.74 7.84 15.66
C ALA C 182 -21.60 6.83 15.58
N GLU C 183 -20.46 7.14 16.18
CA GLU C 183 -19.35 6.20 16.13
C GLU C 183 -19.69 4.90 16.85
N ALA C 184 -20.22 5.02 18.07
CA ALA C 184 -20.62 3.81 18.78
C ALA C 184 -21.67 3.03 18.00
N PHE C 185 -22.58 3.74 17.35
CA PHE C 185 -23.62 3.07 16.59
C PHE C 185 -23.04 2.36 15.38
N GLU C 186 -22.02 2.95 14.75
CA GLU C 186 -21.39 2.28 13.62
C GLU C 186 -20.70 1.00 14.07
N ILE C 187 -20.06 1.03 15.23
CA ILE C 187 -19.42 -0.19 15.72
C ILE C 187 -20.45 -1.29 15.94
N ILE C 188 -21.47 -0.98 16.74
CA ILE C 188 -22.45 -2.03 17.04
C ILE C 188 -23.19 -2.45 15.78
N LEU C 189 -23.31 -1.55 14.80
CA LEU C 189 -23.97 -1.93 13.57
C LEU C 189 -23.09 -2.80 12.69
N ARG C 190 -21.77 -2.62 12.75
CA ARG C 190 -20.90 -3.56 12.04
C ARG C 190 -21.08 -4.96 12.61
N ILE C 191 -21.20 -5.07 13.93
CA ILE C 191 -21.43 -6.38 14.52
C ILE C 191 -22.77 -6.96 14.03
N ALA C 192 -23.84 -6.21 14.21
CA ALA C 192 -25.15 -6.68 13.77
C ALA C 192 -25.13 -7.00 12.28
N ALA C 193 -24.32 -6.30 11.51
CA ALA C 193 -24.26 -6.52 10.08
C ALA C 193 -23.63 -7.86 9.77
N ILE C 194 -22.54 -8.19 10.46
CA ILE C 194 -21.95 -9.51 10.24
C ILE C 194 -22.94 -10.59 10.63
N ALA C 195 -23.72 -10.35 11.69
CA ALA C 195 -24.71 -11.34 12.11
C ALA C 195 -25.77 -11.54 11.04
N VAL C 196 -26.33 -10.44 10.54
CA VAL C 196 -27.44 -10.55 9.58
C VAL C 196 -26.94 -11.10 8.25
N LYS C 197 -25.75 -10.70 7.82
CA LYS C 197 -25.21 -11.26 6.59
C LYS C 197 -25.04 -12.76 6.70
N ALA C 198 -24.51 -13.24 7.83
CA ALA C 198 -24.38 -14.67 8.00
C ALA C 198 -25.75 -15.36 8.03
N TRP C 199 -26.71 -14.74 8.71
CA TRP C 199 -28.06 -15.31 8.78
C TRP C 199 -28.64 -15.51 7.38
N LEU C 200 -28.69 -14.43 6.59
CA LEU C 200 -29.37 -14.50 5.30
C LEU C 200 -28.53 -15.23 4.25
N GLY C 201 -27.36 -14.70 3.94
CA GLY C 201 -26.54 -15.24 2.87
C GLY C 201 -26.02 -16.64 3.11
N PRO D 3 -47.82 -17.35 27.67
CA PRO D 3 -46.81 -16.43 27.13
C PRO D 3 -47.41 -15.38 26.19
N GLU D 4 -48.46 -15.78 25.45
CA GLU D 4 -49.06 -14.88 24.48
C GLU D 4 -49.73 -13.69 25.17
N GLU D 5 -50.65 -13.97 26.10
CA GLU D 5 -51.28 -12.89 26.86
C GLU D 5 -50.23 -12.10 27.65
N ILE D 6 -49.23 -12.80 28.19
CA ILE D 6 -48.13 -12.13 28.87
C ILE D 6 -47.41 -11.18 27.93
N LEU D 7 -47.12 -11.65 26.72
CA LEU D 7 -46.43 -10.82 25.74
C LEU D 7 -47.25 -9.59 25.39
N GLU D 8 -48.55 -9.76 25.17
CA GLU D 8 -49.40 -8.64 24.81
C GLU D 8 -49.49 -7.62 25.95
N ARG D 9 -49.62 -8.11 27.19
CA ARG D 9 -49.67 -7.20 28.32
C ARG D 9 -48.37 -6.43 28.46
N ALA D 10 -47.23 -7.12 28.27
CA ALA D 10 -45.95 -6.44 28.34
C ALA D 10 -45.82 -5.39 27.24
N LYS D 11 -46.29 -5.71 26.04
CA LYS D 11 -46.25 -4.74 24.95
C LYS D 11 -47.10 -3.52 25.26
N GLU D 12 -48.31 -3.73 25.78
CA GLU D 12 -49.17 -2.60 26.12
C GLU D 12 -48.56 -1.76 27.23
N SER D 13 -47.90 -2.39 28.20
CA SER D 13 -47.23 -1.63 29.24
C SER D 13 -46.09 -0.82 28.66
N LEU D 14 -45.38 -1.38 27.67
CA LEU D 14 -44.33 -0.61 26.99
C LEU D 14 -44.92 0.59 26.27
N GLU D 15 -46.10 0.43 25.66
CA GLU D 15 -46.75 1.56 25.01
C GLU D 15 -47.11 2.62 26.05
N ARG D 16 -47.65 2.19 27.20
CA ARG D 16 -47.91 3.14 28.29
C ARG D 16 -46.65 3.89 28.66
N ALA D 17 -45.52 3.19 28.78
CA ALA D 17 -44.28 3.83 29.18
C ALA D 17 -43.82 4.83 28.13
N ARG D 18 -43.93 4.48 26.85
CA ARG D 18 -43.53 5.41 25.80
C ARG D 18 -44.38 6.67 25.82
N GLU D 19 -45.71 6.50 25.97
CA GLU D 19 -46.59 7.66 26.03
C GLU D 19 -46.28 8.52 27.25
N ALA D 20 -45.98 7.86 28.39
CA ALA D 20 -45.65 8.61 29.59
C ALA D 20 -44.32 9.34 29.45
N SER D 21 -43.39 8.79 28.68
CA SER D 21 -42.13 9.46 28.44
C SER D 21 -42.32 10.67 27.53
N GLU D 22 -43.15 10.53 26.49
CA GLU D 22 -43.41 11.68 25.62
C GLU D 22 -44.17 12.76 26.37
N ARG D 23 -45.18 12.39 27.17
CA ARG D 23 -45.92 13.37 27.94
C ARG D 23 -45.11 13.91 29.10
N GLY D 24 -44.20 13.09 29.64
CA GLY D 24 -43.33 13.53 30.73
C GLY D 24 -43.78 13.07 32.10
N ASP D 25 -44.17 11.80 32.21
CA ASP D 25 -44.59 11.24 33.49
C ASP D 25 -43.43 10.53 34.17
N GLU D 26 -43.54 10.38 35.48
CA GLU D 26 -42.61 9.59 36.27
C GLU D 26 -43.27 8.40 36.96
N GLU D 27 -44.37 8.63 37.67
CA GLU D 27 -45.03 7.55 38.39
C GLU D 27 -45.50 6.46 37.43
N GLU D 28 -46.32 6.83 36.44
CA GLU D 28 -46.72 5.87 35.43
C GLU D 28 -45.52 5.36 34.65
N PHE D 29 -44.53 6.22 34.42
CA PHE D 29 -43.31 5.80 33.73
C PHE D 29 -42.67 4.61 34.43
N ARG D 30 -42.23 4.81 35.68
CA ARG D 30 -41.56 3.74 36.41
C ARG D 30 -42.50 2.56 36.65
N LYS D 31 -43.78 2.83 36.87
CA LYS D 31 -44.71 1.74 37.15
C LYS D 31 -44.85 0.82 35.95
N ALA D 32 -45.16 1.38 34.77
CA ALA D 32 -45.25 0.56 33.58
C ALA D 32 -43.92 -0.08 33.24
N ALA D 33 -42.81 0.61 33.51
CA ALA D 33 -41.52 0.03 33.21
C ALA D 33 -41.26 -1.22 34.05
N GLU D 34 -41.40 -1.10 35.37
CA GLU D 34 -41.13 -2.24 36.23
C GLU D 34 -42.16 -3.34 36.02
N LYS D 35 -43.40 -2.98 35.65
CA LYS D 35 -44.36 -4.00 35.28
C LYS D 35 -43.91 -4.74 34.03
N ALA D 36 -43.35 -4.01 33.05
CA ALA D 36 -42.86 -4.66 31.84
C ALA D 36 -41.70 -5.60 32.16
N LEU D 37 -40.80 -5.17 33.06
CA LEU D 37 -39.68 -6.03 33.41
C LEU D 37 -40.13 -7.26 34.17
N GLU D 38 -41.07 -7.09 35.10
CA GLU D 38 -41.63 -8.23 35.82
C GLU D 38 -42.30 -9.20 34.86
N LEU D 39 -43.06 -8.67 33.89
CA LEU D 39 -43.73 -9.53 32.92
C LEU D 39 -42.73 -10.23 32.01
N ALA D 40 -41.65 -9.54 31.66
CA ALA D 40 -40.61 -10.16 30.83
C ALA D 40 -39.91 -11.28 31.58
N LYS D 41 -39.65 -11.08 32.87
CA LYS D 41 -39.04 -12.15 33.66
C LYS D 41 -40.00 -13.32 33.81
N ARG D 42 -41.28 -13.03 34.02
CA ARG D 42 -42.29 -14.09 34.04
C ARG D 42 -42.31 -14.85 32.73
N LEU D 43 -42.13 -14.13 31.61
CA LEU D 43 -42.14 -14.78 30.30
C LEU D 43 -40.89 -15.63 30.12
N VAL D 44 -39.75 -15.17 30.64
CA VAL D 44 -38.54 -15.98 30.63
C VAL D 44 -38.76 -17.26 31.41
N GLU D 45 -39.41 -17.16 32.58
CA GLU D 45 -39.77 -18.35 33.35
C GLU D 45 -40.61 -19.29 32.51
N GLN D 46 -41.65 -18.76 31.87
CA GLN D 46 -42.54 -19.57 31.05
C GLN D 46 -41.79 -20.25 29.92
N ALA D 47 -40.79 -19.57 29.37
CA ALA D 47 -40.03 -20.12 28.25
C ALA D 47 -39.30 -21.40 28.65
N LYS D 48 -38.64 -21.38 29.82
CA LYS D 48 -37.92 -22.56 30.26
C LYS D 48 -38.88 -23.64 30.75
N LYS D 49 -39.97 -23.26 31.42
CA LYS D 49 -40.92 -24.25 31.88
C LYS D 49 -41.63 -24.93 30.72
N GLU D 50 -41.67 -24.27 29.56
CA GLU D 50 -42.31 -24.85 28.38
C GLU D 50 -41.35 -24.95 27.20
N GLY D 51 -40.05 -24.91 27.44
CA GLY D 51 -39.06 -25.20 26.42
C GLY D 51 -39.19 -24.41 25.13
N ASP D 52 -39.29 -23.09 25.24
CA ASP D 52 -39.41 -22.23 24.06
C ASP D 52 -38.27 -21.22 24.06
N PRO D 53 -37.31 -21.33 23.13
CA PRO D 53 -36.21 -20.34 23.11
C PRO D 53 -36.63 -18.98 22.60
N GLU D 54 -37.49 -18.93 21.59
CA GLU D 54 -37.86 -17.65 20.99
C GLU D 54 -38.47 -16.70 22.00
N LEU D 55 -39.18 -17.24 22.98
CA LEU D 55 -39.75 -16.41 24.03
C LEU D 55 -38.65 -15.66 24.78
N VAL D 56 -37.51 -16.31 25.01
CA VAL D 56 -36.41 -15.63 25.69
C VAL D 56 -35.94 -14.45 24.86
N LEU D 57 -35.80 -14.64 23.54
CA LEU D 57 -35.36 -13.56 22.68
C LEU D 57 -36.36 -12.40 22.69
N GLU D 58 -37.66 -12.71 22.69
CA GLU D 58 -38.64 -11.64 22.70
C GLU D 58 -38.64 -10.89 24.02
N ALA D 59 -38.48 -11.61 25.13
CA ALA D 59 -38.33 -10.94 26.42
C ALA D 59 -37.11 -10.03 26.42
N ALA D 60 -36.02 -10.49 25.80
CA ALA D 60 -34.83 -9.66 25.69
C ALA D 60 -35.12 -8.38 24.91
N ARG D 61 -35.84 -8.53 23.80
CA ARG D 61 -36.19 -7.39 22.96
C ARG D 61 -37.05 -6.40 23.74
N VAL D 62 -37.99 -6.92 24.52
CA VAL D 62 -38.87 -6.08 25.31
C VAL D 62 -38.05 -5.31 26.35
N ALA D 63 -37.09 -6.01 26.96
CA ALA D 63 -36.22 -5.40 27.96
C ALA D 63 -35.36 -4.31 27.31
N LEU D 64 -34.88 -4.59 26.10
CA LEU D 64 -34.06 -3.65 25.37
C LEU D 64 -34.83 -2.39 25.05
N TRP D 65 -36.11 -2.56 24.67
CA TRP D 65 -36.96 -1.43 24.35
C TRP D 65 -37.13 -0.53 25.57
N VAL D 66 -37.33 -1.16 26.73
CA VAL D 66 -37.49 -0.42 27.98
C VAL D 66 -36.22 0.36 28.29
N ALA D 67 -35.07 -0.28 28.07
CA ALA D 67 -33.79 0.35 28.32
C ALA D 67 -33.59 1.55 27.41
N GLU D 68 -33.96 1.42 26.15
CA GLU D 68 -33.73 2.52 25.24
C GLU D 68 -34.53 3.70 25.71
N LEU D 69 -35.74 3.43 26.16
CA LEU D 69 -36.63 4.47 26.62
C LEU D 69 -36.09 5.18 27.80
N ALA D 70 -35.45 4.46 28.71
CA ALA D 70 -34.89 5.11 29.85
C ALA D 70 -33.84 6.10 29.39
N ALA D 71 -32.98 5.72 28.47
CA ALA D 71 -31.96 6.63 28.01
C ALA D 71 -32.57 7.84 27.36
N LYS D 72 -33.62 7.68 26.56
CA LYS D 72 -34.19 8.90 26.00
C LYS D 72 -34.75 9.69 27.16
N ASN D 73 -35.44 9.01 28.05
CA ASN D 73 -35.94 9.66 29.24
C ASN D 73 -34.84 10.12 30.18
N GLY D 74 -33.83 9.28 30.37
CA GLY D 74 -32.74 9.57 31.27
C GLY D 74 -32.91 9.12 32.72
N ASP D 75 -34.03 8.49 33.03
CA ASP D 75 -34.29 8.00 34.37
C ASP D 75 -33.35 6.84 34.66
N LYS D 76 -32.27 7.11 35.39
CA LYS D 76 -31.24 6.09 35.59
C LYS D 76 -31.70 5.00 36.55
N GLU D 77 -32.52 5.37 37.54
CA GLU D 77 -32.90 4.43 38.58
C GLU D 77 -33.63 3.22 37.99
N VAL D 78 -34.37 3.43 36.91
CA VAL D 78 -35.03 2.30 36.23
C VAL D 78 -34.11 1.73 35.16
N PHE D 79 -33.25 2.56 34.58
CA PHE D 79 -32.36 2.11 33.51
C PHE D 79 -31.42 1.03 34.00
N LYS D 80 -30.89 1.19 35.22
CA LYS D 80 -29.99 0.18 35.76
C LYS D 80 -30.69 -1.15 35.94
N LYS D 81 -31.91 -1.12 36.49
CA LYS D 81 -32.67 -2.36 36.64
C LYS D 81 -32.94 -3.00 35.28
N ALA D 82 -33.28 -2.17 34.29
CA ALA D 82 -33.55 -2.71 32.96
C ALA D 82 -32.32 -3.37 32.37
N ALA D 83 -31.16 -2.73 32.50
CA ALA D 83 -29.94 -3.30 31.95
C ALA D 83 -29.55 -4.58 32.69
N GLU D 84 -29.73 -4.60 34.02
CA GLU D 84 -29.46 -5.82 34.76
C GLU D 84 -30.34 -6.95 34.26
N SER D 85 -31.64 -6.67 34.07
CA SER D 85 -32.55 -7.67 33.53
C SER D 85 -32.10 -8.12 32.14
N ALA D 86 -31.70 -7.19 31.29
CA ALA D 86 -31.32 -7.55 29.93
C ALA D 86 -30.09 -8.43 29.91
N LEU D 87 -29.10 -8.11 30.74
CA LEU D 87 -27.91 -8.94 30.80
C LEU D 87 -28.23 -10.32 31.37
N GLU D 88 -29.12 -10.39 32.37
CA GLU D 88 -29.49 -11.68 32.91
C GLU D 88 -30.20 -12.53 31.87
N VAL D 89 -31.07 -11.90 31.07
CA VAL D 89 -31.75 -12.61 30.00
C VAL D 89 -30.75 -13.08 28.96
N ALA D 90 -29.72 -12.26 28.69
CA ALA D 90 -28.67 -12.67 27.77
C ALA D 90 -27.94 -13.90 28.30
N LYS D 91 -27.64 -13.92 29.59
CA LYS D 91 -26.99 -15.08 30.20
C LYS D 91 -27.86 -16.32 30.06
N ARG D 92 -29.15 -16.16 30.34
CA ARG D 92 -30.07 -17.30 30.20
C ARG D 92 -30.12 -17.78 28.76
N LEU D 93 -30.07 -16.84 27.81
CA LEU D 93 -30.06 -17.21 26.40
C LEU D 93 -28.82 -18.01 26.05
N VAL D 94 -27.66 -17.57 26.53
CA VAL D 94 -26.43 -18.33 26.33
C VAL D 94 -26.56 -19.72 26.91
N GLU D 95 -27.13 -19.82 28.12
CA GLU D 95 -27.26 -21.11 28.78
C GLU D 95 -28.11 -22.07 27.96
N VAL D 96 -29.31 -21.61 27.58
CA VAL D 96 -30.20 -22.50 26.82
C VAL D 96 -29.64 -22.82 25.45
N ALA D 97 -28.91 -21.89 24.84
CA ALA D 97 -28.34 -22.15 23.52
C ALA D 97 -27.25 -23.20 23.60
N SER D 98 -26.32 -23.05 24.55
CA SER D 98 -25.31 -24.08 24.74
C SER D 98 -25.94 -25.40 25.13
N LYS D 99 -27.07 -25.36 25.81
CA LYS D 99 -27.78 -26.59 26.17
C LYS D 99 -28.30 -27.29 24.92
N GLU D 100 -28.96 -26.54 24.04
CA GLU D 100 -29.58 -27.15 22.86
C GLU D 100 -28.60 -27.27 21.70
N GLY D 101 -27.73 -26.29 21.51
CA GLY D 101 -26.86 -26.28 20.34
C GLY D 101 -27.49 -25.53 19.19
N ASP D 102 -27.87 -24.28 19.42
CA ASP D 102 -28.50 -23.44 18.41
C ASP D 102 -27.70 -22.16 18.27
N PRO D 103 -27.04 -21.93 17.14
CA PRO D 103 -26.15 -20.76 17.03
C PRO D 103 -26.85 -19.43 17.12
N ASP D 104 -27.96 -19.26 16.38
CA ASP D 104 -28.63 -17.97 16.27
C ASP D 104 -28.90 -17.37 17.64
N LEU D 105 -29.25 -18.19 18.62
CA LEU D 105 -29.50 -17.68 19.96
C LEU D 105 -28.25 -17.03 20.55
N VAL D 106 -27.09 -17.63 20.31
CA VAL D 106 -25.86 -17.06 20.85
C VAL D 106 -25.58 -15.70 20.22
N ALA D 107 -25.74 -15.60 18.90
CA ALA D 107 -25.54 -14.33 18.23
C ALA D 107 -26.48 -13.27 18.76
N TRP D 108 -27.75 -13.65 18.99
CA TRP D 108 -28.69 -12.68 19.55
C TRP D 108 -28.27 -12.27 20.95
N ALA D 109 -27.71 -13.20 21.72
CA ALA D 109 -27.21 -12.84 23.05
C ALA D 109 -26.10 -11.81 22.94
N ALA D 110 -25.16 -12.04 22.02
CA ALA D 110 -24.06 -11.09 21.84
C ALA D 110 -24.59 -9.73 21.45
N LEU D 111 -25.56 -9.69 20.54
CA LEU D 111 -26.11 -8.41 20.12
C LEU D 111 -26.84 -7.72 21.27
N VAL D 112 -27.53 -8.48 22.11
CA VAL D 112 -28.21 -7.88 23.25
C VAL D 112 -27.20 -7.27 24.22
N ALA D 113 -26.12 -8.01 24.49
CA ALA D 113 -25.08 -7.48 25.38
C ALA D 113 -24.49 -6.20 24.81
N LEU D 114 -24.12 -6.23 23.53
CA LEU D 114 -23.55 -5.04 22.91
C LEU D 114 -24.54 -3.89 22.91
N TRP D 115 -25.83 -4.17 22.78
CA TRP D 115 -26.79 -3.07 22.75
C TRP D 115 -26.95 -2.45 24.13
N VAL D 116 -26.94 -3.27 25.17
CA VAL D 116 -26.92 -2.73 26.52
C VAL D 116 -25.69 -1.85 26.69
N ALA D 117 -24.54 -2.32 26.19
CA ALA D 117 -23.33 -1.52 26.27
C ALA D 117 -23.50 -0.19 25.56
N PHE D 118 -24.09 -0.21 24.37
CA PHE D 118 -24.24 1.03 23.60
C PHE D 118 -25.19 1.99 24.30
N LEU D 119 -26.26 1.47 24.90
CA LEU D 119 -27.16 2.33 25.66
C LEU D 119 -26.44 2.96 26.83
N ALA D 120 -25.60 2.18 27.52
CA ALA D 120 -24.80 2.74 28.60
C ALA D 120 -23.89 3.85 28.08
N PHE D 121 -23.22 3.59 26.96
CA PHE D 121 -22.33 4.59 26.37
C PHE D 121 -23.09 5.86 26.03
N LEU D 122 -24.34 5.71 25.59
CA LEU D 122 -25.17 6.88 25.30
C LEU D 122 -25.47 7.64 26.58
N ASN D 123 -26.02 6.97 27.58
CA ASN D 123 -26.36 7.64 28.82
C ASN D 123 -25.14 8.03 29.63
N GLY D 124 -24.03 7.30 29.49
CA GLY D 124 -22.84 7.61 30.26
C GLY D 124 -22.91 7.07 31.67
N ASP D 125 -23.00 5.76 31.81
CA ASP D 125 -23.03 5.08 33.11
C ASP D 125 -21.92 4.04 33.09
N LYS D 126 -20.74 4.42 33.59
CA LYS D 126 -19.58 3.56 33.47
C LYS D 126 -19.77 2.22 34.16
N GLU D 127 -20.54 2.19 35.25
CA GLU D 127 -20.74 0.94 35.98
C GLU D 127 -21.43 -0.11 35.11
N VAL D 128 -22.63 0.20 34.62
CA VAL D 128 -23.34 -0.75 33.80
C VAL D 128 -22.57 -0.99 32.50
N PHE D 129 -21.76 -0.02 32.08
CA PHE D 129 -20.92 -0.25 30.90
C PHE D 129 -19.94 -1.39 31.15
N LYS D 130 -19.31 -1.39 32.33
CA LYS D 130 -18.40 -2.48 32.66
C LYS D 130 -19.15 -3.80 32.76
N LYS D 131 -20.33 -3.80 33.38
CA LYS D 131 -21.11 -5.03 33.45
C LYS D 131 -21.41 -5.56 32.05
N ALA D 132 -21.80 -4.65 31.15
CA ALA D 132 -22.15 -5.05 29.79
C ALA D 132 -20.94 -5.61 29.06
N ALA D 133 -19.79 -4.94 29.18
CA ALA D 133 -18.60 -5.43 28.49
C ALA D 133 -18.19 -6.80 29.00
N GLU D 134 -18.27 -7.01 30.31
CA GLU D 134 -17.95 -8.33 30.85
C GLU D 134 -18.90 -9.37 30.31
N SER D 135 -20.20 -9.08 30.31
CA SER D 135 -21.16 -10.04 29.76
C SER D 135 -20.89 -10.31 28.30
N ALA D 136 -20.48 -9.29 27.55
CA ALA D 136 -20.21 -9.48 26.13
C ALA D 136 -19.00 -10.38 25.90
N LEU D 137 -17.94 -10.18 26.67
CA LEU D 137 -16.78 -11.05 26.54
C LEU D 137 -17.12 -12.48 26.94
N GLU D 138 -17.94 -12.64 27.97
CA GLU D 138 -18.39 -13.98 28.33
C GLU D 138 -19.17 -14.61 27.19
N VAL D 139 -20.01 -13.82 26.53
CA VAL D 139 -20.77 -14.33 25.41
C VAL D 139 -19.83 -14.71 24.26
N ALA D 140 -18.76 -13.96 24.08
CA ALA D 140 -17.79 -14.33 23.06
C ALA D 140 -17.14 -15.66 23.37
N LYS D 141 -16.80 -15.87 24.65
CA LYS D 141 -16.31 -17.18 25.08
C LYS D 141 -17.26 -18.29 24.67
N ALA D 142 -18.51 -18.18 25.13
CA ALA D 142 -19.48 -19.22 24.83
C ALA D 142 -19.74 -19.34 23.34
N LEU D 143 -19.57 -18.26 22.60
CA LEU D 143 -19.77 -18.29 21.16
C LEU D 143 -18.71 -19.12 20.48
N MET D 144 -17.44 -18.89 20.84
CA MET D 144 -16.38 -19.74 20.31
C MET D 144 -16.60 -21.19 20.71
N GLU D 145 -17.04 -21.41 21.94
CA GLU D 145 -17.25 -22.78 22.36
C GLU D 145 -18.33 -23.44 21.53
N VAL D 146 -19.43 -22.75 21.30
CA VAL D 146 -20.46 -23.39 20.49
C VAL D 146 -19.94 -23.63 19.09
N ALA D 147 -19.34 -22.61 18.51
CA ALA D 147 -18.76 -22.78 17.18
C ALA D 147 -17.95 -24.06 17.09
N MET D 148 -17.10 -24.30 18.08
CA MET D 148 -16.35 -25.56 18.10
C MET D 148 -17.30 -26.75 18.19
N LYS D 149 -18.44 -26.58 18.85
CA LYS D 149 -19.33 -27.71 19.10
C LYS D 149 -20.17 -28.07 17.88
N VAL D 150 -20.75 -27.07 17.20
CA VAL D 150 -21.80 -27.35 16.22
C VAL D 150 -21.40 -26.81 14.85
N GLY D 151 -20.11 -26.77 14.58
CA GLY D 151 -19.68 -26.26 13.28
C GLY D 151 -19.96 -24.78 13.15
N ALA D 152 -20.57 -24.38 12.03
CA ALA D 152 -20.93 -23.00 11.78
C ALA D 152 -19.73 -22.07 11.93
N PRO D 153 -18.80 -22.07 10.98
CA PRO D 153 -17.59 -21.26 11.14
C PRO D 153 -17.85 -19.78 11.36
N TRP D 154 -18.94 -19.23 10.80
CA TRP D 154 -19.16 -17.80 10.93
C TRP D 154 -19.26 -17.34 12.37
N LEU D 155 -19.60 -18.25 13.29
CA LEU D 155 -19.58 -17.90 14.71
C LEU D 155 -18.20 -17.43 15.14
N VAL D 156 -17.15 -18.00 14.56
CA VAL D 156 -15.79 -17.59 14.90
C VAL D 156 -15.57 -16.12 14.55
N GLU D 157 -15.89 -15.76 13.31
CA GLU D 157 -15.74 -14.38 12.87
C GLU D 157 -16.60 -13.45 13.71
N LEU D 158 -17.81 -13.88 14.05
CA LEU D 158 -18.66 -13.06 14.88
C LEU D 158 -18.05 -12.83 16.25
N ALA D 159 -17.44 -13.86 16.82
CA ALA D 159 -16.84 -13.71 18.15
C ALA D 159 -15.67 -12.75 18.12
N ILE D 160 -14.77 -12.91 17.15
CA ILE D 160 -13.65 -11.98 17.02
C ILE D 160 -14.16 -10.56 16.84
N ALA D 161 -15.20 -10.39 16.01
CA ALA D 161 -15.73 -9.06 15.77
C ALA D 161 -16.35 -8.47 17.02
N VAL D 162 -17.00 -9.31 17.84
CA VAL D 162 -17.57 -8.81 19.09
C VAL D 162 -16.46 -8.36 20.03
N ALA D 163 -15.36 -9.10 20.07
CA ALA D 163 -14.23 -8.66 20.87
C ALA D 163 -13.71 -7.31 20.39
N ARG D 164 -13.53 -7.17 19.08
CA ARG D 164 -13.06 -5.90 18.54
C ARG D 164 -14.03 -4.77 18.85
N ALA D 165 -15.33 -5.07 18.83
CA ALA D 165 -16.32 -4.05 19.10
C ALA D 165 -16.26 -3.61 20.56
N VAL D 166 -16.14 -4.57 21.47
CA VAL D 166 -16.00 -4.22 22.87
C VAL D 166 -14.78 -3.35 23.07
N TRP D 167 -13.66 -3.70 22.42
CA TRP D 167 -12.46 -2.88 22.55
C TRP D 167 -12.72 -1.47 22.06
N LEU D 168 -13.31 -1.32 20.88
CA LEU D 168 -13.50 0.02 20.35
C LEU D 168 -14.47 0.84 21.19
N LEU D 169 -15.51 0.20 21.72
CA LEU D 169 -16.44 0.92 22.59
C LEU D 169 -15.74 1.40 23.84
N ALA D 170 -14.93 0.53 24.45
CA ALA D 170 -14.15 0.98 25.60
C ALA D 170 -13.20 2.10 25.21
N GLU D 171 -12.73 2.08 23.97
CA GLU D 171 -11.85 3.14 23.49
C GLU D 171 -12.55 4.48 23.50
N LEU D 172 -13.76 4.53 22.92
CA LEU D 172 -14.48 5.79 22.88
C LEU D 172 -14.86 6.27 24.27
N PHE D 173 -15.36 5.36 25.10
CA PHE D 173 -15.80 5.77 26.43
C PHE D 173 -14.62 6.11 27.31
N GLY D 174 -13.65 5.22 27.42
CA GLY D 174 -12.42 5.54 28.13
C GLY D 174 -12.05 4.58 29.25
N ASP D 175 -12.86 3.55 29.47
CA ASP D 175 -12.62 2.62 30.57
C ASP D 175 -11.45 1.72 30.19
N GLU D 176 -10.23 2.23 30.47
CA GLU D 176 -9.03 1.53 30.03
C GLU D 176 -8.93 0.13 30.57
N GLU D 177 -9.46 -0.12 31.77
CA GLU D 177 -9.49 -1.48 32.30
C GLU D 177 -10.24 -2.41 31.35
N VAL D 178 -11.49 -2.04 31.03
CA VAL D 178 -12.28 -2.82 30.08
C VAL D 178 -11.55 -2.93 28.76
N ARG D 179 -10.91 -1.86 28.32
CA ARG D 179 -10.17 -1.90 27.06
C ARG D 179 -9.05 -2.92 27.12
N ARG D 180 -8.32 -2.97 28.23
CA ARG D 180 -7.25 -3.95 28.34
C ARG D 180 -7.79 -5.37 28.35
N ARG D 181 -8.86 -5.61 29.11
CA ARG D 181 -9.50 -6.91 29.08
C ARG D 181 -9.85 -7.30 27.65
N ALA D 182 -10.45 -6.35 26.91
CA ALA D 182 -10.91 -6.66 25.57
C ALA D 182 -9.75 -6.95 24.62
N GLU D 183 -8.67 -6.18 24.73
CA GLU D 183 -7.54 -6.41 23.84
C GLU D 183 -6.91 -7.78 24.10
N ALA D 184 -6.67 -8.09 25.38
CA ALA D 184 -6.13 -9.41 25.69
C ALA D 184 -7.06 -10.51 25.22
N PHE D 185 -8.37 -10.29 25.36
CA PHE D 185 -9.32 -11.30 24.94
C PHE D 185 -9.32 -11.47 23.44
N GLU D 186 -9.13 -10.38 22.69
CA GLU D 186 -9.06 -10.50 21.24
C GLU D 186 -7.84 -11.30 20.82
N ILE D 187 -6.71 -11.09 21.50
CA ILE D 187 -5.51 -11.86 21.17
C ILE D 187 -5.77 -13.35 21.40
N ILE D 188 -6.18 -13.70 22.60
CA ILE D 188 -6.36 -15.11 22.90
C ILE D 188 -7.47 -15.71 22.04
N LEU D 189 -8.44 -14.89 21.63
CA LEU D 189 -9.48 -15.40 20.76
C LEU D 189 -9.01 -15.59 19.33
N ARG D 190 -8.08 -14.78 18.86
CA ARG D 190 -7.48 -15.06 17.57
C ARG D 190 -6.79 -16.41 17.58
N ILE D 191 -6.10 -16.71 18.68
CA ILE D 191 -5.47 -18.03 18.76
C ILE D 191 -6.51 -19.14 18.74
N ALA D 192 -7.49 -19.06 19.64
CA ALA D 192 -8.54 -20.07 19.68
C ALA D 192 -9.25 -20.17 18.34
N ALA D 193 -9.33 -19.06 17.61
CA ALA D 193 -10.02 -19.05 16.33
C ALA D 193 -9.23 -19.85 15.30
N ILE D 194 -7.92 -19.66 15.26
CA ILE D 194 -7.12 -20.46 14.33
C ILE D 194 -7.26 -21.94 14.68
N ALA D 195 -7.33 -22.24 15.98
CA ALA D 195 -7.47 -23.64 16.39
C ALA D 195 -8.78 -24.22 15.92
N VAL D 196 -9.88 -23.51 16.16
CA VAL D 196 -11.20 -24.05 15.83
C VAL D 196 -11.39 -24.12 14.32
N LYS D 197 -10.89 -23.12 13.58
CA LYS D 197 -10.98 -23.17 12.13
C LYS D 197 -10.26 -24.40 11.59
N ALA D 198 -9.06 -24.67 12.11
CA ALA D 198 -8.34 -25.86 11.65
C ALA D 198 -9.09 -27.12 12.02
N TRP D 199 -9.65 -27.17 13.23
CA TRP D 199 -10.40 -28.34 13.67
C TRP D 199 -11.55 -28.64 12.71
N LEU D 200 -12.42 -27.66 12.48
CA LEU D 200 -13.63 -27.90 11.71
C LEU D 200 -13.33 -27.98 10.22
N GLY D 201 -12.83 -26.89 9.64
CA GLY D 201 -12.64 -26.82 8.20
C GLY D 201 -11.62 -27.79 7.65
N PRO E 3 -13.77 -42.42 36.99
CA PRO E 3 -13.66 -41.06 36.47
C PRO E 3 -15.01 -40.35 36.36
N GLU E 4 -16.06 -41.12 36.07
CA GLU E 4 -17.39 -40.53 35.88
C GLU E 4 -17.92 -39.94 37.19
N GLU E 5 -17.97 -40.76 38.25
CA GLU E 5 -18.39 -40.25 39.55
C GLU E 5 -17.45 -39.15 40.02
N ILE E 6 -16.15 -39.31 39.76
CA ILE E 6 -15.17 -38.27 40.10
C ILE E 6 -15.51 -36.98 39.37
N LEU E 7 -15.81 -37.08 38.07
CA LEU E 7 -16.15 -35.89 37.30
C LEU E 7 -17.40 -35.22 37.84
N GLU E 8 -18.42 -36.00 38.17
CA GLU E 8 -19.66 -35.42 38.67
C GLU E 8 -19.45 -34.74 40.03
N ARG E 9 -18.67 -35.38 40.90
CA ARG E 9 -18.38 -34.76 42.19
C ARG E 9 -17.61 -33.47 42.03
N ALA E 10 -16.63 -33.46 41.11
CA ALA E 10 -15.88 -32.24 40.86
C ALA E 10 -16.78 -31.14 40.31
N LYS E 11 -17.69 -31.50 39.41
CA LYS E 11 -18.62 -30.51 38.88
C LYS E 11 -19.51 -29.94 39.98
N GLU E 12 -20.04 -30.80 40.85
CA GLU E 12 -20.89 -30.31 41.92
C GLU E 12 -20.11 -29.42 42.88
N SER E 13 -18.84 -29.75 43.15
CA SER E 13 -18.03 -28.89 43.98
C SER E 13 -17.79 -27.54 43.31
N LEU E 14 -17.63 -27.54 41.99
CA LEU E 14 -17.51 -26.28 41.27
C LEU E 14 -18.78 -25.45 41.39
N GLU E 15 -19.94 -26.11 41.34
CA GLU E 15 -21.19 -25.39 41.55
C GLU E 15 -21.25 -24.79 42.95
N ARG E 16 -20.85 -25.57 43.96
CA ARG E 16 -20.75 -25.05 45.32
C ARG E 16 -19.88 -23.81 45.36
N ALA E 17 -18.73 -23.86 44.69
CA ALA E 17 -17.80 -22.73 44.71
C ALA E 17 -18.40 -21.51 44.04
N ARG E 18 -19.09 -21.71 42.92
CA ARG E 18 -19.72 -20.58 42.23
C ARG E 18 -20.79 -19.94 43.10
N GLU E 19 -21.63 -20.76 43.73
CA GLU E 19 -22.66 -20.23 44.61
C GLU E 19 -22.03 -19.50 45.79
N ALA E 20 -20.95 -20.04 46.34
CA ALA E 20 -20.28 -19.40 47.46
C ALA E 20 -19.64 -18.09 47.05
N SER E 21 -19.19 -17.99 45.79
CA SER E 21 -18.62 -16.74 45.30
C SER E 21 -19.70 -15.70 45.10
N GLU E 22 -20.86 -16.10 44.57
CA GLU E 22 -21.95 -15.14 44.42
C GLU E 22 -22.48 -14.69 45.78
N ARG E 23 -22.64 -15.62 46.72
CA ARG E 23 -23.11 -15.25 48.04
C ARG E 23 -22.03 -14.52 48.84
N GLY E 24 -20.76 -14.83 48.57
CA GLY E 24 -19.67 -14.16 49.23
C GLY E 24 -19.05 -14.96 50.37
N ASP E 25 -18.83 -16.26 50.16
CA ASP E 25 -18.22 -17.10 51.17
C ASP E 25 -16.71 -17.20 50.95
N GLU E 26 -16.01 -17.57 52.01
CA GLU E 26 -14.58 -17.87 51.94
C GLU E 26 -14.26 -19.30 52.34
N GLU E 27 -14.77 -19.75 53.48
CA GLU E 27 -14.47 -21.10 53.96
C GLU E 27 -14.97 -22.15 52.97
N GLU E 28 -16.27 -22.12 52.66
CA GLU E 28 -16.80 -23.00 51.64
C GLU E 28 -16.17 -22.75 50.29
N PHE E 29 -15.87 -21.48 50.00
CA PHE E 29 -15.20 -21.14 48.74
C PHE E 29 -13.90 -21.92 48.58
N ARG E 30 -12.94 -21.69 49.48
CA ARG E 30 -11.65 -22.36 49.37
C ARG E 30 -11.79 -23.87 49.53
N LYS E 31 -12.72 -24.31 50.38
CA LYS E 31 -12.86 -25.75 50.60
C LYS E 31 -13.33 -26.46 49.33
N ALA E 32 -14.41 -25.98 48.72
CA ALA E 32 -14.87 -26.57 47.48
C ALA E 32 -13.84 -26.40 46.38
N ALA E 33 -13.12 -25.29 46.37
CA ALA E 33 -12.11 -25.09 45.34
C ALA E 33 -11.01 -26.14 45.44
N GLU E 34 -10.41 -26.28 46.62
CA GLU E 34 -9.32 -27.23 46.77
C GLU E 34 -9.81 -28.66 46.63
N LYS E 35 -11.06 -28.93 47.00
CA LYS E 35 -11.64 -30.23 46.74
C LYS E 35 -11.73 -30.49 45.24
N ALA E 36 -12.13 -29.46 44.48
CA ALA E 36 -12.22 -29.60 43.03
C ALA E 36 -10.85 -29.86 42.43
N LEU E 37 -9.83 -29.17 42.93
CA LEU E 37 -8.49 -29.38 42.39
C LEU E 37 -7.95 -30.76 42.75
N GLU E 38 -8.19 -31.19 43.98
CA GLU E 38 -7.80 -32.54 44.38
C GLU E 38 -8.50 -33.59 43.51
N LEU E 39 -9.79 -33.40 43.26
CA LEU E 39 -10.53 -34.35 42.45
C LEU E 39 -10.05 -34.32 41.01
N ALA E 40 -9.70 -33.14 40.50
CA ALA E 40 -9.18 -33.05 39.13
C ALA E 40 -7.83 -33.74 39.01
N LYS E 41 -6.97 -33.61 40.03
CA LYS E 41 -5.70 -34.32 40.00
C LYS E 41 -5.91 -35.82 40.09
N ARG E 42 -6.84 -36.25 40.93
CA ARG E 42 -7.20 -37.66 40.99
C ARG E 42 -7.70 -38.15 39.64
N LEU E 43 -8.45 -37.30 38.93
CA LEU E 43 -8.97 -37.69 37.62
C LEU E 43 -7.85 -37.77 36.60
N VAL E 44 -6.86 -36.87 36.71
CA VAL E 44 -5.68 -36.95 35.85
C VAL E 44 -4.94 -38.26 36.10
N GLU E 45 -4.80 -38.64 37.37
CA GLU E 45 -4.21 -39.94 37.71
C GLU E 45 -4.98 -41.07 37.04
N GLN E 46 -6.31 -41.05 37.18
CA GLN E 46 -7.15 -42.09 36.59
C GLN E 46 -6.99 -42.15 35.08
N ALA E 47 -6.80 -40.99 34.45
CA ALA E 47 -6.67 -40.93 33.00
C ALA E 47 -5.45 -41.72 32.52
N LYS E 48 -4.30 -41.51 33.19
CA LYS E 48 -3.09 -42.22 32.78
C LYS E 48 -3.15 -43.69 33.19
N LYS E 49 -3.71 -43.98 34.36
CA LYS E 49 -3.81 -45.38 34.77
C LYS E 49 -4.76 -46.17 33.88
N GLU E 50 -5.68 -45.49 33.20
CA GLU E 50 -6.62 -46.14 32.30
C GLU E 50 -6.54 -45.60 30.89
N GLY E 51 -5.44 -44.94 30.53
CA GLY E 51 -5.19 -44.56 29.14
C GLY E 51 -6.29 -43.78 28.47
N ASP E 52 -6.78 -42.71 29.10
CA ASP E 52 -7.83 -41.89 28.52
C ASP E 52 -7.35 -40.46 28.39
N PRO E 53 -7.11 -39.95 27.18
CA PRO E 53 -6.65 -38.56 27.06
C PRO E 53 -7.74 -37.54 27.35
N GLU E 54 -8.97 -37.80 26.92
CA GLU E 54 -10.04 -36.81 27.07
C GLU E 54 -10.26 -36.45 28.52
N LEU E 55 -10.05 -37.39 29.43
CA LEU E 55 -10.16 -37.09 30.85
C LEU E 55 -9.20 -35.99 31.26
N VAL E 56 -7.98 -36.00 30.71
CA VAL E 56 -7.02 -34.95 31.03
C VAL E 56 -7.57 -33.60 30.60
N LEU E 57 -8.13 -33.53 29.39
CA LEU E 57 -8.68 -32.28 28.91
C LEU E 57 -9.82 -31.80 29.79
N GLU E 58 -10.68 -32.71 30.24
CA GLU E 58 -11.80 -32.29 31.09
C GLU E 58 -11.30 -31.82 32.45
N ALA E 59 -10.30 -32.49 33.00
CA ALA E 59 -9.70 -32.01 34.24
C ALA E 59 -9.11 -30.62 34.06
N ALA E 60 -8.50 -30.38 32.90
CA ALA E 60 -7.96 -29.06 32.61
C ALA E 60 -9.07 -28.02 32.57
N ARG E 61 -10.18 -28.36 31.94
CA ARG E 61 -11.32 -27.46 31.83
C ARG E 61 -11.88 -27.15 33.22
N VAL E 62 -11.95 -28.17 34.07
CA VAL E 62 -12.45 -27.97 35.43
C VAL E 62 -11.52 -27.04 36.19
N ALA E 63 -10.22 -27.24 36.01
CA ALA E 63 -9.23 -26.40 36.67
C ALA E 63 -9.33 -24.96 36.18
N LEU E 64 -9.56 -24.81 34.88
CA LEU E 64 -9.70 -23.50 34.28
C LEU E 64 -10.91 -22.77 34.84
N TRP E 65 -12.00 -23.50 35.03
CA TRP E 65 -13.23 -22.92 35.56
C TRP E 65 -12.98 -22.40 36.98
N VAL E 66 -12.25 -23.19 37.77
CA VAL E 66 -11.93 -22.79 39.14
C VAL E 66 -11.08 -21.53 39.14
N ALA E 67 -10.12 -21.47 38.21
CA ALA E 67 -9.24 -20.31 38.08
C ALA E 67 -10.05 -19.07 37.72
N GLU E 68 -10.98 -19.21 36.80
CA GLU E 68 -11.72 -18.05 36.38
C GLU E 68 -12.47 -17.49 37.56
N LEU E 69 -13.01 -18.39 38.35
CA LEU E 69 -13.79 -18.01 39.50
C LEU E 69 -12.97 -17.28 40.51
N ALA E 70 -11.73 -17.69 40.70
CA ALA E 70 -10.90 -16.99 41.62
C ALA E 70 -10.72 -15.56 41.17
N ALA E 71 -10.47 -15.34 39.88
CA ALA E 71 -10.30 -13.99 39.41
C ALA E 71 -11.55 -13.18 39.61
N LYS E 72 -12.72 -13.75 39.36
CA LYS E 72 -13.89 -12.92 39.62
C LYS E 72 -13.92 -12.66 41.11
N ASN E 73 -13.70 -13.71 41.88
CA ASN E 73 -13.63 -13.55 43.32
C ASN E 73 -12.44 -12.73 43.77
N GLY E 74 -11.30 -12.98 43.17
CA GLY E 74 -10.07 -12.28 43.53
C GLY E 74 -9.22 -12.93 44.61
N ASP E 75 -9.65 -14.08 45.11
CA ASP E 75 -8.90 -14.80 46.14
C ASP E 75 -7.63 -15.36 45.52
N LYS E 76 -6.51 -14.67 45.74
CA LYS E 76 -5.28 -15.04 45.07
C LYS E 76 -4.69 -16.33 45.63
N GLU E 77 -4.86 -16.55 46.94
CA GLU E 77 -4.22 -17.69 47.60
C GLU E 77 -4.67 -19.00 46.98
N VAL E 78 -5.91 -19.06 46.49
CA VAL E 78 -6.38 -20.26 45.81
C VAL E 78 -6.11 -20.16 44.32
N PHE E 79 -6.08 -18.94 43.78
CA PHE E 79 -5.88 -18.75 42.36
C PHE E 79 -4.50 -19.26 41.92
N LYS E 80 -3.49 -19.01 42.75
CA LYS E 80 -2.15 -19.48 42.41
C LYS E 80 -2.10 -20.99 42.37
N LYS E 81 -2.70 -21.66 43.34
CA LYS E 81 -2.74 -23.11 43.34
C LYS E 81 -3.49 -23.63 42.12
N ALA E 82 -4.59 -22.97 41.76
CA ALA E 82 -5.36 -23.40 40.60
C ALA E 82 -4.54 -23.25 39.32
N ALA E 83 -3.83 -22.15 39.17
CA ALA E 83 -3.03 -21.96 37.97
C ALA E 83 -1.88 -22.94 37.92
N GLU E 84 -1.25 -23.22 39.07
CA GLU E 84 -0.19 -24.22 39.10
C GLU E 84 -0.73 -25.56 38.64
N SER E 85 -1.90 -25.95 39.17
CA SER E 85 -2.54 -27.19 38.73
C SER E 85 -2.82 -27.19 37.24
N ALA E 86 -3.34 -26.08 36.72
CA ALA E 86 -3.70 -26.02 35.31
C ALA E 86 -2.48 -26.16 34.42
N LEU E 87 -1.39 -25.48 34.79
CA LEU E 87 -0.17 -25.60 34.00
C LEU E 87 0.39 -27.01 34.07
N GLU E 88 0.34 -27.64 35.25
CA GLU E 88 0.82 -29.01 35.37
C GLU E 88 -0.01 -29.96 34.51
N VAL E 89 -1.32 -29.76 34.49
CA VAL E 89 -2.18 -30.57 33.64
C VAL E 89 -1.86 -30.33 32.17
N ALA E 90 -1.55 -29.08 31.82
CA ALA E 90 -1.13 -28.80 30.45
C ALA E 90 0.14 -29.54 30.09
N LYS E 91 1.11 -29.56 31.01
CA LYS E 91 2.34 -30.31 30.78
C LYS E 91 2.06 -31.79 30.57
N ARG E 92 1.20 -32.35 31.43
CA ARG E 92 0.84 -33.76 31.29
C ARG E 92 0.16 -34.01 29.95
N LEU E 93 -0.67 -33.06 29.50
CA LEU E 93 -1.34 -33.19 28.22
C LEU E 93 -0.32 -33.21 27.08
N VAL E 94 0.65 -32.30 27.14
CA VAL E 94 1.73 -32.31 26.14
C VAL E 94 2.45 -33.65 26.15
N GLU E 95 2.75 -34.16 27.35
CA GLU E 95 3.49 -35.43 27.44
C GLU E 95 2.71 -36.56 26.78
N VAL E 96 1.45 -36.74 27.17
CA VAL E 96 0.67 -37.84 26.62
C VAL E 96 0.42 -37.66 25.13
N ALA E 97 0.29 -36.41 24.66
CA ALA E 97 0.06 -36.19 23.25
C ALA E 97 1.30 -36.54 22.43
N SER E 98 2.47 -36.07 22.85
CA SER E 98 3.70 -36.46 22.17
C SER E 98 3.92 -37.96 22.27
N LYS E 99 3.45 -38.58 23.35
CA LYS E 99 3.56 -40.03 23.46
C LYS E 99 2.71 -40.73 22.42
N GLU E 100 1.45 -40.31 22.27
CA GLU E 100 0.54 -41.00 21.35
C GLU E 100 0.65 -40.46 19.93
N GLY E 101 0.85 -39.16 19.77
CA GLY E 101 0.83 -38.57 18.44
C GLY E 101 -0.56 -38.10 18.05
N ASP E 102 -1.15 -37.26 18.88
CA ASP E 102 -2.49 -36.73 18.65
C ASP E 102 -2.43 -35.20 18.69
N PRO E 103 -2.66 -34.53 17.57
CA PRO E 103 -2.47 -33.08 17.52
C PRO E 103 -3.43 -32.30 18.41
N ASP E 104 -4.72 -32.63 18.35
CA ASP E 104 -5.73 -31.84 19.06
C ASP E 104 -5.38 -31.63 20.52
N LEU E 105 -4.78 -32.64 21.15
CA LEU E 105 -4.40 -32.50 22.55
C LEU E 105 -3.37 -31.39 22.73
N VAL E 106 -2.42 -31.28 21.80
CA VAL E 106 -1.40 -30.25 21.91
C VAL E 106 -2.04 -28.87 21.79
N ALA E 107 -2.94 -28.70 20.83
CA ALA E 107 -3.62 -27.41 20.68
C ALA E 107 -4.40 -27.05 21.93
N TRP E 108 -5.08 -28.05 22.52
CA TRP E 108 -5.79 -27.77 23.75
C TRP E 108 -4.84 -27.38 24.87
N ALA E 109 -3.66 -27.99 24.90
CA ALA E 109 -2.66 -27.60 25.90
C ALA E 109 -2.26 -26.15 25.70
N ALA E 110 -2.01 -25.75 24.46
CA ALA E 110 -1.63 -24.37 24.19
C ALA E 110 -2.73 -23.41 24.62
N LEU E 111 -3.97 -23.76 24.33
CA LEU E 111 -5.08 -22.89 24.72
C LEU E 111 -5.21 -22.81 26.22
N VAL E 112 -4.98 -23.92 26.93
CA VAL E 112 -5.05 -23.89 28.39
C VAL E 112 -3.97 -22.98 28.95
N ALA E 113 -2.74 -23.11 28.44
CA ALA E 113 -1.67 -22.24 28.89
C ALA E 113 -2.00 -20.78 28.65
N LEU E 114 -2.45 -20.46 27.44
CA LEU E 114 -2.78 -19.07 27.15
C LEU E 114 -3.93 -18.58 28.01
N TRP E 115 -4.87 -19.46 28.37
CA TRP E 115 -5.99 -18.99 29.18
C TRP E 115 -5.55 -18.73 30.60
N VAL E 116 -4.66 -19.56 31.14
CA VAL E 116 -4.07 -19.25 32.44
C VAL E 116 -3.37 -17.90 32.37
N ALA E 117 -2.63 -17.67 31.28
CA ALA E 117 -1.97 -16.39 31.11
C ALA E 117 -2.96 -15.24 31.11
N PHE E 118 -4.08 -15.40 30.39
CA PHE E 118 -5.06 -14.33 30.31
C PHE E 118 -5.71 -14.08 31.66
N LEU E 119 -5.98 -15.13 32.42
CA LEU E 119 -6.52 -14.95 33.76
C LEU E 119 -5.55 -14.19 34.64
N ALA E 120 -4.26 -14.52 34.54
CA ALA E 120 -3.25 -13.77 35.27
C ALA E 120 -3.27 -12.31 34.87
N PHE E 121 -3.31 -12.05 33.56
CA PHE E 121 -3.34 -10.68 33.07
C PHE E 121 -4.55 -9.93 33.61
N LEU E 122 -5.67 -10.62 33.74
CA LEU E 122 -6.85 -10.01 34.32
C LEU E 122 -6.63 -9.67 35.78
N ASN E 123 -6.24 -10.66 36.58
CA ASN E 123 -6.03 -10.40 38.00
C ASN E 123 -4.80 -9.55 38.26
N GLY E 124 -3.80 -9.60 37.40
CA GLY E 124 -2.58 -8.85 37.61
C GLY E 124 -1.64 -9.52 38.59
N ASP E 125 -1.16 -10.70 38.25
CA ASP E 125 -0.21 -11.46 39.06
C ASP E 125 0.97 -11.78 38.16
N LYS E 126 1.99 -10.94 38.19
CA LYS E 126 3.10 -11.07 37.25
C LYS E 126 3.83 -12.39 37.40
N GLU E 127 3.89 -12.95 38.61
CA GLU E 127 4.59 -14.22 38.82
C GLU E 127 3.96 -15.33 38.01
N VAL E 128 2.68 -15.61 38.27
CA VAL E 128 2.01 -16.68 37.54
C VAL E 128 1.94 -16.34 36.06
N PHE E 129 1.95 -15.05 35.72
CA PHE E 129 1.99 -14.67 34.31
C PHE E 129 3.27 -15.18 33.65
N LYS E 130 4.41 -15.01 34.33
CA LYS E 130 5.66 -15.53 33.79
C LYS E 130 5.63 -17.05 33.70
N LYS E 131 5.10 -17.71 34.73
CA LYS E 131 5.00 -19.17 34.64
C LYS E 131 4.16 -19.59 33.45
N ALA E 132 3.05 -18.91 33.23
CA ALA E 132 2.16 -19.24 32.12
C ALA E 132 2.84 -19.02 30.78
N ALA E 133 3.53 -17.89 30.63
CA ALA E 133 4.19 -17.62 29.36
C ALA E 133 5.27 -18.66 29.08
N GLU E 134 6.03 -19.04 30.11
CA GLU E 134 7.04 -20.07 29.91
C GLU E 134 6.40 -21.38 29.48
N SER E 135 5.33 -21.78 30.15
CA SER E 135 4.66 -23.01 29.77
C SER E 135 4.12 -22.92 28.35
N ALA E 136 3.65 -21.75 27.95
CA ALA E 136 3.10 -21.59 26.61
C ALA E 136 4.19 -21.72 25.55
N LEU E 137 5.35 -21.11 25.79
CA LEU E 137 6.44 -21.26 24.84
C LEU E 137 6.92 -22.70 24.77
N GLU E 138 6.95 -23.38 25.91
CA GLU E 138 7.29 -24.80 25.89
C GLU E 138 6.29 -25.60 25.06
N VAL E 139 5.00 -25.26 25.20
CA VAL E 139 3.99 -25.94 24.42
C VAL E 139 4.17 -25.64 22.94
N ALA E 140 4.60 -24.43 22.60
CA ALA E 140 4.88 -24.13 21.20
C ALA E 140 6.02 -24.98 20.67
N LYS E 141 7.07 -25.15 21.47
CA LYS E 141 8.14 -26.08 21.12
C LYS E 141 7.58 -27.44 20.79
N ALA E 142 6.88 -28.04 21.74
CA ALA E 142 6.36 -29.39 21.54
C ALA E 142 5.36 -29.43 20.39
N LEU E 143 4.70 -28.32 20.11
CA LEU E 143 3.72 -28.28 19.03
C LEU E 143 4.43 -28.36 17.69
N MET E 144 5.50 -27.57 17.51
CA MET E 144 6.29 -27.69 16.29
C MET E 144 6.87 -29.10 16.17
N GLU E 145 7.31 -29.67 17.27
CA GLU E 145 7.87 -30.99 17.19
C GLU E 145 6.84 -31.99 16.74
N VAL E 146 5.65 -31.93 17.28
CA VAL E 146 4.65 -32.89 16.85
C VAL E 146 4.33 -32.65 15.38
N ALA E 147 4.08 -31.41 15.02
CA ALA E 147 3.82 -31.09 13.63
C ALA E 147 4.83 -31.77 12.72
N MET E 148 6.11 -31.68 13.06
CA MET E 148 7.12 -32.37 12.28
C MET E 148 6.89 -33.88 12.30
N LYS E 149 6.34 -34.39 13.41
CA LYS E 149 6.24 -35.83 13.57
C LYS E 149 5.04 -36.41 12.81
N VAL E 150 3.88 -35.76 12.90
CA VAL E 150 2.64 -36.41 12.47
C VAL E 150 1.96 -35.57 11.37
N GLY E 151 2.76 -34.85 10.59
CA GLY E 151 2.17 -34.04 9.54
C GLY E 151 1.36 -32.90 10.12
N ALA E 152 0.13 -32.73 9.63
CA ALA E 152 -0.77 -31.69 10.10
C ALA E 152 -0.12 -30.32 10.06
N PRO E 153 0.03 -29.73 8.88
CA PRO E 153 0.73 -28.44 8.78
C PRO E 153 0.14 -27.34 9.64
N TRP E 154 -1.18 -27.34 9.87
CA TRP E 154 -1.79 -26.25 10.61
C TRP E 154 -1.20 -26.10 12.01
N LEU E 155 -0.61 -27.16 12.56
CA LEU E 155 0.08 -27.03 13.84
C LEU E 155 1.19 -25.98 13.76
N VAL E 156 1.84 -25.86 12.61
CA VAL E 156 2.90 -24.87 12.45
C VAL E 156 2.35 -23.47 12.63
N GLU E 157 1.27 -23.17 11.89
CA GLU E 157 0.65 -21.85 11.99
C GLU E 157 0.16 -21.60 13.40
N LEU E 158 -0.40 -22.62 14.05
CA LEU E 158 -0.86 -22.45 15.42
C LEU E 158 0.30 -22.12 16.35
N ALA E 159 1.44 -22.77 16.15
CA ALA E 159 2.59 -22.51 17.02
C ALA E 159 3.10 -21.08 16.85
N ILE E 160 3.26 -20.65 15.60
CA ILE E 160 3.71 -19.27 15.37
C ILE E 160 2.71 -18.28 15.97
N ALA E 161 1.42 -18.56 15.82
CA ALA E 161 0.41 -17.66 16.36
C ALA E 161 0.45 -17.64 17.89
N VAL E 162 0.72 -18.78 18.52
CA VAL E 162 0.83 -18.80 19.97
C VAL E 162 2.02 -17.98 20.42
N ALA E 163 3.13 -18.06 19.69
CA ALA E 163 4.28 -17.22 20.01
C ALA E 163 3.92 -15.74 19.90
N ARG E 164 3.26 -15.36 18.81
CA ARG E 164 2.85 -13.97 18.65
C ARG E 164 1.90 -13.54 19.76
N ALA E 165 1.03 -14.44 20.19
CA ALA E 165 0.08 -14.10 21.25
C ALA E 165 0.79 -13.89 22.57
N VAL E 166 1.75 -14.76 22.89
CA VAL E 166 2.52 -14.56 24.11
C VAL E 166 3.24 -13.22 24.06
N TRP E 167 3.82 -12.89 22.92
CA TRP E 167 4.49 -11.61 22.79
C TRP E 167 3.53 -10.46 23.04
N LEU E 168 2.36 -10.49 22.40
CA LEU E 168 1.45 -9.35 22.56
C LEU E 168 0.91 -9.26 23.99
N LEU E 169 0.67 -10.40 24.63
CA LEU E 169 0.21 -10.36 26.01
C LEU E 169 1.27 -9.76 26.91
N ALA E 170 2.52 -10.17 26.73
CA ALA E 170 3.59 -9.54 27.49
C ALA E 170 3.69 -8.05 27.17
N GLU E 171 3.34 -7.67 25.95
CA GLU E 171 3.35 -6.26 25.57
C GLU E 171 2.36 -5.47 26.41
N LEU E 172 1.11 -5.96 26.48
CA LEU E 172 0.10 -5.24 27.24
C LEU E 172 0.44 -5.21 28.72
N PHE E 173 0.86 -6.34 29.28
CA PHE E 173 1.14 -6.38 30.71
C PHE E 173 2.40 -5.60 31.05
N GLY E 174 3.50 -5.88 30.36
CA GLY E 174 4.70 -5.09 30.52
C GLY E 174 5.94 -5.85 30.89
N ASP E 175 5.84 -7.18 31.05
CA ASP E 175 6.97 -8.00 31.48
C ASP E 175 7.95 -8.12 30.32
N GLU E 176 8.83 -7.12 30.21
CA GLU E 176 9.71 -7.03 29.05
C GLU E 176 10.60 -8.27 28.92
N GLU E 177 10.97 -8.89 30.03
CA GLU E 177 11.73 -10.14 29.96
C GLU E 177 10.96 -11.19 29.17
N VAL E 178 9.72 -11.45 29.59
CA VAL E 178 8.88 -12.40 28.87
C VAL E 178 8.70 -11.97 27.43
N ARG E 179 8.55 -10.67 27.20
CA ARG E 179 8.41 -10.18 25.84
C ARG E 179 9.63 -10.49 25.00
N ARG E 180 10.82 -10.31 25.57
CA ARG E 180 12.03 -10.61 24.81
C ARG E 180 12.13 -12.10 24.52
N ARG E 181 11.86 -12.94 25.52
CA ARG E 181 11.82 -14.37 25.28
C ARG E 181 10.89 -14.70 24.13
N ALA E 182 9.69 -14.11 24.15
CA ALA E 182 8.69 -14.43 23.14
C ALA E 182 9.13 -13.97 21.76
N GLU E 183 9.71 -12.79 21.65
CA GLU E 183 10.14 -12.30 20.35
C GLU E 183 11.23 -13.18 19.77
N ALA E 184 12.25 -13.49 20.57
CA ALA E 184 13.30 -14.38 20.10
C ALA E 184 12.73 -15.73 19.70
N PHE E 185 11.76 -16.22 20.47
CA PHE E 185 11.17 -17.51 20.17
C PHE E 185 10.37 -17.46 18.88
N GLU E 186 9.71 -16.35 18.60
CA GLU E 186 8.99 -16.22 17.35
C GLU E 186 9.93 -16.25 16.17
N ILE E 187 11.09 -15.58 16.30
CA ILE E 187 12.06 -15.60 15.21
C ILE E 187 12.53 -17.03 14.94
N ILE E 188 13.04 -17.69 15.98
CA ILE E 188 13.57 -19.02 15.76
C ILE E 188 12.47 -19.98 15.31
N LEU E 189 11.22 -19.71 15.71
CA LEU E 189 10.13 -20.57 15.28
C LEU E 189 9.75 -20.31 13.84
N ARG E 190 9.89 -19.08 13.35
CA ARG E 190 9.69 -18.86 11.92
C ARG E 190 10.69 -19.67 11.12
N ILE E 191 11.94 -19.72 11.59
CA ILE E 191 12.93 -20.54 10.89
C ILE E 191 12.53 -22.01 10.91
N ALA E 192 12.29 -22.55 12.11
CA ALA E 192 11.89 -23.95 12.21
C ALA E 192 10.63 -24.22 11.39
N ALA E 193 9.76 -23.22 11.25
CA ALA E 193 8.52 -23.40 10.52
C ALA E 193 8.80 -23.56 9.04
N ILE E 194 9.69 -22.73 8.50
CA ILE E 194 10.04 -22.89 7.09
C ILE E 194 10.66 -24.26 6.87
N ALA E 195 11.46 -24.73 7.85
CA ALA E 195 12.09 -26.04 7.71
C ALA E 195 11.04 -27.14 7.67
N VAL E 196 10.11 -27.13 8.63
CA VAL E 196 9.13 -28.20 8.73
C VAL E 196 8.17 -28.17 7.56
N LYS E 197 7.76 -26.97 7.12
CA LYS E 197 6.89 -26.88 5.96
C LYS E 197 7.56 -27.48 4.74
N ALA E 198 8.84 -27.17 4.53
CA ALA E 198 9.53 -27.77 3.39
C ALA E 198 9.63 -29.28 3.54
N TRP E 199 9.92 -29.75 4.75
CA TRP E 199 10.02 -31.19 4.99
C TRP E 199 8.74 -31.90 4.61
N LEU E 200 7.61 -31.47 5.17
CA LEU E 200 6.35 -32.19 4.98
C LEU E 200 5.76 -31.92 3.60
N GLY E 201 5.42 -30.67 3.33
CA GLY E 201 4.73 -30.32 2.10
C GLY E 201 5.52 -30.57 0.83
N PRO F 3 25.82 -47.78 20.17
CA PRO F 3 25.12 -46.49 20.21
C PRO F 3 23.80 -46.56 20.97
N GLU F 4 23.13 -47.70 20.91
CA GLU F 4 21.84 -47.84 21.56
C GLU F 4 21.96 -47.78 23.08
N GLU F 5 22.80 -48.64 23.65
CA GLU F 5 23.06 -48.57 25.10
C GLU F 5 23.63 -47.21 25.48
N ILE F 6 24.50 -46.66 24.64
CA ILE F 6 25.03 -45.33 24.89
C ILE F 6 23.91 -44.31 24.93
N LEU F 7 22.99 -44.38 23.97
CA LEU F 7 21.88 -43.45 23.92
C LEU F 7 21.01 -43.56 25.16
N GLU F 8 20.72 -44.80 25.59
CA GLU F 8 19.87 -44.98 26.75
C GLU F 8 20.55 -44.47 28.02
N ARG F 9 21.85 -44.72 28.17
CA ARG F 9 22.57 -44.22 29.32
C ARG F 9 22.60 -42.70 29.34
N ALA F 10 22.80 -42.08 28.17
CA ALA F 10 22.78 -40.62 28.10
C ALA F 10 21.40 -40.08 28.45
N LYS F 11 20.35 -40.74 27.98
CA LYS F 11 19.00 -40.30 28.32
C LYS F 11 18.75 -40.39 29.82
N GLU F 12 19.16 -41.50 30.44
CA GLU F 12 18.96 -41.66 31.88
C GLU F 12 19.76 -40.61 32.66
N SER F 13 20.97 -40.29 32.19
CA SER F 13 21.74 -39.24 32.85
C SER F 13 21.06 -37.90 32.71
N LEU F 14 20.43 -37.64 31.55
CA LEU F 14 19.66 -36.42 31.38
C LEU F 14 18.48 -36.37 32.36
N GLU F 15 17.84 -37.52 32.57
CA GLU F 15 16.75 -37.56 33.56
C GLU F 15 17.28 -37.25 34.96
N ARG F 16 18.44 -37.84 35.31
CA ARG F 16 19.08 -37.52 36.57
C ARG F 16 19.31 -36.02 36.70
N ALA F 17 19.82 -35.39 35.63
CA ALA F 17 20.11 -33.97 35.68
C ALA F 17 18.84 -33.14 35.84
N ARG F 18 17.77 -33.52 35.16
CA ARG F 18 16.51 -32.79 35.29
C ARG F 18 15.97 -32.89 36.72
N GLU F 19 16.00 -34.10 37.28
CA GLU F 19 15.55 -34.28 38.66
C GLU F 19 16.41 -33.48 39.63
N ALA F 20 17.72 -33.46 39.40
CA ALA F 20 18.62 -32.71 40.27
C ALA F 20 18.40 -31.21 40.14
N SER F 21 17.99 -30.76 38.95
CA SER F 21 17.68 -29.34 38.76
C SER F 21 16.38 -28.97 39.47
N GLU F 22 15.37 -29.84 39.39
CA GLU F 22 14.13 -29.55 40.11
C GLU F 22 14.34 -29.61 41.62
N ARG F 23 15.09 -30.60 42.11
CA ARG F 23 15.35 -30.69 43.54
C ARG F 23 16.34 -29.62 43.98
N GLY F 24 17.24 -29.21 43.10
CA GLY F 24 18.19 -28.16 43.42
C GLY F 24 19.58 -28.68 43.77
N ASP F 25 20.09 -29.63 43.02
CA ASP F 25 21.42 -30.18 43.24
C ASP F 25 22.45 -29.47 42.38
N GLU F 26 23.70 -29.56 42.79
CA GLU F 26 24.83 -29.09 42.00
C GLU F 26 25.81 -30.19 41.64
N GLU F 27 26.25 -30.97 42.63
CA GLU F 27 27.21 -32.04 42.37
C GLU F 27 26.66 -33.06 41.39
N GLU F 28 25.51 -33.65 41.72
CA GLU F 28 24.86 -34.56 40.79
C GLU F 28 24.48 -33.84 39.50
N PHE F 29 24.08 -32.57 39.61
CA PHE F 29 23.74 -31.79 38.42
C PHE F 29 24.89 -31.79 37.43
N ARG F 30 26.03 -31.21 37.84
CA ARG F 30 27.17 -31.12 36.93
C ARG F 30 27.70 -32.49 36.54
N LYS F 31 27.65 -33.44 37.48
CA LYS F 31 28.18 -34.77 37.18
C LYS F 31 27.38 -35.45 36.08
N ALA F 32 26.06 -35.52 36.24
CA ALA F 32 25.22 -36.11 35.20
C ALA F 32 25.31 -35.31 33.92
N ALA F 33 25.44 -33.99 34.01
CA ALA F 33 25.54 -33.18 32.81
C ALA F 33 26.79 -33.52 32.02
N GLU F 34 27.96 -33.49 32.66
CA GLU F 34 29.20 -33.76 31.94
C GLU F 34 29.26 -35.22 31.50
N LYS F 35 28.64 -36.12 32.26
CA LYS F 35 28.53 -37.50 31.80
C LYS F 35 27.71 -37.57 30.53
N ALA F 36 26.61 -36.81 30.47
CA ALA F 36 25.78 -36.80 29.27
C ALA F 36 26.55 -36.25 28.08
N LEU F 37 27.34 -35.21 28.30
CA LEU F 37 28.11 -34.63 27.20
C LEU F 37 29.20 -35.58 26.73
N GLU F 38 29.89 -36.24 27.68
CA GLU F 38 30.88 -37.24 27.32
C GLU F 38 30.26 -38.38 26.53
N LEU F 39 29.08 -38.83 26.96
CA LEU F 39 28.40 -39.92 26.26
C LEU F 39 27.94 -39.47 24.88
N ALA F 40 27.50 -38.23 24.76
CA ALA F 40 27.08 -37.72 23.46
C ALA F 40 28.27 -37.62 22.51
N LYS F 41 29.43 -37.19 23.01
CA LYS F 41 30.61 -37.14 22.16
C LYS F 41 31.05 -38.55 21.76
N ARG F 42 30.98 -39.49 22.70
CA ARG F 42 31.25 -40.89 22.37
C ARG F 42 30.30 -41.38 21.29
N LEU F 43 29.03 -40.95 21.36
CA LEU F 43 28.05 -41.39 20.38
C LEU F 43 28.33 -40.76 19.02
N VAL F 44 28.80 -39.51 19.02
CA VAL F 44 29.23 -38.87 17.78
C VAL F 44 30.39 -39.65 17.16
N GLU F 45 31.35 -40.06 18.00
CA GLU F 45 32.43 -40.91 17.52
C GLU F 45 31.90 -42.18 16.89
N GLN F 46 30.98 -42.85 17.58
CA GLN F 46 30.40 -44.10 17.07
C GLN F 46 29.69 -43.87 15.75
N ALA F 47 29.06 -42.71 15.59
CA ALA F 47 28.32 -42.41 14.37
C ALA F 47 29.24 -42.41 13.16
N LYS F 48 30.39 -41.74 13.27
CA LYS F 48 31.32 -41.68 12.14
C LYS F 48 32.02 -43.01 11.95
N LYS F 49 32.38 -43.70 13.04
CA LYS F 49 33.04 -44.98 12.89
C LYS F 49 32.11 -46.02 12.28
N GLU F 50 30.80 -45.82 12.38
CA GLU F 50 29.84 -46.74 11.82
C GLU F 50 28.89 -46.07 10.82
N GLY F 51 29.27 -44.91 10.31
CA GLY F 51 28.55 -44.28 9.21
C GLY F 51 27.06 -44.10 9.43
N ASP F 52 26.67 -43.50 10.55
CA ASP F 52 25.27 -43.27 10.85
C ASP F 52 25.04 -41.77 11.09
N PRO F 53 24.35 -41.08 10.18
CA PRO F 53 24.12 -39.65 10.41
C PRO F 53 23.11 -39.36 11.50
N GLU F 54 22.04 -40.15 11.60
CA GLU F 54 20.98 -39.87 12.56
C GLU F 54 21.51 -39.84 13.98
N LEU F 55 22.52 -40.66 14.26
CA LEU F 55 23.13 -40.64 15.59
C LEU F 55 23.68 -39.25 15.92
N VAL F 56 24.27 -38.59 14.93
CA VAL F 56 24.79 -37.24 15.17
C VAL F 56 23.66 -36.31 15.57
N LEU F 57 22.53 -36.39 14.86
CA LEU F 57 21.40 -35.54 15.18
C LEU F 57 20.88 -35.82 16.58
N GLU F 58 20.82 -37.08 16.97
CA GLU F 58 20.32 -37.40 18.31
C GLU F 58 21.28 -36.91 19.38
N ALA F 59 22.59 -37.04 19.15
CA ALA F 59 23.56 -36.49 20.08
C ALA F 59 23.40 -34.98 20.20
N ALA F 60 23.11 -34.32 19.08
CA ALA F 60 22.87 -32.89 19.10
C ALA F 60 21.65 -32.55 19.95
N ARG F 61 20.59 -33.34 19.79
CA ARG F 61 19.37 -33.12 20.54
C ARG F 61 19.62 -33.31 22.04
N VAL F 62 20.41 -34.32 22.37
CA VAL F 62 20.73 -34.59 23.77
C VAL F 62 21.52 -33.41 24.34
N ALA F 63 22.45 -32.90 23.56
CA ALA F 63 23.27 -31.75 23.97
C ALA F 63 22.40 -30.53 24.16
N LEU F 64 21.43 -30.36 23.26
CA LEU F 64 20.52 -29.23 23.32
C LEU F 64 19.67 -29.28 24.58
N TRP F 65 19.23 -30.49 24.94
CA TRP F 65 18.42 -30.67 26.13
C TRP F 65 19.22 -30.29 27.37
N VAL F 66 20.49 -30.68 27.40
CA VAL F 66 21.35 -30.36 28.53
C VAL F 66 21.53 -28.84 28.64
N ALA F 67 21.69 -28.20 27.48
CA ALA F 67 21.86 -26.75 27.43
C ALA F 67 20.61 -26.05 27.96
N GLU F 68 19.45 -26.53 27.57
CA GLU F 68 18.25 -25.86 27.98
C GLU F 68 18.16 -25.91 29.48
N LEU F 69 18.52 -27.05 30.02
CA LEU F 69 18.46 -27.27 31.45
C LEU F 69 19.38 -26.35 32.19
N ALA F 70 20.54 -26.10 31.64
CA ALA F 70 21.44 -25.19 32.30
C ALA F 70 20.80 -23.82 32.39
N ALA F 71 20.18 -23.35 31.31
CA ALA F 71 19.56 -22.05 31.37
C ALA F 71 18.45 -22.01 32.37
N LYS F 72 17.64 -23.06 32.47
CA LYS F 72 16.61 -22.99 33.52
C LYS F 72 17.35 -22.96 34.84
N ASN F 73 18.32 -23.84 34.97
CA ASN F 73 19.12 -23.85 36.17
C ASN F 73 19.97 -22.60 36.34
N GLY F 74 20.57 -22.15 35.26
CA GLY F 74 21.44 -20.99 35.27
C GLY F 74 22.91 -21.25 35.54
N ASP F 75 23.29 -22.51 35.71
CA ASP F 75 24.68 -22.87 35.94
C ASP F 75 25.48 -22.63 34.67
N LYS F 76 26.19 -21.50 34.62
CA LYS F 76 26.86 -21.11 33.39
C LYS F 76 28.08 -21.98 33.11
N GLU F 77 28.76 -22.42 34.17
CA GLU F 77 30.02 -23.15 34.00
C GLU F 77 29.81 -24.42 33.19
N VAL F 78 28.64 -25.04 33.32
CA VAL F 78 28.34 -26.22 32.52
C VAL F 78 27.66 -25.81 31.21
N PHE F 79 26.94 -24.69 31.22
CA PHE F 79 26.22 -24.24 30.04
C PHE F 79 27.18 -23.92 28.90
N LYS F 80 28.31 -23.30 29.22
CA LYS F 80 29.28 -22.99 28.18
C LYS F 80 29.83 -24.25 27.55
N LYS F 81 30.18 -25.24 28.37
CA LYS F 81 30.67 -26.51 27.83
C LYS F 81 29.61 -27.16 26.96
N ALA F 82 28.35 -27.12 27.40
CA ALA F 82 27.28 -27.73 26.63
C ALA F 82 27.11 -27.04 25.29
N ALA F 83 27.15 -25.71 25.26
CA ALA F 83 27.01 -24.99 24.00
C ALA F 83 28.20 -25.24 23.09
N GLU F 84 29.41 -25.30 23.65
CA GLU F 84 30.57 -25.63 22.84
C GLU F 84 30.40 -26.99 22.19
N SER F 85 29.96 -27.98 22.97
CA SER F 85 29.69 -29.30 22.44
C SER F 85 28.63 -29.26 21.34
N ALA F 86 27.56 -28.51 21.57
CA ALA F 86 26.48 -28.47 20.59
C ALA F 86 26.93 -27.86 19.29
N LEU F 87 27.70 -26.77 19.36
CA LEU F 87 28.20 -26.16 18.14
C LEU F 87 29.18 -27.08 17.42
N GLU F 88 30.02 -27.81 18.18
CA GLU F 88 30.94 -28.74 17.53
C GLU F 88 30.18 -29.86 16.83
N VAL F 89 29.12 -30.36 17.47
CA VAL F 89 28.29 -31.38 16.84
C VAL F 89 27.62 -30.83 15.60
N ALA F 90 27.20 -29.56 15.64
CA ALA F 90 26.63 -28.94 14.46
C ALA F 90 27.65 -28.89 13.33
N LYS F 91 28.90 -28.53 13.65
CA LYS F 91 29.95 -28.51 12.64
C LYS F 91 30.16 -29.89 12.03
N ARG F 92 30.20 -30.91 12.89
CA ARG F 92 30.35 -32.28 12.40
C ARG F 92 29.19 -32.67 11.51
N LEU F 93 27.98 -32.23 11.87
CA LEU F 93 26.81 -32.51 11.06
C LEU F 93 26.93 -31.88 9.69
N VAL F 94 27.36 -30.62 9.65
CA VAL F 94 27.60 -29.96 8.36
C VAL F 94 28.62 -30.73 7.55
N GLU F 95 29.70 -31.16 8.20
CA GLU F 95 30.75 -31.88 7.48
C GLU F 95 30.22 -33.16 6.85
N VAL F 96 29.56 -34.00 7.65
CA VAL F 96 29.07 -35.27 7.12
C VAL F 96 27.98 -35.05 6.09
N ALA F 97 27.17 -34.00 6.24
CA ALA F 97 26.12 -33.74 5.26
C ALA F 97 26.70 -33.33 3.92
N SER F 98 27.64 -32.38 3.93
CA SER F 98 28.31 -32.00 2.69
C SER F 98 29.08 -33.18 2.10
N LYS F 99 29.55 -34.09 2.95
CA LYS F 99 30.23 -35.28 2.46
C LYS F 99 29.25 -36.18 1.71
N GLU F 100 28.08 -36.45 2.30
CA GLU F 100 27.13 -37.37 1.69
C GLU F 100 26.22 -36.68 0.69
N GLY F 101 25.82 -35.45 0.95
CA GLY F 101 24.84 -34.79 0.11
C GLY F 101 23.42 -35.04 0.57
N ASP F 102 23.14 -34.73 1.82
CA ASP F 102 21.82 -34.92 2.43
C ASP F 102 21.34 -33.61 2.99
N PRO F 103 20.30 -33.00 2.43
CA PRO F 103 19.89 -31.67 2.87
C PRO F 103 19.40 -31.59 4.31
N ASP F 104 18.53 -32.52 4.70
CA ASP F 104 17.89 -32.46 6.01
C ASP F 104 18.91 -32.27 7.14
N LEU F 105 20.06 -32.91 7.01
CA LEU F 105 21.09 -32.77 8.03
C LEU F 105 21.56 -31.32 8.15
N VAL F 106 21.69 -30.64 7.01
CA VAL F 106 22.14 -29.25 7.06
C VAL F 106 21.11 -28.38 7.75
N ALA F 107 19.83 -28.58 7.43
CA ALA F 107 18.79 -27.80 8.08
C ALA F 107 18.77 -28.05 9.58
N TRP F 108 18.96 -29.30 9.98
CA TRP F 108 19.03 -29.59 11.41
C TRP F 108 20.23 -28.92 12.06
N ALA F 109 21.34 -28.84 11.34
CA ALA F 109 22.50 -28.13 11.86
C ALA F 109 22.18 -26.66 12.07
N ALA F 110 21.52 -26.04 11.10
CA ALA F 110 21.15 -24.64 11.23
C ALA F 110 20.23 -24.43 12.43
N LEU F 111 19.26 -25.31 12.59
CA LEU F 111 18.35 -25.18 13.72
C LEU F 111 19.07 -25.36 15.05
N VAL F 112 20.04 -26.28 15.11
CA VAL F 112 20.80 -26.47 16.34
C VAL F 112 21.59 -25.23 16.66
N ALA F 113 22.26 -24.65 15.66
CA ALA F 113 23.01 -23.42 15.89
C ALA F 113 22.11 -22.31 16.39
N LEU F 114 20.98 -22.11 15.72
CA LEU F 114 20.05 -21.07 16.15
C LEU F 114 19.52 -21.34 17.54
N TRP F 115 19.33 -22.60 17.91
CA TRP F 115 18.79 -22.87 19.24
C TRP F 115 19.82 -22.60 20.31
N VAL F 116 21.09 -22.92 20.05
CA VAL F 116 22.15 -22.52 20.97
C VAL F 116 22.15 -21.01 21.11
N ALA F 117 22.00 -20.31 20.00
CA ALA F 117 21.93 -18.84 20.04
C ALA F 117 20.77 -18.37 20.91
N PHE F 118 19.61 -18.98 20.75
CA PHE F 118 18.45 -18.56 21.52
C PHE F 118 18.63 -18.84 23.00
N LEU F 119 19.24 -19.97 23.34
CA LEU F 119 19.52 -20.26 24.74
C LEU F 119 20.48 -19.22 25.32
N ALA F 120 21.49 -18.84 24.55
CA ALA F 120 22.39 -17.78 25.00
C ALA F 120 21.62 -16.49 25.23
N PHE F 121 20.76 -16.13 24.27
CA PHE F 121 19.97 -14.91 24.40
C PHE F 121 19.11 -14.95 25.65
N LEU F 122 18.60 -16.13 25.98
CA LEU F 122 17.82 -16.28 27.21
C LEU F 122 18.69 -16.05 28.44
N ASN F 123 19.79 -16.80 28.54
CA ASN F 123 20.65 -16.65 29.70
C ASN F 123 21.41 -15.34 29.71
N GLY F 124 21.68 -14.76 28.54
CA GLY F 124 22.44 -13.53 28.47
C GLY F 124 23.93 -13.75 28.61
N ASP F 125 24.52 -14.48 27.67
CA ASP F 125 25.95 -14.74 27.63
C ASP F 125 26.45 -14.31 26.26
N LYS F 126 26.92 -13.08 26.16
CA LYS F 126 27.26 -12.50 24.86
C LYS F 126 28.36 -13.29 24.15
N GLU F 127 29.28 -13.89 24.91
CA GLU F 127 30.37 -14.63 24.30
C GLU F 127 29.85 -15.81 23.48
N VAL F 128 29.15 -16.73 24.15
CA VAL F 128 28.62 -17.88 23.44
C VAL F 128 27.62 -17.44 22.40
N PHE F 129 26.96 -16.30 22.60
CA PHE F 129 26.07 -15.77 21.58
C PHE F 129 26.83 -15.49 20.30
N LYS F 130 28.00 -14.86 20.41
CA LYS F 130 28.81 -14.60 19.23
C LYS F 130 29.28 -15.89 18.59
N LYS F 131 29.71 -16.85 19.40
CA LYS F 131 30.11 -18.14 18.84
C LYS F 131 28.96 -18.77 18.06
N ALA F 132 27.76 -18.73 18.63
CA ALA F 132 26.60 -19.33 17.99
C ALA F 132 26.28 -18.62 16.69
N ALA F 133 26.29 -17.30 16.68
CA ALA F 133 25.97 -16.56 15.46
C ALA F 133 26.99 -16.86 14.37
N GLU F 134 28.27 -16.94 14.73
CA GLU F 134 29.27 -17.28 13.74
C GLU F 134 29.03 -18.67 13.17
N SER F 135 28.76 -19.64 14.05
CA SER F 135 28.48 -20.99 13.56
C SER F 135 27.26 -21.00 12.67
N ALA F 136 26.25 -20.19 12.99
CA ALA F 136 25.03 -20.17 12.19
C ALA F 136 25.29 -19.60 10.80
N LEU F 137 26.07 -18.53 10.73
CA LEU F 137 26.39 -17.97 9.41
C LEU F 137 27.23 -18.96 8.60
N GLU F 138 28.15 -19.67 9.27
CA GLU F 138 28.90 -20.70 8.56
C GLU F 138 27.97 -21.78 8.03
N VAL F 139 26.98 -22.15 8.83
CA VAL F 139 26.02 -23.15 8.38
C VAL F 139 25.21 -22.62 7.20
N ALA F 140 24.91 -21.33 7.20
CA ALA F 140 24.21 -20.75 6.04
C ALA F 140 25.07 -20.85 4.79
N LYS F 141 26.36 -20.56 4.92
CA LYS F 141 27.29 -20.76 3.81
C LYS F 141 27.18 -22.17 3.27
N ALA F 142 27.41 -23.16 4.13
CA ALA F 142 27.40 -24.54 3.68
C ALA F 142 26.02 -24.94 3.16
N LEU F 143 24.97 -24.30 3.65
CA LEU F 143 23.63 -24.61 3.20
C LEU F 143 23.42 -24.16 1.77
N MET F 144 23.83 -22.94 1.46
CA MET F 144 23.78 -22.48 0.07
C MET F 144 24.65 -23.38 -0.82
N GLU F 145 25.79 -23.78 -0.32
CA GLU F 145 26.65 -24.60 -1.13
C GLU F 145 25.98 -25.92 -1.43
N VAL F 146 25.38 -26.55 -0.44
CA VAL F 146 24.74 -27.82 -0.72
C VAL F 146 23.59 -27.59 -1.69
N ALA F 147 22.76 -26.60 -1.40
CA ALA F 147 21.66 -26.31 -2.31
C ALA F 147 22.14 -26.26 -3.75
N MET F 148 23.25 -25.56 -4.00
CA MET F 148 23.81 -25.56 -5.35
C MET F 148 24.20 -26.96 -5.78
N LYS F 149 24.60 -27.81 -4.84
CA LYS F 149 25.12 -29.12 -5.20
C LYS F 149 24.02 -30.12 -5.52
N VAL F 150 22.98 -30.17 -4.69
CA VAL F 150 22.03 -31.29 -4.75
C VAL F 150 20.62 -30.79 -5.03
N GLY F 151 20.51 -29.67 -5.74
CA GLY F 151 19.18 -29.15 -6.04
C GLY F 151 18.50 -28.65 -4.78
N ALA F 152 17.25 -29.07 -4.59
CA ALA F 152 16.47 -28.70 -3.41
C ALA F 152 16.44 -27.19 -3.21
N PRO F 153 15.67 -26.47 -4.02
CA PRO F 153 15.68 -24.99 -3.91
C PRO F 153 15.33 -24.47 -2.54
N TRP F 154 14.47 -25.16 -1.78
CA TRP F 154 14.05 -24.63 -0.49
C TRP F 154 15.22 -24.38 0.45
N LEU F 155 16.35 -25.05 0.23
CA LEU F 155 17.54 -24.74 1.03
C LEU F 155 17.94 -23.29 0.88
N VAL F 156 17.73 -22.71 -0.30
CA VAL F 156 18.08 -21.31 -0.51
C VAL F 156 17.26 -20.41 0.39
N GLU F 157 15.94 -20.61 0.38
CA GLU F 157 15.06 -19.81 1.22
C GLU F 157 15.40 -20.02 2.69
N LEU F 158 15.72 -21.26 3.07
CA LEU F 158 16.09 -21.51 4.46
C LEU F 158 17.35 -20.77 4.84
N ALA F 159 18.33 -20.71 3.93
CA ALA F 159 19.58 -20.02 4.24
C ALA F 159 19.35 -18.53 4.42
N ILE F 160 18.61 -17.91 3.49
CA ILE F 160 18.32 -16.49 3.62
C ILE F 160 17.57 -16.23 4.92
N ALA F 161 16.61 -17.10 5.26
CA ALA F 161 15.85 -16.90 6.48
C ALA F 161 16.73 -17.05 7.72
N VAL F 162 17.69 -17.96 7.69
CA VAL F 162 18.60 -18.11 8.81
C VAL F 162 19.45 -16.86 8.97
N ALA F 163 19.89 -16.28 7.86
CA ALA F 163 20.61 -15.02 7.95
C ALA F 163 19.75 -13.92 8.57
N ARG F 164 18.52 -13.81 8.11
CA ARG F 164 17.62 -12.80 8.68
C ARG F 164 17.39 -13.05 10.17
N ALA F 165 17.30 -14.32 10.56
CA ALA F 165 17.07 -14.63 11.96
C ALA F 165 18.27 -14.27 12.81
N VAL F 166 19.48 -14.56 12.33
CA VAL F 166 20.67 -14.15 13.06
C VAL F 166 20.69 -12.64 13.22
N TRP F 167 20.35 -11.93 12.15
CA TRP F 167 20.33 -10.47 12.24
C TRP F 167 19.34 -10.01 13.30
N LEU F 168 18.13 -10.54 13.28
CA LEU F 168 17.13 -10.06 14.22
C LEU F 168 17.50 -10.42 15.66
N LEU F 169 18.08 -11.60 15.87
CA LEU F 169 18.51 -11.98 17.21
C LEU F 169 19.59 -11.03 17.71
N ALA F 170 20.57 -10.73 16.86
CA ALA F 170 21.57 -9.74 17.25
C ALA F 170 20.93 -8.39 17.52
N GLU F 171 19.84 -8.08 16.81
CA GLU F 171 19.13 -6.82 17.03
C GLU F 171 18.57 -6.76 18.44
N LEU F 172 17.86 -7.81 18.86
CA LEU F 172 17.29 -7.81 20.19
C LEU F 172 18.36 -7.79 21.27
N PHE F 173 19.39 -8.62 21.11
CA PHE F 173 20.43 -8.69 22.14
C PHE F 173 21.27 -7.43 22.16
N GLY F 174 21.80 -7.03 21.00
CA GLY F 174 22.50 -5.77 20.92
C GLY F 174 23.92 -5.83 20.39
N ASP F 175 24.40 -7.03 20.06
CA ASP F 175 25.78 -7.21 19.62
C ASP F 175 25.90 -6.67 18.19
N GLU F 176 26.13 -5.36 18.09
CA GLU F 176 26.11 -4.70 16.80
C GLU F 176 27.13 -5.29 15.84
N GLU F 177 28.26 -5.78 16.35
CA GLU F 177 29.23 -6.44 15.49
C GLU F 177 28.60 -7.63 14.78
N VAL F 178 28.00 -8.54 15.56
CA VAL F 178 27.32 -9.68 14.99
C VAL F 178 26.21 -9.22 14.05
N ARG F 179 25.51 -8.16 14.43
CA ARG F 179 24.45 -7.65 13.56
C ARG F 179 25.00 -7.19 12.22
N ARG F 180 26.14 -6.50 12.23
CA ARG F 180 26.72 -6.05 10.97
C ARG F 180 27.17 -7.24 10.13
N ARG F 181 27.83 -8.21 10.75
CA ARG F 181 28.18 -9.43 10.02
C ARG F 181 26.95 -10.04 9.38
N ALA F 182 25.86 -10.14 10.12
CA ALA F 182 24.67 -10.79 9.62
C ALA F 182 24.05 -10.02 8.47
N GLU F 183 24.01 -8.69 8.59
CA GLU F 183 23.41 -7.90 7.52
C GLU F 183 24.21 -8.03 6.23
N ALA F 184 25.52 -7.87 6.33
CA ALA F 184 26.36 -8.05 5.15
C ALA F 184 26.19 -9.44 4.56
N PHE F 185 26.08 -10.44 5.43
CA PHE F 185 25.94 -11.80 4.95
C PHE F 185 24.60 -12.00 4.26
N GLU F 186 23.55 -11.36 4.75
CA GLU F 186 22.25 -11.46 4.08
C GLU F 186 22.31 -10.84 2.70
N ILE F 187 23.00 -9.72 2.56
CA ILE F 187 23.12 -9.11 1.24
C ILE F 187 23.82 -10.04 0.27
N ILE F 188 25.02 -10.49 0.65
CA ILE F 188 25.78 -11.33 -0.27
C ILE F 188 25.05 -12.65 -0.51
N LEU F 189 24.25 -13.10 0.46
CA LEU F 189 23.51 -14.33 0.26
C LEU F 189 22.32 -14.12 -0.65
N ARG F 190 21.71 -12.95 -0.65
CA ARG F 190 20.67 -12.68 -1.65
C ARG F 190 21.26 -12.77 -3.04
N ILE F 191 22.47 -12.24 -3.22
CA ILE F 191 23.10 -12.35 -4.54
C ILE F 191 23.34 -13.81 -4.90
N ALA F 192 24.04 -14.53 -4.03
CA ALA F 192 24.28 -15.95 -4.29
C ALA F 192 22.99 -16.72 -4.51
N ALA F 193 21.92 -16.29 -3.86
CA ALA F 193 20.64 -16.97 -4.00
C ALA F 193 20.07 -16.78 -5.39
N ILE F 194 20.13 -15.55 -5.91
CA ILE F 194 19.66 -15.34 -7.27
C ILE F 194 20.49 -16.17 -8.24
N ALA F 195 21.80 -16.28 -7.97
CA ALA F 195 22.66 -17.07 -8.85
C ALA F 195 22.26 -18.54 -8.83
N VAL F 196 22.09 -19.10 -7.64
CA VAL F 196 21.81 -20.53 -7.54
C VAL F 196 20.41 -20.85 -8.06
N LYS F 197 19.44 -19.98 -7.79
CA LYS F 197 18.11 -20.19 -8.31
C LYS F 197 18.13 -20.22 -9.83
N ALA F 198 18.85 -19.29 -10.45
CA ALA F 198 18.95 -19.31 -11.90
C ALA F 198 19.65 -20.56 -12.40
N TRP F 199 20.72 -20.97 -11.72
CA TRP F 199 21.43 -22.18 -12.11
C TRP F 199 20.52 -23.39 -12.13
N LEU F 200 19.85 -23.66 -11.01
CA LEU F 200 19.07 -24.88 -10.89
C LEU F 200 17.75 -24.78 -11.65
N GLY F 201 16.89 -23.85 -11.26
CA GLY F 201 15.56 -23.75 -11.82
C GLY F 201 15.51 -23.40 -13.30
N PRO G 3 47.78 -30.29 -12.79
CA PRO G 3 46.82 -29.56 -11.96
C PRO G 3 46.29 -30.38 -10.79
N GLU G 4 46.17 -31.69 -10.97
CA GLU G 4 45.62 -32.54 -9.93
C GLU G 4 46.56 -32.60 -8.72
N GLU G 5 47.81 -32.98 -8.94
CA GLU G 5 48.79 -32.98 -7.86
C GLU G 5 48.94 -31.58 -7.28
N ILE G 6 48.92 -30.56 -8.14
CA ILE G 6 48.98 -29.18 -7.67
C ILE G 6 47.80 -28.88 -6.76
N LEU G 7 46.61 -29.29 -7.18
CA LEU G 7 45.41 -29.05 -6.37
C LEU G 7 45.51 -29.73 -5.02
N GLU G 8 45.98 -30.99 -5.01
CA GLU G 8 46.08 -31.72 -3.75
C GLU G 8 47.12 -31.09 -2.82
N ARG G 9 48.25 -30.67 -3.38
CA ARG G 9 49.26 -30.02 -2.55
C ARG G 9 48.75 -28.71 -1.98
N ALA G 10 48.02 -27.93 -2.79
CA ALA G 10 47.44 -26.70 -2.30
C ALA G 10 46.42 -26.96 -1.19
N LYS G 11 45.60 -28.00 -1.36
CA LYS G 11 44.64 -28.35 -0.32
C LYS G 11 45.33 -28.75 0.97
N GLU G 12 46.38 -29.55 0.88
CA GLU G 12 47.10 -29.96 2.08
C GLU G 12 47.76 -28.76 2.76
N SER G 13 48.28 -27.83 1.96
CA SER G 13 48.85 -26.62 2.56
C SER G 13 47.77 -25.79 3.25
N LEU G 14 46.58 -25.76 2.68
CA LEU G 14 45.47 -25.08 3.34
C LEU G 14 45.14 -25.75 4.67
N GLU G 15 45.17 -27.09 4.70
CA GLU G 15 44.96 -27.79 5.97
C GLU G 15 46.03 -27.42 6.98
N ARG G 16 47.29 -27.39 6.55
CA ARG G 16 48.36 -26.94 7.42
C ARG G 16 48.06 -25.56 7.98
N ALA G 17 47.62 -24.64 7.12
CA ALA G 17 47.35 -23.28 7.57
C ALA G 17 46.20 -23.24 8.57
N ARG G 18 45.15 -24.02 8.34
CA ARG G 18 44.04 -24.05 9.28
C ARG G 18 44.47 -24.58 10.64
N GLU G 19 45.25 -25.66 10.63
CA GLU G 19 45.76 -26.21 11.89
C GLU G 19 46.66 -25.21 12.60
N ALA G 20 47.50 -24.51 11.83
CA ALA G 20 48.39 -23.52 12.43
C ALA G 20 47.60 -22.34 13.00
N SER G 21 46.47 -22.00 12.38
CA SER G 21 45.63 -20.94 12.90
C SER G 21 44.94 -21.35 14.18
N GLU G 22 44.45 -22.60 14.23
CA GLU G 22 43.83 -23.08 15.47
C GLU G 22 44.86 -23.19 16.59
N ARG G 23 46.04 -23.72 16.29
CA ARG G 23 47.08 -23.84 17.31
C ARG G 23 47.68 -22.48 17.64
N GLY G 24 47.71 -21.57 16.67
CA GLY G 24 48.22 -20.23 16.90
C GLY G 24 49.63 -20.01 16.40
N ASP G 25 49.92 -20.48 15.19
CA ASP G 25 51.24 -20.31 14.60
C ASP G 25 51.27 -19.07 13.70
N GLU G 26 52.46 -18.57 13.45
CA GLU G 26 52.69 -17.50 12.49
C GLU G 26 53.61 -17.90 11.36
N GLU G 27 54.77 -18.47 11.67
CA GLU G 27 55.72 -18.86 10.64
C GLU G 27 55.12 -19.89 9.70
N GLU G 28 54.66 -21.01 10.25
CA GLU G 28 53.98 -22.01 9.43
C GLU G 28 52.71 -21.43 8.82
N PHE G 29 52.02 -20.57 9.55
CA PHE G 29 50.82 -19.93 9.04
C PHE G 29 51.11 -19.22 7.72
N ARG G 30 51.98 -18.20 7.77
CA ARG G 30 52.28 -17.42 6.56
C ARG G 30 52.95 -18.29 5.50
N LYS G 31 53.78 -19.25 5.92
CA LYS G 31 54.49 -20.08 4.95
C LYS G 31 53.51 -20.92 4.15
N ALA G 32 52.64 -21.68 4.83
CA ALA G 32 51.65 -22.47 4.13
C ALA G 32 50.69 -21.58 3.34
N ALA G 33 50.37 -20.39 3.86
CA ALA G 33 49.48 -19.51 3.14
C ALA G 33 50.09 -19.08 1.81
N GLU G 34 51.31 -18.55 1.84
CA GLU G 34 51.92 -18.06 0.61
C GLU G 34 52.23 -19.22 -0.33
N LYS G 35 52.52 -20.39 0.22
CA LYS G 35 52.68 -21.57 -0.63
C LYS G 35 51.38 -21.90 -1.33
N ALA G 36 50.26 -21.79 -0.62
CA ALA G 36 48.96 -22.06 -1.22
C ALA G 36 48.66 -21.05 -2.33
N LEU G 37 49.00 -19.78 -2.09
CA LEU G 37 48.74 -18.77 -3.12
C LEU G 37 49.63 -18.98 -4.34
N GLU G 38 50.90 -19.31 -4.11
CA GLU G 38 51.80 -19.61 -5.21
C GLU G 38 51.29 -20.81 -6.01
N LEU G 39 50.83 -21.84 -5.31
CA LEU G 39 50.32 -23.03 -5.99
C LEU G 39 49.04 -22.72 -6.75
N ALA G 40 48.19 -21.85 -6.19
CA ALA G 40 46.96 -21.47 -6.88
C ALA G 40 47.27 -20.67 -8.13
N LYS G 41 48.26 -19.78 -8.07
CA LYS G 41 48.65 -19.04 -9.26
C LYS G 41 49.24 -19.97 -10.32
N ARG G 42 50.07 -20.92 -9.88
CA ARG G 42 50.58 -21.93 -10.79
C ARG G 42 49.44 -22.71 -11.43
N LEU G 43 48.39 -23.00 -10.66
CA LEU G 43 47.26 -23.74 -11.19
C LEU G 43 46.48 -22.88 -12.19
N VAL G 44 46.37 -21.58 -11.93
CA VAL G 44 45.77 -20.67 -12.89
C VAL G 44 46.55 -20.68 -14.19
N GLU G 45 47.88 -20.65 -14.09
CA GLU G 45 48.73 -20.76 -15.27
C GLU G 45 48.42 -22.04 -16.03
N GLN G 46 48.38 -23.16 -15.31
CA GLN G 46 48.11 -24.46 -15.94
C GLN G 46 46.74 -24.46 -16.62
N ALA G 47 45.77 -23.77 -16.03
CA ALA G 47 44.43 -23.75 -16.60
C ALA G 47 44.42 -23.12 -17.99
N LYS G 48 45.10 -21.99 -18.15
CA LYS G 48 45.14 -21.33 -19.45
C LYS G 48 46.03 -22.09 -20.42
N LYS G 49 47.15 -22.62 -19.95
CA LYS G 49 48.02 -23.38 -20.84
C LYS G 49 47.36 -24.66 -21.33
N GLU G 50 46.38 -25.16 -20.59
CA GLU G 50 45.66 -26.37 -20.98
C GLU G 50 44.17 -26.15 -21.12
N GLY G 51 43.74 -24.90 -21.27
CA GLY G 51 42.35 -24.59 -21.62
C GLY G 51 41.31 -25.21 -20.71
N ASP G 52 41.44 -25.04 -19.39
CA ASP G 52 40.48 -25.59 -18.45
C ASP G 52 39.91 -24.45 -17.61
N PRO G 53 38.63 -24.10 -17.77
CA PRO G 53 38.08 -23.02 -16.95
C PRO G 53 37.85 -23.42 -15.50
N GLU G 54 37.39 -24.64 -15.25
CA GLU G 54 37.04 -25.06 -13.90
C GLU G 54 38.23 -24.94 -12.96
N LEU G 55 39.44 -25.16 -13.47
CA LEU G 55 40.63 -25.00 -12.65
C LEU G 55 40.73 -23.58 -12.11
N VAL G 56 40.38 -22.59 -12.92
CA VAL G 56 40.41 -21.20 -12.45
C VAL G 56 39.46 -21.03 -11.28
N LEU G 57 38.25 -21.58 -11.39
CA LEU G 57 37.28 -21.46 -10.32
C LEU G 57 37.79 -22.13 -9.05
N GLU G 58 38.42 -23.29 -9.17
CA GLU G 58 38.92 -23.97 -7.99
C GLU G 58 40.06 -23.21 -7.34
N ALA G 59 40.95 -22.64 -8.16
CA ALA G 59 42.00 -21.78 -7.61
C ALA G 59 41.40 -20.59 -6.88
N ALA G 60 40.32 -20.04 -7.43
CA ALA G 60 39.64 -18.94 -6.76
C ALA G 60 39.10 -19.36 -5.41
N ARG G 61 38.50 -20.55 -5.37
CA ARG G 61 37.93 -21.08 -4.13
C ARG G 61 39.03 -21.30 -3.10
N VAL G 62 40.18 -21.81 -3.55
CA VAL G 62 41.31 -22.03 -2.65
C VAL G 62 41.79 -20.70 -2.09
N ALA G 63 41.86 -19.70 -2.95
CA ALA G 63 42.29 -18.37 -2.54
C ALA G 63 41.30 -17.78 -1.53
N LEU G 64 40.02 -18.01 -1.79
CA LEU G 64 38.97 -17.51 -0.90
C LEU G 64 39.08 -18.14 0.47
N TRP G 65 39.38 -19.44 0.50
CA TRP G 65 39.52 -20.16 1.76
C TRP G 65 40.68 -19.57 2.57
N VAL G 66 41.77 -19.27 1.89
CA VAL G 66 42.95 -18.69 2.55
C VAL G 66 42.59 -17.32 3.13
N ALA G 67 41.83 -16.54 2.36
CA ALA G 67 41.40 -15.22 2.79
C ALA G 67 40.52 -15.32 4.03
N GLU G 68 39.60 -16.27 4.04
CA GLU G 68 38.71 -16.35 5.15
C GLU G 68 39.51 -16.62 6.40
N LEU G 69 40.49 -17.49 6.25
CA LEU G 69 41.33 -17.86 7.36
C LEU G 69 42.10 -16.71 7.91
N ALA G 70 42.57 -15.84 7.05
CA ALA G 70 43.28 -14.70 7.53
C ALA G 70 42.36 -13.86 8.40
N ALA G 71 41.13 -13.64 7.97
CA ALA G 71 40.23 -12.85 8.77
C ALA G 71 39.97 -13.50 10.10
N LYS G 72 39.80 -14.82 10.14
CA LYS G 72 39.59 -15.40 11.47
C LYS G 72 40.87 -15.17 12.24
N ASN G 73 41.99 -15.44 11.59
CA ASN G 73 43.27 -15.20 12.22
C ASN G 73 43.55 -13.72 12.45
N GLY G 74 43.21 -12.90 11.47
CA GLY G 74 43.46 -11.46 11.53
C GLY G 74 44.79 -10.98 11.01
N ASP G 75 45.62 -11.89 10.50
CA ASP G 75 46.92 -11.52 9.96
C ASP G 75 46.70 -10.76 8.66
N LYS G 76 46.81 -9.42 8.73
CA LYS G 76 46.46 -8.61 7.58
C LYS G 76 47.53 -8.70 6.49
N GLU G 77 48.79 -8.85 6.88
CA GLU G 77 49.88 -8.82 5.92
C GLU G 77 49.73 -9.92 4.87
N VAL G 78 49.16 -11.05 5.25
CA VAL G 78 48.90 -12.11 4.29
C VAL G 78 47.52 -11.95 3.68
N PHE G 79 46.58 -11.36 4.43
CA PHE G 79 45.22 -11.19 3.94
C PHE G 79 45.17 -10.30 2.71
N LYS G 80 45.97 -9.23 2.72
CA LYS G 80 45.99 -8.35 1.57
C LYS G 80 46.50 -9.07 0.32
N LYS G 81 47.57 -9.85 0.46
CA LYS G 81 48.08 -10.60 -0.66
C LYS G 81 47.04 -11.60 -1.16
N ALA G 82 46.34 -12.25 -0.23
CA ALA G 82 45.33 -13.22 -0.62
C ALA G 82 44.19 -12.55 -1.38
N ALA G 83 43.73 -11.40 -0.91
CA ALA G 83 42.67 -10.70 -1.60
C ALA G 83 43.11 -10.19 -2.97
N GLU G 84 44.35 -9.71 -3.07
CA GLU G 84 44.87 -9.30 -4.37
C GLU G 84 44.86 -10.48 -5.33
N SER G 85 45.34 -11.63 -4.87
CA SER G 85 45.31 -12.84 -5.69
C SER G 85 43.90 -13.20 -6.10
N ALA G 86 42.95 -13.13 -5.16
CA ALA G 86 41.59 -13.52 -5.46
C ALA G 86 40.97 -12.61 -6.50
N LEU G 87 41.18 -11.30 -6.37
CA LEU G 87 40.65 -10.38 -7.36
C LEU G 87 41.30 -10.59 -8.72
N GLU G 88 42.61 -10.87 -8.75
CA GLU G 88 43.27 -11.13 -10.03
C GLU G 88 42.71 -12.38 -10.68
N VAL G 89 42.46 -13.42 -9.88
CA VAL G 89 41.86 -14.64 -10.41
C VAL G 89 40.46 -14.35 -10.93
N ALA G 90 39.72 -13.48 -10.23
CA ALA G 90 38.40 -13.09 -10.72
C ALA G 90 38.50 -12.39 -12.07
N LYS G 91 39.48 -11.50 -12.21
CA LYS G 91 39.67 -10.83 -13.50
C LYS G 91 39.99 -11.83 -14.60
N ARG G 92 40.87 -12.79 -14.30
CA ARG G 92 41.19 -13.81 -15.28
C ARG G 92 39.97 -14.63 -15.65
N LEU G 93 39.12 -14.91 -14.66
CA LEU G 93 37.89 -15.64 -14.91
C LEU G 93 36.98 -14.87 -15.85
N VAL G 94 36.81 -13.58 -15.59
CA VAL G 94 36.04 -12.74 -16.49
C VAL G 94 36.60 -12.78 -17.90
N GLU G 95 37.94 -12.69 -18.01
CA GLU G 95 38.57 -12.68 -19.32
C GLU G 95 38.28 -13.96 -20.08
N VAL G 96 38.54 -15.11 -19.46
CA VAL G 96 38.33 -16.37 -20.15
C VAL G 96 36.86 -16.61 -20.44
N ALA G 97 35.97 -16.14 -19.57
CA ALA G 97 34.54 -16.33 -19.80
C ALA G 97 34.07 -15.52 -20.99
N SER G 98 34.43 -14.24 -21.03
CA SER G 98 34.09 -13.42 -22.20
C SER G 98 34.75 -13.98 -23.47
N LYS G 99 35.91 -14.62 -23.32
CA LYS G 99 36.55 -15.24 -24.46
C LYS G 99 35.73 -16.41 -24.99
N GLU G 100 35.29 -17.29 -24.11
CA GLU G 100 34.57 -18.49 -24.53
C GLU G 100 33.08 -18.23 -24.69
N GLY G 101 32.49 -17.42 -23.83
CA GLY G 101 31.05 -17.25 -23.84
C GLY G 101 30.34 -18.23 -22.93
N ASP G 102 30.74 -18.27 -21.66
CA ASP G 102 30.16 -19.17 -20.68
C ASP G 102 29.66 -18.35 -19.50
N PRO G 103 28.35 -18.29 -19.27
CA PRO G 103 27.81 -17.41 -18.24
C PRO G 103 28.24 -17.77 -16.81
N ASP G 104 28.14 -19.06 -16.46
CA ASP G 104 28.39 -19.48 -15.08
C ASP G 104 29.70 -18.95 -14.55
N LEU G 105 30.72 -18.90 -15.39
CA LEU G 105 32.02 -18.39 -14.96
C LEU G 105 31.91 -16.93 -14.54
N VAL G 106 31.13 -16.13 -15.26
CA VAL G 106 30.99 -14.73 -14.90
C VAL G 106 30.31 -14.59 -13.55
N ALA G 107 29.24 -15.36 -13.33
CA ALA G 107 28.55 -15.31 -12.04
C ALA G 107 29.49 -15.71 -10.91
N TRP G 108 30.30 -16.74 -11.13
CA TRP G 108 31.26 -17.13 -10.11
C TRP G 108 32.27 -16.02 -9.86
N ALA G 109 32.67 -15.31 -10.90
CA ALA G 109 33.57 -14.17 -10.71
C ALA G 109 32.92 -13.11 -9.84
N ALA G 110 31.66 -12.79 -10.12
CA ALA G 110 30.96 -11.79 -9.31
C ALA G 110 30.88 -12.23 -7.86
N LEU G 111 30.57 -13.50 -7.64
CA LEU G 111 30.49 -13.98 -6.26
C LEU G 111 31.84 -13.93 -5.57
N VAL G 112 32.92 -14.24 -6.29
CA VAL G 112 34.24 -14.16 -5.70
C VAL G 112 34.57 -12.73 -5.30
N ALA G 113 34.29 -11.79 -6.20
CA ALA G 113 34.54 -10.39 -5.88
C ALA G 113 33.75 -9.96 -4.65
N LEU G 114 32.46 -10.27 -4.63
CA LEU G 114 31.64 -9.89 -3.48
C LEU G 114 32.13 -10.57 -2.21
N TRP G 115 32.66 -11.79 -2.31
CA TRP G 115 33.10 -12.46 -1.09
C TRP G 115 34.38 -11.83 -0.56
N VAL G 116 35.28 -11.43 -1.46
CA VAL G 116 36.44 -10.67 -1.02
C VAL G 116 35.99 -9.40 -0.34
N ALA G 117 34.98 -8.73 -0.91
CA ALA G 117 34.44 -7.53 -0.30
C ALA G 117 33.91 -7.82 1.11
N PHE G 118 33.17 -8.91 1.25
CA PHE G 118 32.59 -9.23 2.55
C PHE G 118 33.66 -9.55 3.57
N LEU G 119 34.71 -10.26 3.15
CA LEU G 119 35.82 -10.53 4.06
C LEU G 119 36.49 -9.23 4.50
N ALA G 120 36.67 -8.29 3.57
CA ALA G 120 37.20 -7.00 3.94
C ALA G 120 36.30 -6.31 4.96
N PHE G 121 34.99 -6.31 4.69
CA PHE G 121 34.04 -5.69 5.60
C PHE G 121 34.12 -6.32 6.99
N LEU G 122 34.35 -7.62 7.04
CA LEU G 122 34.52 -8.29 8.32
C LEU G 122 35.78 -7.80 9.02
N ASN G 123 36.92 -7.90 8.35
CA ASN G 123 38.18 -7.48 8.97
C ASN G 123 38.27 -5.97 9.13
N GLY G 124 37.60 -5.21 8.28
CA GLY G 124 37.68 -3.76 8.36
C GLY G 124 38.95 -3.21 7.74
N ASP G 125 39.11 -3.42 6.43
CA ASP G 125 40.25 -2.92 5.68
C ASP G 125 39.69 -2.13 4.49
N LYS G 126 39.54 -0.82 4.68
CA LYS G 126 38.85 -0.01 3.68
C LYS G 126 39.55 -0.04 2.33
N GLU G 127 40.88 -0.17 2.31
CA GLU G 127 41.61 -0.18 1.05
C GLU G 127 41.19 -1.35 0.18
N VAL G 128 41.37 -2.57 0.68
CA VAL G 128 40.99 -3.74 -0.10
C VAL G 128 39.50 -3.75 -0.35
N PHE G 129 38.71 -3.12 0.54
CA PHE G 129 37.29 -3.00 0.29
C PHE G 129 37.02 -2.21 -0.98
N LYS G 130 37.73 -1.10 -1.16
CA LYS G 130 37.57 -0.32 -2.38
C LYS G 130 38.03 -1.11 -3.59
N LYS G 131 39.15 -1.82 -3.48
CA LYS G 131 39.58 -2.65 -4.61
C LYS G 131 38.53 -3.67 -4.97
N ALA G 132 37.94 -4.31 -3.96
CA ALA G 132 36.92 -5.33 -4.20
C ALA G 132 35.69 -4.74 -4.86
N ALA G 133 35.23 -3.59 -4.37
CA ALA G 133 34.04 -2.98 -4.95
C ALA G 133 34.28 -2.59 -6.40
N GLU G 134 35.46 -2.05 -6.69
CA GLU G 134 35.78 -1.71 -8.07
C GLU G 134 35.77 -2.95 -8.95
N SER G 135 36.42 -4.03 -8.49
CA SER G 135 36.42 -5.26 -9.26
C SER G 135 35.00 -5.79 -9.47
N ALA G 136 34.15 -5.64 -8.45
CA ALA G 136 32.78 -6.13 -8.56
C ALA G 136 31.99 -5.35 -9.59
N LEU G 137 32.14 -4.03 -9.59
CA LEU G 137 31.44 -3.24 -10.60
C LEU G 137 31.96 -3.55 -12.00
N GLU G 138 33.26 -3.77 -12.13
CA GLU G 138 33.80 -4.19 -13.43
C GLU G 138 33.19 -5.52 -13.85
N VAL G 139 33.04 -6.44 -12.90
CA VAL G 139 32.43 -7.72 -13.23
C VAL G 139 30.97 -7.53 -13.64
N ALA G 140 30.28 -6.58 -13.02
CA ALA G 140 28.92 -6.29 -13.44
C ALA G 140 28.87 -5.79 -14.87
N LYS G 141 29.80 -4.91 -15.23
CA LYS G 141 29.94 -4.47 -16.61
C LYS G 141 30.06 -5.67 -17.54
N ALA G 142 31.07 -6.50 -17.31
CA ALA G 142 31.30 -7.64 -18.19
C ALA G 142 30.13 -8.61 -18.16
N LEU G 143 29.39 -8.65 -17.05
CA LEU G 143 28.25 -9.55 -16.95
C LEU G 143 27.13 -9.08 -17.86
N MET G 144 26.82 -7.79 -17.83
CA MET G 144 25.83 -7.26 -18.77
C MET G 144 26.29 -7.48 -20.20
N GLU G 145 27.57 -7.29 -20.46
CA GLU G 145 28.04 -7.48 -21.81
C GLU G 145 27.85 -8.91 -22.25
N VAL G 146 28.19 -9.86 -21.41
CA VAL G 146 28.00 -11.23 -21.85
C VAL G 146 26.53 -11.51 -22.04
N ALA G 147 25.72 -11.12 -21.08
CA ALA G 147 24.28 -11.31 -21.22
C ALA G 147 23.81 -10.85 -22.59
N MET G 148 24.24 -9.66 -23.01
CA MET G 148 23.90 -9.21 -24.36
C MET G 148 24.44 -10.16 -25.41
N LYS G 149 25.57 -10.80 -25.14
CA LYS G 149 26.23 -11.61 -26.16
C LYS G 149 25.59 -12.98 -26.31
N VAL G 150 25.29 -13.66 -25.20
CA VAL G 150 24.96 -15.08 -25.25
C VAL G 150 23.57 -15.33 -24.66
N GLY G 151 22.69 -14.34 -24.78
CA GLY G 151 21.36 -14.53 -24.25
C GLY G 151 21.38 -14.60 -22.73
N ALA G 152 20.71 -15.62 -22.18
CA ALA G 152 20.67 -15.84 -20.74
C ALA G 152 20.21 -14.59 -19.99
N PRO G 153 18.92 -14.26 -20.05
CA PRO G 153 18.46 -13.02 -19.42
C PRO G 153 18.78 -12.91 -17.93
N TRP G 154 18.83 -14.03 -17.20
CA TRP G 154 19.05 -13.95 -15.76
C TRP G 154 20.37 -13.25 -15.42
N LEU G 155 21.32 -13.23 -16.34
CA LEU G 155 22.55 -12.46 -16.09
C LEU G 155 22.24 -11.00 -15.84
N VAL G 156 21.21 -10.47 -16.51
CA VAL G 156 20.85 -9.07 -16.31
C VAL G 156 20.43 -8.83 -14.86
N GLU G 157 19.50 -9.66 -14.38
CA GLU G 157 19.06 -9.52 -12.99
C GLU G 157 20.21 -9.71 -12.03
N LEU G 158 21.10 -10.65 -12.32
CA LEU G 158 22.24 -10.85 -11.44
C LEU G 158 23.13 -9.62 -11.41
N ALA G 159 23.33 -8.97 -12.55
CA ALA G 159 24.18 -7.79 -12.60
C ALA G 159 23.58 -6.65 -11.78
N ILE G 160 22.29 -6.39 -11.99
CA ILE G 160 21.63 -5.34 -11.21
C ILE G 160 21.71 -5.65 -9.73
N ALA G 161 21.52 -6.91 -9.36
CA ALA G 161 21.56 -7.28 -7.95
C ALA G 161 22.97 -7.13 -7.39
N VAL G 162 24.00 -7.41 -8.19
CA VAL G 162 25.36 -7.21 -7.72
C VAL G 162 25.63 -5.74 -7.49
N ALA G 163 25.12 -4.88 -8.37
CA ALA G 163 25.26 -3.44 -8.14
C ALA G 163 24.58 -3.03 -6.86
N ARG G 164 23.36 -3.49 -6.63
CA ARG G 164 22.65 -3.15 -5.40
C ARG G 164 23.41 -3.67 -4.19
N ALA G 165 24.03 -4.84 -4.31
CA ALA G 165 24.76 -5.40 -3.17
C ALA G 165 26.00 -4.58 -2.86
N VAL G 166 26.73 -4.16 -3.89
CA VAL G 166 27.87 -3.30 -3.68
C VAL G 166 27.44 -2.02 -2.99
N TRP G 167 26.33 -1.44 -3.44
CA TRP G 167 25.85 -0.23 -2.81
C TRP G 167 25.54 -0.46 -1.33
N LEU G 168 24.81 -1.53 -1.02
CA LEU G 168 24.45 -1.75 0.38
C LEU G 168 25.66 -2.03 1.25
N LEU G 169 26.63 -2.78 0.71
CA LEU G 169 27.84 -3.04 1.48
C LEU G 169 28.59 -1.75 1.76
N ALA G 170 28.72 -0.89 0.76
CA ALA G 170 29.33 0.42 1.01
C ALA G 170 28.53 1.20 2.02
N GLU G 171 27.21 1.01 2.03
CA GLU G 171 26.36 1.69 2.99
C GLU G 171 26.71 1.30 4.42
N LEU G 172 26.80 -0.01 4.67
CA LEU G 172 27.13 -0.47 6.03
C LEU G 172 28.53 -0.04 6.43
N PHE G 173 29.49 -0.20 5.54
CA PHE G 173 30.87 0.13 5.89
C PHE G 173 31.06 1.63 6.02
N GLY G 174 30.67 2.38 4.99
CA GLY G 174 30.67 3.83 5.09
C GLY G 174 31.45 4.56 4.01
N ASP G 175 32.06 3.81 3.09
CA ASP G 175 32.89 4.41 2.05
C ASP G 175 31.98 5.10 1.03
N GLU G 176 31.62 6.34 1.35
CA GLU G 176 30.64 7.06 0.55
C GLU G 176 31.07 7.20 -0.91
N GLU G 177 32.38 7.29 -1.17
CA GLU G 177 32.84 7.31 -2.55
C GLU G 177 32.40 6.06 -3.30
N VAL G 178 32.73 4.89 -2.74
CA VAL G 178 32.31 3.64 -3.34
C VAL G 178 30.79 3.59 -3.44
N ARG G 179 30.09 4.09 -2.42
CA ARG G 179 28.64 4.10 -2.47
C ARG G 179 28.12 4.94 -3.63
N ARG G 180 28.73 6.10 -3.87
CA ARG G 180 28.29 6.93 -4.98
C ARG G 180 28.56 6.24 -6.31
N ARG G 181 29.77 5.67 -6.47
CA ARG G 181 30.05 4.90 -7.67
C ARG G 181 28.99 3.83 -7.90
N ALA G 182 28.64 3.10 -6.83
CA ALA G 182 27.69 2.00 -6.97
C ALA G 182 26.30 2.49 -7.34
N GLU G 183 25.86 3.59 -6.73
CA GLU G 183 24.53 4.10 -7.04
C GLU G 183 24.45 4.55 -8.50
N ALA G 184 25.43 5.34 -8.94
CA ALA G 184 25.44 5.76 -10.33
C ALA G 184 25.49 4.55 -11.26
N PHE G 185 26.26 3.54 -10.87
CA PHE G 185 26.36 2.36 -11.71
C PHE G 185 25.05 1.59 -11.77
N GLU G 186 24.32 1.56 -10.66
CA GLU G 186 23.02 0.89 -10.68
C GLU G 186 22.06 1.61 -11.61
N ILE G 187 22.09 2.95 -11.59
CA ILE G 187 21.21 3.69 -12.50
C ILE G 187 21.52 3.36 -13.95
N ILE G 188 22.78 3.54 -14.33
CA ILE G 188 23.12 3.32 -15.73
C ILE G 188 22.92 1.85 -16.10
N LEU G 189 23.04 0.94 -15.13
CA LEU G 189 22.81 -0.46 -15.42
C LEU G 189 21.35 -0.78 -15.57
N ARG G 190 20.46 -0.07 -14.86
CA ARG G 190 19.04 -0.25 -15.12
C ARG G 190 18.71 0.14 -16.55
N ILE G 191 19.32 1.23 -17.02
CA ILE G 191 19.09 1.62 -18.42
C ILE G 191 19.59 0.53 -19.37
N ALA G 192 20.85 0.16 -19.23
CA ALA G 192 21.40 -0.88 -20.09
C ALA G 192 20.59 -2.17 -19.99
N ALA G 193 20.00 -2.43 -18.83
CA ALA G 193 19.23 -3.64 -18.64
C ALA G 193 17.94 -3.59 -19.45
N ILE G 194 17.26 -2.45 -19.44
CA ILE G 194 16.06 -2.35 -20.25
C ILE G 194 16.43 -2.52 -21.72
N ALA G 195 17.59 -1.98 -22.12
CA ALA G 195 18.02 -2.12 -23.51
C ALA G 195 18.25 -3.57 -23.88
N VAL G 196 19.01 -4.29 -23.05
CA VAL G 196 19.37 -5.67 -23.38
C VAL G 196 18.15 -6.57 -23.31
N LYS G 197 17.28 -6.36 -22.33
CA LYS G 197 16.05 -7.15 -22.25
C LYS G 197 15.22 -6.98 -23.52
N ALA G 198 15.08 -5.74 -23.99
CA ALA G 198 14.33 -5.53 -25.21
C ALA G 198 15.02 -6.19 -26.41
N TRP G 199 16.34 -6.08 -26.48
CA TRP G 199 17.10 -6.70 -27.55
C TRP G 199 16.84 -8.19 -27.62
N LEU G 200 17.06 -8.90 -26.52
CA LEU G 200 17.00 -10.35 -26.55
C LEU G 200 15.55 -10.85 -26.55
N GLY G 201 14.80 -10.53 -25.50
CA GLY G 201 13.45 -11.05 -25.34
C GLY G 201 12.46 -10.59 -26.39
N PRO H 3 39.04 -0.13 -42.77
CA PRO H 3 38.52 -0.09 -41.40
C PRO H 3 39.08 -1.20 -40.52
N GLU H 4 39.35 -2.36 -41.11
CA GLU H 4 39.84 -3.50 -40.34
C GLU H 4 41.22 -3.24 -39.78
N GLU H 5 42.17 -2.90 -40.66
CA GLU H 5 43.51 -2.55 -40.20
C GLU H 5 43.46 -1.35 -39.26
N ILE H 6 42.60 -0.38 -39.57
CA ILE H 6 42.41 0.78 -38.69
C ILE H 6 41.94 0.32 -37.32
N LEU H 7 40.96 -0.58 -37.29
CA LEU H 7 40.44 -1.07 -36.02
C LEU H 7 41.52 -1.79 -35.23
N GLU H 8 42.32 -2.62 -35.88
CA GLU H 8 43.35 -3.36 -35.17
C GLU H 8 44.43 -2.42 -34.64
N ARG H 9 44.82 -1.42 -35.43
CA ARG H 9 45.80 -0.46 -34.95
C ARG H 9 45.28 0.33 -33.77
N ALA H 10 44.00 0.73 -33.81
CA ALA H 10 43.41 1.44 -32.69
C ALA H 10 43.37 0.55 -31.45
N LYS H 11 43.03 -0.72 -31.62
CA LYS H 11 43.01 -1.64 -30.49
C LYS H 11 44.41 -1.79 -29.88
N GLU H 12 45.42 -1.94 -30.72
CA GLU H 12 46.78 -2.08 -30.20
C GLU H 12 47.23 -0.82 -29.48
N SER H 13 46.84 0.34 -30.00
CA SER H 13 47.17 1.59 -29.31
C SER H 13 46.47 1.67 -27.97
N LEU H 14 45.24 1.17 -27.90
CA LEU H 14 44.54 1.11 -26.62
C LEU H 14 45.27 0.19 -25.64
N GLU H 15 45.80 -0.92 -26.14
CA GLU H 15 46.59 -1.80 -25.27
C GLU H 15 47.84 -1.09 -24.77
N ARG H 16 48.52 -0.36 -25.67
CA ARG H 16 49.65 0.45 -25.25
C ARG H 16 49.26 1.41 -24.14
N ALA H 17 48.11 2.08 -24.29
CA ALA H 17 47.68 3.06 -23.31
C ALA H 17 47.38 2.39 -21.97
N ARG H 18 46.74 1.22 -21.99
CA ARG H 18 46.44 0.52 -20.76
C ARG H 18 47.73 0.11 -20.04
N GLU H 19 48.68 -0.43 -20.79
CA GLU H 19 49.96 -0.81 -20.19
C GLU H 19 50.69 0.40 -19.63
N ALA H 20 50.64 1.53 -20.35
CA ALA H 20 51.28 2.75 -19.87
C ALA H 20 50.59 3.29 -18.63
N SER H 21 49.28 3.09 -18.52
CA SER H 21 48.56 3.52 -17.32
C SER H 21 48.92 2.65 -16.13
N GLU H 22 49.03 1.34 -16.34
CA GLU H 22 49.42 0.45 -15.24
C GLU H 22 50.86 0.72 -14.82
N ARG H 23 51.77 0.91 -15.79
CA ARG H 23 53.16 1.20 -15.44
C ARG H 23 53.32 2.62 -14.93
N GLY H 24 52.47 3.53 -15.37
CA GLY H 24 52.51 4.90 -14.90
C GLY H 24 53.20 5.87 -15.85
N ASP H 25 52.91 5.76 -17.14
CA ASP H 25 53.49 6.65 -18.14
C ASP H 25 52.57 7.83 -18.42
N GLU H 26 53.15 8.89 -18.95
CA GLU H 26 52.40 10.05 -19.43
C GLU H 26 52.59 10.30 -20.91
N GLU H 27 53.84 10.35 -21.37
CA GLU H 27 54.10 10.65 -22.78
C GLU H 27 53.50 9.57 -23.67
N GLU H 28 53.85 8.31 -23.46
CA GLU H 28 53.25 7.22 -24.19
C GLU H 28 51.75 7.16 -23.93
N PHE H 29 51.34 7.46 -22.69
CA PHE H 29 49.92 7.48 -22.36
C PHE H 29 49.15 8.40 -23.29
N ARG H 30 49.46 9.69 -23.25
CA ARG H 30 48.74 10.66 -24.06
C ARG H 30 48.95 10.40 -25.55
N LYS H 31 50.14 9.93 -25.93
CA LYS H 31 50.40 9.71 -27.35
C LYS H 31 49.53 8.60 -27.90
N ALA H 32 49.53 7.43 -27.25
CA ALA H 32 48.67 6.34 -27.68
C ALA H 32 47.21 6.72 -27.58
N ALA H 33 46.84 7.51 -26.56
CA ALA H 33 45.45 7.92 -26.43
C ALA H 33 45.01 8.75 -27.62
N GLU H 34 45.75 9.82 -27.93
CA GLU H 34 45.34 10.70 -29.01
C GLU H 34 45.46 9.99 -30.36
N LYS H 35 46.40 9.05 -30.48
CA LYS H 35 46.45 8.24 -31.68
C LYS H 35 45.20 7.39 -31.81
N ALA H 36 44.72 6.83 -30.70
CA ALA H 36 43.51 6.03 -30.72
C ALA H 36 42.31 6.88 -31.11
N LEU H 37 42.25 8.11 -30.60
CA LEU H 37 41.12 8.98 -30.94
C LEU H 37 41.18 9.40 -32.40
N GLU H 38 42.37 9.73 -32.89
CA GLU H 38 42.52 10.06 -34.30
C GLU H 38 42.12 8.89 -35.18
N LEU H 39 42.53 7.68 -34.80
CA LEU H 39 42.18 6.50 -35.59
C LEU H 39 40.70 6.21 -35.52
N ALA H 40 40.07 6.47 -34.37
CA ALA H 40 38.64 6.26 -34.25
C ALA H 40 37.87 7.26 -35.11
N LYS H 41 38.34 8.51 -35.15
CA LYS H 41 37.68 9.49 -36.02
C LYS H 41 37.87 9.13 -37.48
N ARG H 42 39.07 8.67 -37.85
CA ARG H 42 39.30 8.17 -39.20
C ARG H 42 38.36 7.02 -39.52
N LEU H 43 38.11 6.15 -38.54
CA LEU H 43 37.22 5.02 -38.76
C LEU H 43 35.78 5.48 -38.92
N VAL H 44 35.40 6.51 -38.16
CA VAL H 44 34.07 7.11 -38.34
C VAL H 44 33.94 7.67 -39.75
N GLU H 45 34.97 8.34 -40.23
CA GLU H 45 34.98 8.82 -41.61
C GLU H 45 34.78 7.67 -42.58
N GLN H 46 35.55 6.59 -42.40
CA GLN H 46 35.45 5.44 -43.28
C GLN H 46 34.05 4.84 -43.25
N ALA H 47 33.40 4.86 -42.08
CA ALA H 47 32.08 4.28 -41.95
C ALA H 47 31.07 4.99 -42.85
N LYS H 48 31.09 6.33 -42.84
CA LYS H 48 30.14 7.07 -43.67
C LYS H 48 30.53 6.99 -45.15
N LYS H 49 31.83 7.03 -45.44
CA LYS H 49 32.24 6.95 -46.84
C LYS H 49 31.92 5.58 -47.43
N GLU H 50 31.78 4.56 -46.58
CA GLU H 50 31.46 3.23 -47.06
C GLU H 50 30.18 2.67 -46.43
N GLY H 51 29.34 3.55 -45.90
CA GLY H 51 28.00 3.16 -45.46
C GLY H 51 27.95 1.99 -44.50
N ASP H 52 28.73 2.04 -43.42
CA ASP H 52 28.73 0.96 -42.43
C ASP H 52 28.39 1.54 -41.06
N PRO H 53 27.21 1.23 -40.51
CA PRO H 53 26.87 1.77 -39.19
C PRO H 53 27.66 1.13 -38.05
N GLU H 54 27.89 -0.19 -38.12
CA GLU H 54 28.54 -0.89 -37.02
C GLU H 54 29.92 -0.31 -36.72
N LEU H 55 30.60 0.17 -37.76
CA LEU H 55 31.89 0.81 -37.54
C LEU H 55 31.77 1.99 -36.61
N VAL H 56 30.70 2.78 -36.74
CA VAL H 56 30.50 3.91 -35.85
C VAL H 56 30.39 3.43 -34.41
N LEU H 57 29.61 2.37 -34.18
CA LEU H 57 29.46 1.85 -32.83
C LEU H 57 30.79 1.37 -32.27
N GLU H 58 31.60 0.71 -33.09
CA GLU H 58 32.88 0.22 -32.59
C GLU H 58 33.83 1.37 -32.29
N ALA H 59 33.82 2.41 -33.13
CA ALA H 59 34.61 3.59 -32.81
C ALA H 59 34.16 4.22 -31.50
N ALA H 60 32.85 4.23 -31.26
CA ALA H 60 32.33 4.74 -30.01
C ALA H 60 32.84 3.93 -28.83
N ARG H 61 32.83 2.61 -28.98
CA ARG H 61 33.29 1.71 -27.93
C ARG H 61 34.77 1.95 -27.65
N VAL H 62 35.55 2.14 -28.71
CA VAL H 62 36.98 2.40 -28.55
C VAL H 62 37.20 3.70 -27.80
N ALA H 63 36.40 4.72 -28.15
CA ALA H 63 36.48 6.02 -27.50
C ALA H 63 36.11 5.89 -26.03
N LEU H 64 35.08 5.10 -25.76
CA LEU H 64 34.61 4.87 -24.39
C LEU H 64 35.69 4.21 -23.55
N TRP H 65 36.40 3.26 -24.15
CA TRP H 65 37.46 2.55 -23.46
C TRP H 65 38.58 3.52 -23.07
N VAL H 66 38.91 4.41 -23.99
CA VAL H 66 39.95 5.41 -23.76
C VAL H 66 39.52 6.33 -22.61
N ALA H 67 38.25 6.71 -22.60
CA ALA H 67 37.70 7.58 -21.57
C ALA H 67 37.77 6.89 -20.21
N GLU H 68 37.43 5.63 -20.17
CA GLU H 68 37.42 4.97 -18.89
C GLU H 68 38.82 4.97 -18.33
N LEU H 69 39.77 4.74 -19.20
CA LEU H 69 41.16 4.69 -18.80
C LEU H 69 41.63 6.00 -18.26
N ALA H 70 41.19 7.10 -18.84
CA ALA H 70 41.58 8.36 -18.32
C ALA H 70 41.09 8.51 -16.90
N ALA H 71 39.85 8.13 -16.62
CA ALA H 71 39.36 8.26 -15.27
C ALA H 71 40.14 7.40 -14.32
N LYS H 72 40.50 6.18 -14.71
CA LYS H 72 41.29 5.41 -13.76
C LYS H 72 42.61 6.14 -13.60
N ASN H 73 43.17 6.56 -14.73
CA ASN H 73 44.39 7.33 -14.67
C ASN H 73 44.21 8.71 -14.05
N GLY H 74 43.12 9.37 -14.41
CA GLY H 74 42.83 10.70 -13.90
C GLY H 74 43.36 11.86 -14.74
N ASP H 75 44.01 11.56 -15.85
CA ASP H 75 44.55 12.59 -16.73
C ASP H 75 43.39 13.31 -17.40
N LYS H 76 43.04 14.48 -16.88
CA LYS H 76 41.84 15.16 -17.37
C LYS H 76 42.05 15.76 -18.75
N GLU H 77 43.28 16.21 -19.04
CA GLU H 77 43.54 16.91 -20.30
C GLU H 77 43.22 16.03 -21.50
N VAL H 78 43.41 14.72 -21.36
CA VAL H 78 43.05 13.80 -22.44
C VAL H 78 41.62 13.32 -22.28
N PHE H 79 41.13 13.27 -21.03
CA PHE H 79 39.78 12.79 -20.77
C PHE H 79 38.74 13.69 -21.42
N LYS H 80 38.96 15.00 -21.36
CA LYS H 80 38.01 15.92 -21.98
C LYS H 80 37.95 15.72 -23.49
N LYS H 81 39.10 15.57 -24.13
CA LYS H 81 39.12 15.32 -25.56
C LYS H 81 38.42 14.01 -25.89
N ALA H 82 38.64 12.98 -25.06
CA ALA H 82 38.01 11.70 -25.31
C ALA H 82 36.50 11.79 -25.19
N ALA H 83 36.01 12.50 -24.17
CA ALA H 83 34.57 12.65 -24.00
C ALA H 83 33.96 13.47 -25.12
N GLU H 84 34.67 14.52 -25.56
CA GLU H 84 34.18 15.29 -26.69
C GLU H 84 34.04 14.42 -27.92
N SER H 85 35.07 13.61 -28.19
CA SER H 85 35.01 12.66 -29.30
C SER H 85 33.85 11.70 -29.16
N ALA H 86 33.65 11.16 -27.95
CA ALA H 86 32.60 10.17 -27.75
C ALA H 86 31.23 10.79 -27.99
N LEU H 87 31.00 11.99 -27.48
CA LEU H 87 29.72 12.64 -27.71
C LEU H 87 29.51 12.96 -29.18
N GLU H 88 30.58 13.39 -29.88
CA GLU H 88 30.44 13.66 -31.31
C GLU H 88 30.09 12.38 -32.07
N VAL H 89 30.72 11.27 -31.71
CA VAL H 89 30.40 9.99 -32.33
C VAL H 89 28.97 9.61 -32.04
N ALA H 90 28.50 9.89 -30.82
CA ALA H 90 27.10 9.62 -30.49
C ALA H 90 26.18 10.44 -31.37
N LYS H 91 26.50 11.71 -31.58
CA LYS H 91 25.69 12.56 -32.46
C LYS H 91 25.67 12.00 -33.87
N ARG H 92 26.83 11.58 -34.38
CA ARG H 92 26.88 11.00 -35.72
C ARG H 92 26.06 9.72 -35.79
N LEU H 93 26.07 8.94 -34.71
CA LEU H 93 25.27 7.73 -34.66
C LEU H 93 23.79 8.04 -34.73
N VAL H 94 23.35 9.04 -33.96
CA VAL H 94 21.96 9.49 -34.04
C VAL H 94 21.62 9.91 -35.46
N GLU H 95 22.51 10.68 -36.09
CA GLU H 95 22.25 11.17 -37.44
C GLU H 95 22.05 10.02 -38.41
N VAL H 96 23.01 9.09 -38.46
CA VAL H 96 22.92 7.99 -39.41
C VAL H 96 21.74 7.08 -39.09
N ALA H 97 21.39 6.92 -37.80
CA ALA H 97 20.26 6.08 -37.44
C ALA H 97 18.95 6.69 -37.91
N SER H 98 18.73 7.97 -37.62
CA SER H 98 17.54 8.65 -38.12
C SER H 98 17.52 8.66 -39.64
N LYS H 99 18.70 8.68 -40.27
CA LYS H 99 18.76 8.62 -41.72
C LYS H 99 18.26 7.28 -42.23
N GLU H 100 18.75 6.19 -41.65
CA GLU H 100 18.39 4.85 -42.14
C GLU H 100 17.10 4.34 -41.53
N GLY H 101 16.85 4.63 -40.25
CA GLY H 101 15.70 4.06 -39.57
C GLY H 101 16.04 2.74 -38.90
N ASP H 102 17.06 2.76 -38.04
CA ASP H 102 17.50 1.57 -37.33
C ASP H 102 17.49 1.87 -35.84
N PRO H 103 16.63 1.23 -35.06
CA PRO H 103 16.50 1.58 -33.64
C PRO H 103 17.74 1.31 -32.81
N ASP H 104 18.32 0.11 -32.97
CA ASP H 104 19.43 -0.31 -32.11
C ASP H 104 20.53 0.74 -32.04
N LEU H 105 20.80 1.41 -33.16
CA LEU H 105 21.82 2.43 -33.18
C LEU H 105 21.48 3.58 -32.23
N VAL H 106 20.20 3.96 -32.17
CA VAL H 106 19.80 5.05 -31.29
C VAL H 106 19.99 4.64 -29.84
N ALA H 107 19.61 3.43 -29.48
CA ALA H 107 19.79 2.96 -28.12
C ALA H 107 21.26 2.95 -27.75
N TRP H 108 22.12 2.50 -28.68
CA TRP H 108 23.54 2.51 -28.40
C TRP H 108 24.05 3.93 -28.22
N ALA H 109 23.49 4.88 -28.98
CA ALA H 109 23.88 6.28 -28.79
C ALA H 109 23.51 6.76 -27.40
N ALA H 110 22.30 6.43 -26.95
CA ALA H 110 21.88 6.83 -25.62
C ALA H 110 22.78 6.24 -24.56
N LEU H 111 23.14 4.96 -24.71
CA LEU H 111 24.01 4.33 -23.73
C LEU H 111 25.39 4.96 -23.74
N VAL H 112 25.90 5.33 -24.92
CA VAL H 112 27.21 5.98 -24.98
C VAL H 112 27.16 7.32 -24.27
N ALA H 113 26.12 8.10 -24.51
CA ALA H 113 25.99 9.39 -23.83
C ALA H 113 25.93 9.20 -22.33
N LEU H 114 25.09 8.28 -21.87
CA LEU H 114 25.00 8.05 -20.43
C LEU H 114 26.32 7.55 -19.86
N TRP H 115 27.09 6.78 -20.62
CA TRP H 115 28.34 6.27 -20.08
C TRP H 115 29.37 7.39 -19.97
N VAL H 116 29.40 8.29 -20.95
CA VAL H 116 30.25 9.47 -20.81
C VAL H 116 29.84 10.25 -19.56
N ALA H 117 28.54 10.39 -19.35
CA ALA H 117 28.05 11.07 -18.16
C ALA H 117 28.54 10.38 -16.89
N PHE H 118 28.46 9.05 -16.86
CA PHE H 118 28.86 8.32 -15.66
C PHE H 118 30.35 8.44 -15.42
N LEU H 119 31.15 8.43 -16.48
CA LEU H 119 32.58 8.63 -16.32
C LEU H 119 32.87 10.02 -15.77
N ALA H 120 32.16 11.03 -16.25
CA ALA H 120 32.30 12.36 -15.70
C ALA H 120 31.96 12.37 -14.21
N PHE H 121 30.83 11.75 -13.86
CA PHE H 121 30.41 11.69 -12.46
C PHE H 121 31.47 11.01 -11.60
N LEU H 122 32.14 10.01 -12.16
CA LEU H 122 33.21 9.35 -11.43
C LEU H 122 34.39 10.30 -11.23
N ASN H 123 34.89 10.89 -12.31
CA ASN H 123 36.03 11.80 -12.19
C ASN H 123 35.66 13.10 -11.53
N GLY H 124 34.41 13.54 -11.64
CA GLY H 124 34.00 14.81 -11.08
C GLY H 124 34.40 15.99 -11.92
N ASP H 125 33.87 16.06 -13.14
CA ASP H 125 34.12 17.16 -14.06
C ASP H 125 32.75 17.70 -14.49
N LYS H 126 32.28 18.72 -13.78
CA LYS H 126 30.92 19.21 -13.99
C LYS H 126 30.69 19.70 -15.41
N GLU H 127 31.71 20.26 -16.04
CA GLU H 127 31.56 20.77 -17.41
C GLU H 127 31.17 19.67 -18.37
N VAL H 128 32.02 18.65 -18.51
CA VAL H 128 31.71 17.57 -19.41
C VAL H 128 30.45 16.84 -18.97
N PHE H 129 30.15 16.88 -17.67
CA PHE H 129 28.90 16.29 -17.20
C PHE H 129 27.71 16.99 -17.83
N LYS H 130 27.74 18.33 -17.86
CA LYS H 130 26.66 19.08 -18.50
C LYS H 130 26.60 18.77 -19.99
N LYS H 131 27.75 18.72 -20.65
CA LYS H 131 27.74 18.38 -22.07
C LYS H 131 27.11 17.01 -22.29
N ALA H 132 27.46 16.04 -21.45
CA ALA H 132 26.93 14.70 -21.60
C ALA H 132 25.42 14.67 -21.37
N ALA H 133 24.95 15.36 -20.33
CA ALA H 133 23.52 15.35 -20.06
C ALA H 133 22.75 15.99 -21.20
N GLU H 134 23.27 17.09 -21.75
CA GLU H 134 22.62 17.71 -22.89
C GLU H 134 22.56 16.76 -24.08
N SER H 135 23.67 16.11 -24.38
CA SER H 135 23.67 15.15 -25.48
C SER H 135 22.69 14.02 -25.22
N ALA H 136 22.57 13.58 -23.97
CA ALA H 136 21.66 12.48 -23.65
C ALA H 136 20.21 12.90 -23.86
N LEU H 137 19.86 14.10 -23.43
CA LEU H 137 18.48 14.55 -23.64
C LEU H 137 18.19 14.72 -25.12
N GLU H 138 19.18 15.21 -25.88
CA GLU H 138 19.00 15.28 -27.33
C GLU H 138 18.77 13.90 -27.92
N VAL H 139 19.51 12.91 -27.43
CA VAL H 139 19.34 11.55 -27.91
C VAL H 139 17.95 11.04 -27.54
N ALA H 140 17.45 11.43 -26.38
CA ALA H 140 16.08 11.03 -26.01
C ALA H 140 15.07 11.63 -26.97
N LYS H 141 15.25 12.90 -27.34
CA LYS H 141 14.43 13.52 -28.36
C LYS H 141 14.41 12.67 -29.62
N ALA H 142 15.59 12.43 -30.19
CA ALA H 142 15.67 11.68 -31.44
C ALA H 142 15.15 10.27 -31.27
N LEU H 143 15.24 9.72 -30.06
CA LEU H 143 14.76 8.37 -29.82
C LEU H 143 13.25 8.32 -29.90
N MET H 144 12.58 9.27 -29.25
CA MET H 144 11.13 9.35 -29.39
C MET H 144 10.74 9.58 -30.85
N GLU H 145 11.49 10.40 -31.54
CA GLU H 145 11.14 10.66 -32.92
C GLU H 145 11.25 9.40 -33.74
N VAL H 146 12.32 8.63 -33.56
CA VAL H 146 12.43 7.43 -34.35
C VAL H 146 11.31 6.47 -33.97
N ALA H 147 11.12 6.28 -32.68
CA ALA H 147 10.02 5.42 -32.24
C ALA H 147 8.74 5.75 -32.98
N MET H 148 8.40 7.03 -33.07
CA MET H 148 7.23 7.42 -33.84
C MET H 148 7.38 7.01 -35.30
N LYS H 149 8.60 7.00 -35.82
CA LYS H 149 8.81 6.77 -37.24
C LYS H 149 8.72 5.29 -37.60
N VAL H 150 9.37 4.42 -36.82
CA VAL H 150 9.59 3.05 -37.26
C VAL H 150 8.98 2.06 -36.26
N GLY H 151 7.91 2.48 -35.60
CA GLY H 151 7.27 1.58 -34.65
C GLY H 151 8.16 1.33 -33.45
N ALA H 152 8.34 0.06 -33.09
CA ALA H 152 9.19 -0.34 -31.97
C ALA H 152 8.83 0.41 -30.71
N PRO H 153 7.72 0.06 -30.06
CA PRO H 153 7.29 0.80 -28.87
C PRO H 153 8.32 0.87 -27.76
N TRP H 154 9.17 -0.16 -27.61
CA TRP H 154 10.12 -0.15 -26.50
C TRP H 154 11.05 1.05 -26.53
N LEU H 155 11.23 1.67 -27.68
CA LEU H 155 12.02 2.90 -27.73
C LEU H 155 11.40 3.97 -26.84
N VAL H 156 10.08 4.00 -26.73
CA VAL H 156 9.43 4.98 -25.88
C VAL H 156 9.84 4.80 -24.44
N GLU H 157 9.72 3.56 -23.94
CA GLU H 157 10.10 3.27 -22.57
C GLU H 157 11.58 3.57 -22.35
N LEU H 158 12.42 3.24 -23.34
CA LEU H 158 13.84 3.53 -23.20
C LEU H 158 14.09 5.03 -23.09
N ALA H 159 13.35 5.83 -23.86
CA ALA H 159 13.55 7.28 -23.82
C ALA H 159 13.15 7.84 -22.47
N ILE H 160 11.98 7.45 -21.97
CA ILE H 160 11.56 7.92 -20.65
C ILE H 160 12.57 7.50 -19.60
N ALA H 161 13.07 6.26 -19.69
CA ALA H 161 14.03 5.80 -18.70
C ALA H 161 15.33 6.57 -18.79
N VAL H 162 15.75 6.94 -19.99
CA VAL H 162 16.97 7.74 -20.13
C VAL H 162 16.78 9.10 -19.50
N ALA H 163 15.60 9.70 -19.68
CA ALA H 163 15.32 10.96 -19.02
C ALA H 163 15.40 10.82 -17.51
N ARG H 164 14.76 9.78 -16.97
CA ARG H 164 14.82 9.55 -15.53
C ARG H 164 16.25 9.34 -15.06
N ALA H 165 17.06 8.66 -15.86
CA ALA H 165 18.44 8.41 -15.47
C ALA H 165 19.24 9.68 -15.45
N VAL H 166 19.06 10.54 -16.45
CA VAL H 166 19.74 11.82 -16.46
C VAL H 166 19.35 12.61 -15.22
N TRP H 167 18.06 12.61 -14.88
CA TRP H 167 17.62 13.33 -13.69
C TRP H 167 18.32 12.78 -12.45
N LEU H 168 18.33 11.47 -12.28
CA LEU H 168 18.90 10.92 -11.06
C LEU H 168 20.40 11.16 -10.99
N LEU H 169 21.09 11.09 -12.13
CA LEU H 169 22.53 11.38 -12.13
C LEU H 169 22.79 12.82 -11.74
N ALA H 170 22.02 13.75 -12.30
CA ALA H 170 22.15 15.13 -11.87
C ALA H 170 21.83 15.28 -10.38
N GLU H 171 20.93 14.45 -9.88
CA GLU H 171 20.59 14.49 -8.45
C GLU H 171 21.80 14.14 -7.60
N LEU H 172 22.47 13.03 -7.92
CA LEU H 172 23.63 12.64 -7.13
C LEU H 172 24.76 13.65 -7.25
N PHE H 173 25.04 14.11 -8.46
CA PHE H 173 26.15 15.04 -8.65
C PHE H 173 25.83 16.40 -8.06
N GLY H 174 24.69 16.98 -8.44
CA GLY H 174 24.24 18.21 -7.82
C GLY H 174 23.96 19.36 -8.77
N ASP H 175 24.15 19.13 -10.07
CA ASP H 175 23.98 20.20 -11.06
C ASP H 175 22.49 20.46 -11.23
N GLU H 176 21.96 21.32 -10.34
CA GLU H 176 20.52 21.54 -10.30
C GLU H 176 19.98 22.05 -11.62
N GLU H 177 20.77 22.82 -12.37
CA GLU H 177 20.33 23.26 -13.69
C GLU H 177 20.02 22.05 -14.58
N VAL H 178 21.00 21.15 -14.71
CA VAL H 178 20.78 19.94 -15.48
C VAL H 178 19.62 19.14 -14.93
N ARG H 179 19.49 19.11 -13.61
CA ARG H 179 18.37 18.39 -13.01
C ARG H 179 17.03 18.99 -13.42
N ARG H 180 16.95 20.32 -13.43
CA ARG H 180 15.70 20.95 -13.85
C ARG H 180 15.40 20.68 -15.31
N ARG H 181 16.41 20.80 -16.16
CA ARG H 181 16.23 20.44 -17.57
C ARG H 181 15.67 19.03 -17.69
N ALA H 182 16.27 18.10 -16.94
CA ALA H 182 15.88 16.70 -17.06
C ALA H 182 14.47 16.47 -16.57
N GLU H 183 14.07 17.11 -15.47
CA GLU H 183 12.73 16.91 -14.95
C GLU H 183 11.69 17.45 -15.93
N ALA H 184 11.90 18.67 -16.42
CA ALA H 184 10.97 19.21 -17.41
C ALA H 184 10.91 18.32 -18.64
N PHE H 185 12.07 17.79 -19.05
CA PHE H 185 12.09 16.94 -20.23
C PHE H 185 11.35 15.63 -19.98
N GLU H 186 11.43 15.09 -18.77
CA GLU H 186 10.69 13.87 -18.47
C GLU H 186 9.19 14.13 -18.53
N ILE H 187 8.75 15.28 -18.03
CA ILE H 187 7.32 15.59 -18.10
C ILE H 187 6.86 15.66 -19.56
N ILE H 188 7.52 16.49 -20.35
CA ILE H 188 7.07 16.65 -21.73
C ILE H 188 7.23 15.35 -22.50
N LEU H 189 8.18 14.50 -22.10
CA LEU H 189 8.34 13.22 -22.78
C LEU H 189 7.28 12.23 -22.37
N ARG H 190 6.77 12.30 -21.14
CA ARG H 190 5.63 11.48 -20.80
C ARG H 190 4.43 11.83 -21.67
N ILE H 191 4.24 13.12 -21.91
CA ILE H 191 3.14 13.52 -22.81
C ILE H 191 3.36 12.96 -24.20
N ALA H 192 4.52 13.25 -24.80
CA ALA H 192 4.82 12.74 -26.12
C ALA H 192 4.71 11.23 -26.18
N ALA H 193 5.02 10.57 -25.07
CA ALA H 193 4.98 9.11 -25.03
C ALA H 193 3.55 8.62 -25.12
N ILE H 194 2.64 9.24 -24.38
CA ILE H 194 1.25 8.84 -24.49
C ILE H 194 0.76 9.07 -25.91
N ALA H 195 1.21 10.16 -26.53
CA ALA H 195 0.80 10.44 -27.91
C ALA H 195 1.28 9.35 -28.87
N VAL H 196 2.57 9.02 -28.78
CA VAL H 196 3.14 8.06 -29.73
C VAL H 196 2.59 6.66 -29.49
N LYS H 197 2.40 6.29 -28.22
CA LYS H 197 1.81 4.98 -27.93
C LYS H 197 0.42 4.88 -28.53
N ALA H 198 -0.39 5.93 -28.38
CA ALA H 198 -1.72 5.88 -28.98
C ALA H 198 -1.63 5.82 -30.50
N TRP H 199 -0.72 6.59 -31.10
CA TRP H 199 -0.55 6.58 -32.54
C TRP H 199 -0.25 5.17 -33.05
N LEU H 200 0.78 4.54 -32.51
CA LEU H 200 1.23 3.26 -33.05
C LEU H 200 0.33 2.12 -32.61
N GLY H 201 0.24 1.88 -31.30
CA GLY H 201 -0.48 0.74 -30.79
C GLY H 201 -1.97 0.77 -31.03
#